data_4WBO
#
_entry.id   4WBO
#
_cell.length_a   118.112
_cell.length_b   119.166
_cell.length_c   174.261
_cell.angle_alpha   90.00
_cell.angle_beta   90.00
_cell.angle_gamma   90.00
#
_symmetry.space_group_name_H-M   'P 21 21 21'
#
loop_
_entity.id
_entity.type
_entity.pdbx_description
1 polymer 'Rhodopsin kinase'
2 non-polymer '2-amino-7-(1-methylethyl)-5-oxo-5H-chromeno[2,3-b]pyridine-3-carboxylic acid'
3 non-polymer 'CHLORIDE ION'
4 water water
#
_entity_poly.entity_id   1
_entity_poly.type   'polypeptide(L)'
_entity_poly.pdbx_seq_one_letter_code
;MDFGSLETVVANSAFIAARGSFDASSGPASRDRKYLARLKLPPLSKCEALRESLDLGFEGMCLEQPIGKRLFQQFLRTHE
QHGPALQLWKDIEDYDTADDALRPQKAQALRAAYLEPQAQLFCSFLDAETVARARAGAGDGLFQPLLRAVLAHLGQAPFQ
EFLDSLYFLRFLQWKWLEAQPMGEDWFLDFRVLGRGGFGEVFACQMKATGKLYACKKLNKKRLKKRKGYQGAMVEKKILA
KVHSRFIVSLAYAFETKTDLCLVMTIMNGGDIRYHIYNVDEDNPGFQEPRAIFYTAQIVSGLEHLHQRNIIYRDLKPENV
LLDDDGNVRISDLGLAVELKAGQTKTKGYAGTPGFMAPELLLGEEYDFSVDYFALGVTLYEMIAARGPFRARGEKVENKE
LKQRVLEQAVTYPDKFSPASKDFCEALLQKDPEKRLGFRDGSCDGLRTHPLFRDISWRQLEAGMLTPPFVPDSRTVYAKN
IQDVGAFSTVKGVAFEKADTEFFQEFASGTCPIPWQEEMIETGVFGDLNVWRPDGHHHHHH
;
_entity_poly.pdbx_strand_id   A,B,C,D
#
loop_
_chem_comp.id
_chem_comp.type
_chem_comp.name
_chem_comp.formula
ANW non-polymer '2-amino-7-(1-methylethyl)-5-oxo-5H-chromeno[2,3-b]pyridine-3-carboxylic acid' 'C16 H14 N2 O4'
CL non-polymer 'CHLORIDE ION' 'Cl -1'
#
# COMPACT_ATOMS: atom_id res chain seq x y z
N PRO A 28 1.53 5.08 22.27
CA PRO A 28 0.37 5.96 22.22
C PRO A 28 0.53 7.15 23.18
N ALA A 29 1.46 8.05 22.84
CA ALA A 29 1.79 9.18 23.72
C ALA A 29 1.00 10.44 23.34
N SER A 30 -0.33 10.28 23.23
CA SER A 30 -1.18 11.32 22.63
C SER A 30 -2.64 10.87 22.57
N ARG A 31 -3.55 11.62 23.20
CA ARG A 31 -4.99 11.45 22.93
C ARG A 31 -5.31 12.01 21.53
N ASP A 32 -6.48 11.66 21.00
CA ASP A 32 -6.92 12.09 19.67
C ASP A 32 -8.02 13.13 19.85
N ARG A 33 -7.80 14.34 19.34
CA ARG A 33 -8.74 15.45 19.52
C ARG A 33 -9.98 15.29 18.65
N LYS A 34 -9.85 14.52 17.58
CA LYS A 34 -10.98 14.20 16.71
C LYS A 34 -12.08 13.46 17.47
N TYR A 35 -11.68 12.49 18.28
CA TYR A 35 -12.61 11.68 19.06
C TYR A 35 -13.03 12.36 20.38
N LEU A 36 -12.17 13.23 20.91
CA LEU A 36 -12.53 14.05 22.07
C LEU A 36 -13.63 15.04 21.72
N ALA A 37 -13.61 15.53 20.48
CA ALA A 37 -14.64 16.44 19.98
C ALA A 37 -16.01 15.79 19.96
N ARG A 38 -16.05 14.47 19.78
CA ARG A 38 -17.31 13.73 19.78
C ARG A 38 -17.92 13.65 21.17
N LEU A 39 -17.08 13.79 22.20
CA LEU A 39 -17.57 13.89 23.58
C LEU A 39 -18.01 15.33 23.86
N LYS A 40 -19.23 15.63 23.46
CA LYS A 40 -19.86 16.93 23.71
C LYS A 40 -21.29 16.72 24.18
N LEU A 41 -21.70 17.51 25.16
CA LEU A 41 -23.02 17.32 25.76
C LEU A 41 -24.11 17.71 24.78
N PRO A 42 -25.19 16.90 24.72
CA PRO A 42 -26.26 17.14 23.76
C PRO A 42 -27.19 18.26 24.22
N PRO A 43 -28.00 18.79 23.30
CA PRO A 43 -29.11 19.64 23.70
C PRO A 43 -30.11 18.87 24.56
N LEU A 44 -30.88 19.58 25.38
CA LEU A 44 -31.76 18.95 26.37
C LEU A 44 -32.89 18.13 25.73
N SER A 45 -33.36 18.55 24.56
CA SER A 45 -34.43 17.88 23.86
C SER A 45 -34.08 16.43 23.50
N LYS A 46 -32.79 16.16 23.25
CA LYS A 46 -32.33 14.80 22.95
C LYS A 46 -32.33 13.87 24.17
N CYS A 47 -32.57 14.42 25.35
CA CYS A 47 -32.58 13.64 26.59
C CYS A 47 -33.99 13.33 27.11
N GLU A 48 -35.02 13.72 26.36
CA GLU A 48 -36.40 13.49 26.80
C GLU A 48 -36.75 12.00 26.77
N ALA A 49 -36.36 11.33 25.69
CA ALA A 49 -36.60 9.89 25.53
C ALA A 49 -35.91 9.09 26.63
N LEU A 50 -34.66 9.45 26.90
CA LEU A 50 -33.86 8.78 27.91
C LEU A 50 -34.44 8.95 29.32
N ARG A 51 -35.08 10.08 29.57
CA ARG A 51 -35.65 10.40 30.89
C ARG A 51 -36.68 9.38 31.37
N GLU A 52 -37.42 8.78 30.43
CA GLU A 52 -38.46 7.81 30.74
C GLU A 52 -37.89 6.39 30.86
N SER A 53 -37.01 6.04 29.92
CA SER A 53 -36.44 4.69 29.85
C SER A 53 -35.14 4.59 30.65
N LEU A 54 -35.22 4.87 31.94
CA LEU A 54 -34.03 4.92 32.78
C LEU A 54 -34.38 4.74 34.26
N ASP A 55 -33.54 3.99 34.97
CA ASP A 55 -33.77 3.73 36.39
C ASP A 55 -33.39 4.96 37.21
N LEU A 56 -34.40 5.62 37.78
CA LEU A 56 -34.20 6.83 38.57
C LEU A 56 -34.23 6.54 40.08
N GLY A 57 -33.74 5.38 40.48
CA GLY A 57 -33.62 5.05 41.91
C GLY A 57 -32.49 5.83 42.55
N PHE A 58 -32.72 6.29 43.77
CA PHE A 58 -31.72 7.10 44.49
C PHE A 58 -30.41 6.34 44.68
N GLU A 59 -30.51 5.11 45.16
CA GLU A 59 -29.33 4.29 45.39
C GLU A 59 -28.59 4.05 44.08
N GLY A 60 -29.35 3.72 43.03
CA GLY A 60 -28.76 3.44 41.72
C GLY A 60 -28.17 4.64 41.03
N MET A 61 -28.76 5.82 41.22
CA MET A 61 -28.35 7.03 40.50
C MET A 61 -27.31 7.84 41.28
N CYS A 62 -27.62 8.17 42.53
CA CYS A 62 -26.80 9.11 43.30
C CYS A 62 -25.72 8.47 44.19
N LEU A 63 -25.74 7.15 44.32
CA LEU A 63 -24.71 6.46 45.13
C LEU A 63 -23.82 5.57 44.29
N GLU A 64 -24.41 4.74 43.44
CA GLU A 64 -23.66 3.74 42.69
C GLU A 64 -23.04 4.27 41.38
N GLN A 65 -23.61 5.31 40.79
CA GLN A 65 -23.07 5.91 39.57
C GLN A 65 -22.23 7.16 39.88
N PRO A 66 -20.90 7.10 39.61
CA PRO A 66 -19.97 8.17 39.97
C PRO A 66 -20.39 9.58 39.54
N ILE A 67 -20.85 9.72 38.29
CA ILE A 67 -21.26 11.03 37.78
C ILE A 67 -22.55 11.51 38.46
N GLY A 68 -23.46 10.58 38.73
CA GLY A 68 -24.69 10.89 39.44
C GLY A 68 -24.39 11.39 40.84
N LYS A 69 -23.52 10.67 41.55
CA LYS A 69 -23.09 11.06 42.90
C LYS A 69 -22.42 12.42 42.88
N ARG A 70 -21.55 12.61 41.90
CA ARG A 70 -20.81 13.85 41.77
C ARG A 70 -21.77 15.01 41.55
N LEU A 71 -22.73 14.83 40.66
CA LEU A 71 -23.71 15.86 40.35
C LEU A 71 -24.70 16.07 41.50
N PHE A 72 -25.02 15.00 42.22
CA PHE A 72 -25.91 15.11 43.38
C PHE A 72 -25.26 15.91 44.49
N GLN A 73 -23.97 15.68 44.73
CA GLN A 73 -23.23 16.42 45.74
C GLN A 73 -23.02 17.89 45.36
N GLN A 74 -22.84 18.17 44.07
CA GLN A 74 -22.78 19.56 43.59
C GLN A 74 -24.09 20.28 43.89
N PHE A 75 -25.21 19.58 43.67
CA PHE A 75 -26.53 20.12 43.99
C PHE A 75 -26.63 20.47 45.47
N LEU A 76 -26.24 19.54 46.33
CA LEU A 76 -26.30 19.75 47.78
C LEU A 76 -25.39 20.90 48.22
N ARG A 77 -24.18 20.96 47.65
CA ARG A 77 -23.23 22.08 47.85
C ARG A 77 -23.86 23.46 47.65
N THR A 78 -24.61 23.57 46.55
CA THR A 78 -25.15 24.86 46.14
C THR A 78 -26.48 25.21 46.83
N HIS A 79 -26.92 24.37 47.76
CA HIS A 79 -28.13 24.62 48.54
C HIS A 79 -27.82 24.61 50.03
N GLU A 80 -27.83 25.79 50.63
CA GLU A 80 -27.44 26.01 52.03
C GLU A 80 -28.03 24.98 52.99
N GLN A 81 -29.32 24.70 52.85
CA GLN A 81 -30.04 23.81 53.77
C GLN A 81 -29.50 22.38 53.80
N HIS A 82 -28.93 21.92 52.69
CA HIS A 82 -28.37 20.56 52.62
C HIS A 82 -26.87 20.49 52.92
N GLY A 83 -26.27 21.64 53.24
CA GLY A 83 -24.85 21.71 53.57
C GLY A 83 -24.44 20.77 54.69
N PRO A 84 -25.17 20.80 55.82
CA PRO A 84 -24.85 19.91 56.93
C PRO A 84 -24.84 18.44 56.54
N ALA A 85 -25.88 17.97 55.86
CA ALA A 85 -25.98 16.58 55.44
C ALA A 85 -24.84 16.19 54.49
N LEU A 86 -24.48 17.09 53.58
CA LEU A 86 -23.41 16.85 52.63
C LEU A 86 -22.06 16.70 53.31
N GLN A 87 -21.75 17.65 54.20
CA GLN A 87 -20.47 17.66 54.89
C GLN A 87 -20.33 16.49 55.88
N LEU A 88 -21.43 16.12 56.52
CA LEU A 88 -21.45 14.95 57.39
C LEU A 88 -21.18 13.70 56.56
N TRP A 89 -21.84 13.59 55.42
CA TRP A 89 -21.65 12.47 54.50
C TRP A 89 -20.19 12.35 54.11
N LYS A 90 -19.59 13.45 53.70
CA LYS A 90 -18.18 13.47 53.30
C LYS A 90 -17.24 13.11 54.44
N ASP A 91 -17.50 13.64 55.63
CA ASP A 91 -16.63 13.41 56.79
C ASP A 91 -16.69 11.98 57.32
N ILE A 92 -17.82 11.31 57.14
CA ILE A 92 -17.93 9.89 57.47
C ILE A 92 -17.06 9.08 56.52
N GLU A 93 -17.16 9.37 55.22
CA GLU A 93 -16.34 8.69 54.22
C GLU A 93 -14.87 8.99 54.43
N ASP A 94 -14.56 10.23 54.78
CA ASP A 94 -13.20 10.62 55.17
C ASP A 94 -12.71 9.79 56.36
N TYR A 95 -13.55 9.69 57.39
CA TYR A 95 -13.22 8.91 58.59
C TYR A 95 -13.02 7.43 58.27
N ASP A 96 -13.83 6.91 57.34
CA ASP A 96 -13.77 5.49 56.98
C ASP A 96 -12.46 5.10 56.28
N THR A 97 -11.81 6.06 55.62
CA THR A 97 -10.57 5.78 54.88
C THR A 97 -9.31 6.34 55.55
N ALA A 98 -9.48 7.05 56.68
CA ALA A 98 -8.36 7.71 57.35
C ALA A 98 -7.43 6.74 58.08
N ASP A 99 -6.23 7.19 58.38
CA ASP A 99 -5.28 6.42 59.18
C ASP A 99 -5.78 6.28 60.61
N ASP A 100 -5.43 5.16 61.25
CA ASP A 100 -5.83 4.89 62.63
C ASP A 100 -5.42 6.01 63.60
N ALA A 101 -4.27 6.62 63.35
CA ALA A 101 -3.77 7.72 64.18
C ALA A 101 -4.66 8.97 64.11
N LEU A 102 -5.29 9.20 62.95
CA LEU A 102 -6.12 10.38 62.74
C LEU A 102 -7.59 10.14 63.11
N ARG A 103 -7.96 8.90 63.37
CA ARG A 103 -9.37 8.54 63.58
C ARG A 103 -9.97 9.13 64.85
N PRO A 104 -9.27 9.03 65.99
CA PRO A 104 -9.75 9.68 67.20
C PRO A 104 -10.04 11.18 67.01
N GLN A 105 -9.13 11.89 66.37
CA GLN A 105 -9.31 13.32 66.08
C GLN A 105 -10.51 13.58 65.16
N LYS A 106 -10.61 12.81 64.08
CA LYS A 106 -11.68 13.01 63.09
C LYS A 106 -13.06 12.64 63.66
N ALA A 107 -13.10 11.63 64.53
CA ALA A 107 -14.32 11.26 65.24
C ALA A 107 -14.78 12.40 66.14
N GLN A 108 -13.83 12.99 66.85
CA GLN A 108 -14.10 14.12 67.73
C GLN A 108 -14.60 15.35 66.98
N ALA A 109 -13.91 15.71 65.91
CA ALA A 109 -14.28 16.87 65.09
C ALA A 109 -15.66 16.69 64.47
N LEU A 110 -15.94 15.46 64.03
CA LEU A 110 -17.23 15.12 63.39
C LEU A 110 -18.37 15.30 64.37
N ARG A 111 -18.23 14.73 65.56
CA ARG A 111 -19.25 14.81 66.60
C ARG A 111 -19.51 16.27 67.01
N ALA A 112 -18.42 17.03 67.15
CA ALA A 112 -18.51 18.44 67.53
C ALA A 112 -19.17 19.29 66.47
N ALA A 113 -18.94 18.95 65.20
CA ALA A 113 -19.44 19.75 64.08
C ALA A 113 -20.92 19.49 63.76
N TYR A 114 -21.32 18.23 63.78
CA TYR A 114 -22.64 17.81 63.29
C TYR A 114 -23.59 17.29 64.36
N LEU A 115 -23.07 16.80 65.48
CA LEU A 115 -23.90 16.16 66.52
C LEU A 115 -24.00 16.99 67.81
N GLU A 116 -23.94 18.32 67.69
CA GLU A 116 -24.14 19.22 68.83
C GLU A 116 -25.19 20.26 68.46
N PRO A 117 -26.29 20.33 69.25
CA PRO A 117 -27.42 21.22 68.94
C PRO A 117 -27.03 22.66 68.56
N GLN A 118 -26.00 23.19 69.22
CA GLN A 118 -25.60 24.59 69.02
C GLN A 118 -24.61 24.77 67.87
N ALA A 119 -24.09 23.68 67.33
CA ALA A 119 -23.13 23.75 66.22
C ALA A 119 -23.80 24.29 64.95
N GLN A 120 -23.01 24.98 64.14
CA GLN A 120 -23.52 25.63 62.93
C GLN A 120 -24.05 24.62 61.92
N LEU A 121 -23.31 23.53 61.73
CA LEU A 121 -23.71 22.47 60.80
C LEU A 121 -24.41 21.31 61.53
N PHE A 122 -25.20 21.64 62.55
CA PHE A 122 -25.95 20.62 63.28
C PHE A 122 -27.00 19.98 62.38
N CYS A 123 -26.95 18.65 62.29
CA CYS A 123 -27.90 17.91 61.46
C CYS A 123 -29.19 17.65 62.23
N SER A 124 -30.16 18.54 62.04
CA SER A 124 -31.44 18.49 62.78
C SER A 124 -32.38 17.40 62.27
N PHE A 125 -32.12 16.87 61.08
CA PHE A 125 -32.96 15.85 60.47
C PHE A 125 -32.83 14.46 61.10
N LEU A 126 -31.81 14.27 61.93
CA LEU A 126 -31.61 12.99 62.62
C LEU A 126 -32.54 12.85 63.83
N ASP A 127 -32.74 11.62 64.27
CA ASP A 127 -33.52 11.35 65.48
C ASP A 127 -32.62 11.53 66.70
N ALA A 128 -33.22 11.67 67.87
CA ALA A 128 -32.46 11.74 69.12
C ALA A 128 -31.70 10.43 69.36
N GLU A 129 -32.27 9.31 68.93
CA GLU A 129 -31.67 7.98 69.10
C GLU A 129 -30.34 7.87 68.36
N THR A 130 -30.36 8.24 67.08
CA THR A 130 -29.19 8.10 66.21
C THR A 130 -28.05 9.03 66.62
N VAL A 131 -28.38 10.26 67.01
CA VAL A 131 -27.39 11.25 67.42
C VAL A 131 -26.69 10.80 68.71
N ALA A 132 -27.49 10.36 69.68
CA ALA A 132 -26.94 9.87 70.96
C ALA A 132 -26.05 8.67 70.73
N ARG A 133 -26.52 7.72 69.93
CA ARG A 133 -25.73 6.55 69.57
C ARG A 133 -24.38 6.93 68.97
N ALA A 134 -24.37 7.81 67.98
CA ALA A 134 -23.15 8.20 67.27
C ALA A 134 -22.15 8.96 68.16
N ARG A 135 -22.67 9.61 69.20
CA ARG A 135 -21.83 10.31 70.18
C ARG A 135 -21.07 9.35 71.12
N ALA A 136 -21.48 8.08 71.14
CA ALA A 136 -20.86 7.05 71.98
C ALA A 136 -20.07 6.03 71.16
N GLY A 137 -19.14 5.35 71.82
CA GLY A 137 -18.38 4.25 71.22
C GLY A 137 -17.29 4.68 70.26
N ALA A 138 -16.24 3.87 70.15
CA ALA A 138 -15.15 4.12 69.22
C ALA A 138 -14.69 2.82 68.54
N GLY A 139 -15.62 2.17 67.83
CA GLY A 139 -15.35 0.89 67.18
C GLY A 139 -14.93 1.05 65.73
N ASP A 140 -14.72 -0.08 65.05
CA ASP A 140 -14.33 -0.10 63.64
C ASP A 140 -15.50 0.30 62.73
N GLY A 141 -16.70 -0.13 63.09
CA GLY A 141 -17.92 0.18 62.32
C GLY A 141 -18.67 1.39 62.84
N LEU A 142 -17.94 2.35 63.41
CA LEU A 142 -18.55 3.53 63.99
C LEU A 142 -19.09 4.41 62.88
N PHE A 143 -20.16 5.14 63.17
CA PHE A 143 -20.82 6.01 62.18
C PHE A 143 -21.48 5.29 60.99
N GLN A 144 -21.56 3.96 61.03
CA GLN A 144 -22.26 3.21 59.97
C GLN A 144 -23.78 3.34 60.09
N PRO A 145 -24.33 3.25 61.33
CA PRO A 145 -25.73 3.59 61.50
C PRO A 145 -26.03 5.04 61.12
N LEU A 146 -25.10 5.93 61.46
CA LEU A 146 -25.22 7.35 61.15
C LEU A 146 -25.24 7.58 59.64
N LEU A 147 -24.39 6.88 58.90
CA LEU A 147 -24.34 7.01 57.44
C LEU A 147 -25.64 6.53 56.82
N ARG A 148 -26.17 5.40 57.28
CA ARG A 148 -27.45 4.88 56.80
C ARG A 148 -28.59 5.87 57.02
N ALA A 149 -28.55 6.57 58.16
CA ALA A 149 -29.55 7.59 58.49
C ALA A 149 -29.44 8.79 57.57
N VAL A 150 -28.21 9.21 57.26
CA VAL A 150 -27.96 10.37 56.39
C VAL A 150 -28.42 10.06 54.98
N LEU A 151 -28.01 8.90 54.46
CA LEU A 151 -28.39 8.47 53.12
C LEU A 151 -29.90 8.24 52.99
N ALA A 152 -30.53 7.81 54.07
CA ALA A 152 -31.99 7.67 54.10
C ALA A 152 -32.64 9.05 53.96
N HIS A 153 -32.12 10.02 54.70
CA HIS A 153 -32.62 11.39 54.66
C HIS A 153 -32.42 11.99 53.28
N LEU A 154 -31.20 11.88 52.76
CA LEU A 154 -30.87 12.46 51.46
C LEU A 154 -31.72 11.86 50.33
N GLY A 155 -32.07 10.58 50.47
CA GLY A 155 -32.90 9.90 49.48
C GLY A 155 -34.36 10.31 49.45
N GLN A 156 -34.77 11.10 50.45
CA GLN A 156 -36.14 11.62 50.49
C GLN A 156 -36.20 13.02 49.86
N ALA A 157 -36.34 14.07 50.67
CA ALA A 157 -36.60 15.42 50.15
C ALA A 157 -35.46 15.96 49.26
N PRO A 158 -34.20 15.87 49.72
CA PRO A 158 -33.10 16.41 48.91
C PRO A 158 -33.00 15.76 47.53
N PHE A 159 -33.25 14.46 47.45
CA PHE A 159 -33.25 13.76 46.18
C PHE A 159 -34.38 14.25 45.28
N GLN A 160 -35.57 14.46 45.85
CA GLN A 160 -36.70 14.97 45.07
C GLN A 160 -36.40 16.35 44.50
N GLU A 161 -35.76 17.20 45.30
CA GLU A 161 -35.38 18.54 44.83
C GLU A 161 -34.33 18.45 43.71
N PHE A 162 -33.41 17.51 43.85
CA PHE A 162 -32.38 17.27 42.83
C PHE A 162 -32.98 16.91 41.48
N LEU A 163 -34.00 16.04 41.48
CA LEU A 163 -34.67 15.65 40.24
C LEU A 163 -35.32 16.85 39.55
N ASP A 164 -35.69 17.84 40.32
CA ASP A 164 -36.35 19.03 39.81
C ASP A 164 -35.37 20.20 39.64
N SER A 165 -34.08 19.89 39.49
CA SER A 165 -33.00 20.88 39.36
C SER A 165 -32.18 20.65 38.09
N LEU A 166 -31.38 21.64 37.73
CA LEU A 166 -30.53 21.55 36.54
C LEU A 166 -29.52 20.42 36.61
N TYR A 167 -29.15 20.03 37.83
CA TYR A 167 -28.12 19.01 38.04
C TYR A 167 -28.59 17.64 37.59
N PHE A 168 -29.89 17.37 37.71
CA PHE A 168 -30.45 16.11 37.21
C PHE A 168 -30.46 16.10 35.68
N LEU A 169 -30.83 17.22 35.07
CA LEU A 169 -30.81 17.34 33.61
C LEU A 169 -29.39 17.14 33.06
N ARG A 170 -28.39 17.68 33.76
CA ARG A 170 -27.00 17.49 33.37
C ARG A 170 -26.62 16.03 33.46
N PHE A 171 -27.15 15.31 34.46
CA PHE A 171 -26.93 13.88 34.57
C PHE A 171 -27.47 13.16 33.33
N LEU A 172 -28.66 13.58 32.88
CA LEU A 172 -29.27 12.99 31.68
C LEU A 172 -28.39 13.23 30.46
N GLN A 173 -27.84 14.43 30.36
CA GLN A 173 -26.93 14.75 29.25
C GLN A 173 -25.73 13.82 29.24
N TRP A 174 -25.16 13.57 30.41
CA TRP A 174 -24.04 12.64 30.52
C TRP A 174 -24.45 11.22 30.19
N LYS A 175 -25.67 10.83 30.58
CA LYS A 175 -26.19 9.51 30.28
C LYS A 175 -26.46 9.33 28.79
N TRP A 176 -26.92 10.38 28.12
CA TRP A 176 -27.11 10.35 26.68
C TRP A 176 -25.78 10.09 26.00
N LEU A 177 -24.77 10.83 26.43
CA LEU A 177 -23.42 10.71 25.89
C LEU A 177 -22.84 9.32 26.15
N GLU A 178 -23.18 8.78 27.32
CA GLU A 178 -22.78 7.43 27.72
C GLU A 178 -23.34 6.37 26.78
N ALA A 179 -24.53 6.62 26.24
CA ALA A 179 -25.23 5.65 25.39
C ALA A 179 -24.86 5.73 23.91
N GLN A 180 -24.06 6.73 23.53
CA GLN A 180 -23.67 6.88 22.13
C GLN A 180 -22.74 5.75 21.72
N PRO A 181 -22.72 5.41 20.42
CA PRO A 181 -21.93 4.26 19.98
C PRO A 181 -20.44 4.50 20.17
N MET A 182 -19.75 3.55 20.80
CA MET A 182 -18.30 3.65 20.98
C MET A 182 -17.69 2.27 20.72
N GLY A 183 -17.60 1.91 19.45
CA GLY A 183 -17.11 0.60 19.01
C GLY A 183 -15.61 0.58 18.79
N GLU A 184 -15.16 -0.29 17.89
CA GLU A 184 -13.73 -0.51 17.66
C GLU A 184 -12.98 0.75 17.23
N ASP A 185 -13.64 1.61 16.46
CA ASP A 185 -13.05 2.86 15.98
C ASP A 185 -12.55 3.77 17.10
N TRP A 186 -13.13 3.64 18.29
CA TRP A 186 -12.73 4.44 19.45
C TRP A 186 -11.52 3.89 20.19
N PHE A 187 -10.98 2.76 19.75
CA PHE A 187 -9.86 2.11 20.44
C PHE A 187 -8.67 1.82 19.53
N LEU A 188 -7.49 2.27 19.96
CA LEU A 188 -6.25 2.04 19.24
C LEU A 188 -5.43 0.97 19.95
N ASP A 189 -5.24 -0.17 19.28
CA ASP A 189 -4.38 -1.23 19.81
C ASP A 189 -2.94 -0.87 19.52
N PHE A 190 -2.07 -0.94 20.54
CA PHE A 190 -0.65 -0.62 20.36
C PHE A 190 0.32 -1.73 20.78
N ARG A 191 -0.16 -2.75 21.48
CA ARG A 191 0.64 -3.96 21.70
C ARG A 191 -0.15 -5.19 22.09
N VAL A 192 0.43 -6.34 21.73
CA VAL A 192 -0.17 -7.64 21.97
C VAL A 192 0.29 -8.18 23.32
N LEU A 193 -0.64 -8.69 24.11
CA LEU A 193 -0.34 -9.16 25.46
C LEU A 193 -0.35 -10.68 25.56
N GLY A 194 -1.31 -11.33 24.91
CA GLY A 194 -1.41 -12.78 24.95
C GLY A 194 -2.15 -13.37 23.76
N ARG A 195 -1.84 -14.62 23.45
CA ARG A 195 -2.50 -15.39 22.41
C ARG A 195 -2.70 -16.78 22.95
N GLY A 196 -3.95 -17.25 23.00
CA GLY A 196 -4.25 -18.47 23.74
C GLY A 196 -5.51 -19.16 23.28
N GLY A 197 -6.27 -19.67 24.23
CA GLY A 197 -7.58 -20.22 23.93
C GLY A 197 -8.47 -19.11 23.38
N PHE A 198 -9.09 -19.40 22.25
CA PHE A 198 -10.27 -18.65 21.78
C PHE A 198 -9.99 -17.25 21.25
N GLY A 199 -8.77 -16.72 21.35
CA GLY A 199 -8.44 -15.41 20.76
C GLY A 199 -7.25 -14.70 21.40
N GLU A 200 -7.09 -13.42 21.05
CA GLU A 200 -5.92 -12.61 21.44
C GLU A 200 -6.29 -11.49 22.40
N VAL A 201 -5.31 -11.05 23.21
CA VAL A 201 -5.50 -9.95 24.15
C VAL A 201 -4.55 -8.79 23.80
N PHE A 202 -5.12 -7.61 23.60
CA PHE A 202 -4.36 -6.41 23.22
C PHE A 202 -4.37 -5.38 24.33
N ALA A 203 -3.31 -4.59 24.41
CA ALA A 203 -3.32 -3.36 25.20
C ALA A 203 -3.73 -2.23 24.26
N CYS A 204 -4.77 -1.49 24.63
CA CYS A 204 -5.31 -0.45 23.77
C CYS A 204 -5.59 0.87 24.50
N GLN A 205 -5.80 1.91 23.72
CA GLN A 205 -6.10 3.24 24.25
C GLN A 205 -7.47 3.67 23.79
N MET A 206 -8.29 4.12 24.73
CA MET A 206 -9.55 4.78 24.38
C MET A 206 -9.17 6.15 23.83
N LYS A 207 -9.50 6.38 22.56
CA LYS A 207 -8.93 7.51 21.81
C LYS A 207 -9.32 8.88 22.36
N ALA A 208 -10.57 9.04 22.78
CA ALA A 208 -11.07 10.34 23.23
C ALA A 208 -10.38 10.79 24.52
N THR A 209 -10.35 9.91 25.51
CA THR A 209 -9.84 10.24 26.84
C THR A 209 -8.35 9.90 27.00
N GLY A 210 -7.89 8.92 26.25
CA GLY A 210 -6.50 8.46 26.34
C GLY A 210 -6.25 7.39 27.39
N LYS A 211 -7.30 6.93 28.07
CA LYS A 211 -7.14 5.90 29.10
C LYS A 211 -6.75 4.56 28.49
N LEU A 212 -5.84 3.87 29.17
CA LEU A 212 -5.33 2.58 28.71
C LEU A 212 -6.21 1.44 29.21
N TYR A 213 -6.52 0.51 28.31
CA TYR A 213 -7.33 -0.66 28.63
C TYR A 213 -6.69 -1.93 28.05
N ALA A 214 -7.15 -3.07 28.54
CA ALA A 214 -6.86 -4.35 27.92
C ALA A 214 -8.09 -4.78 27.11
N CYS A 215 -7.90 -5.11 25.84
CA CYS A 215 -9.00 -5.58 25.00
C CYS A 215 -8.82 -7.05 24.67
N LYS A 216 -9.77 -7.88 25.11
CA LYS A 216 -9.76 -9.31 24.81
C LYS A 216 -10.66 -9.55 23.61
N LYS A 217 -10.08 -10.05 22.52
CA LYS A 217 -10.83 -10.29 21.29
C LYS A 217 -11.04 -11.79 21.12
N LEU A 218 -12.31 -12.19 21.00
CA LEU A 218 -12.68 -13.58 20.75
C LEU A 218 -13.04 -13.74 19.28
N ASN A 219 -12.33 -14.61 18.58
CA ASN A 219 -12.60 -14.87 17.16
C ASN A 219 -13.97 -15.51 16.98
N LYS A 220 -14.78 -14.93 16.10
CA LYS A 220 -16.16 -15.38 15.89
C LYS A 220 -16.25 -16.80 15.33
N LYS A 221 -15.46 -17.07 14.29
CA LYS A 221 -15.47 -18.37 13.64
C LYS A 221 -14.97 -19.48 14.56
N ARG A 222 -13.89 -19.20 15.29
CA ARG A 222 -13.34 -20.16 16.24
C ARG A 222 -14.32 -20.49 17.36
N LEU A 223 -15.07 -19.48 17.80
CA LEU A 223 -16.03 -19.67 18.89
C LEU A 223 -17.12 -20.63 18.48
N LYS A 224 -17.70 -20.37 17.32
CA LYS A 224 -18.73 -21.22 16.72
C LYS A 224 -18.21 -22.65 16.63
N LYS A 225 -16.98 -22.81 16.15
CA LYS A 225 -16.38 -24.14 15.95
C LYS A 225 -16.19 -24.90 17.25
N ARG A 226 -15.94 -24.16 18.33
CA ARG A 226 -15.83 -24.75 19.67
C ARG A 226 -17.11 -24.65 20.50
N LYS A 227 -18.15 -24.06 19.92
CA LYS A 227 -19.41 -23.80 20.62
C LYS A 227 -19.17 -23.02 21.92
N GLY A 228 -18.44 -21.92 21.80
CA GLY A 228 -18.01 -21.12 22.98
C GLY A 228 -18.86 -19.91 23.26
N TYR A 229 -20.16 -20.09 23.10
CA TYR A 229 -21.12 -18.99 23.14
C TYR A 229 -21.57 -18.79 24.57
N GLN A 230 -21.99 -19.88 25.22
CA GLN A 230 -22.37 -19.88 26.63
C GLN A 230 -21.24 -19.35 27.54
N GLY A 231 -20.06 -19.94 27.43
CA GLY A 231 -18.91 -19.57 28.27
C GLY A 231 -18.51 -18.12 28.13
N ALA A 232 -18.59 -17.61 26.90
CA ALA A 232 -18.27 -16.22 26.62
C ALA A 232 -19.37 -15.28 27.07
N MET A 233 -20.63 -15.68 26.84
CA MET A 233 -21.78 -14.88 27.25
C MET A 233 -21.86 -14.78 28.77
N VAL A 234 -21.70 -15.91 29.45
CA VAL A 234 -21.73 -15.95 30.91
C VAL A 234 -20.65 -15.06 31.51
N GLU A 235 -19.43 -15.15 30.98
CA GLU A 235 -18.32 -14.33 31.48
C GLU A 235 -18.62 -12.85 31.30
N LYS A 236 -19.14 -12.48 30.13
CA LYS A 236 -19.44 -11.08 29.82
C LYS A 236 -20.44 -10.51 30.81
N LYS A 237 -21.56 -11.20 30.97
CA LYS A 237 -22.63 -10.78 31.89
C LYS A 237 -22.15 -10.62 33.33
N ILE A 238 -21.28 -11.53 33.79
CA ILE A 238 -20.75 -11.46 35.15
C ILE A 238 -19.84 -10.24 35.31
N LEU A 239 -18.86 -10.08 34.41
CA LEU A 239 -17.95 -8.94 34.45
C LEU A 239 -18.70 -7.61 34.38
N ALA A 240 -19.82 -7.59 33.65
CA ALA A 240 -20.62 -6.37 33.49
C ALA A 240 -21.36 -5.99 34.77
N LYS A 241 -22.03 -6.96 35.39
CA LYS A 241 -22.84 -6.70 36.58
C LYS A 241 -22.01 -6.52 37.85
N VAL A 242 -20.78 -7.06 37.87
CA VAL A 242 -19.90 -6.94 39.06
C VAL A 242 -19.00 -5.72 38.97
N HIS A 243 -18.88 -5.00 40.07
CA HIS A 243 -18.05 -3.80 40.16
C HIS A 243 -17.23 -3.83 41.43
N SER A 244 -15.97 -4.22 41.30
CA SER A 244 -15.09 -4.40 42.44
C SER A 244 -13.66 -4.06 42.06
N ARG A 245 -12.91 -3.49 42.99
CA ARG A 245 -11.52 -3.13 42.74
C ARG A 245 -10.59 -4.35 42.77
N PHE A 246 -11.11 -5.51 43.19
CA PHE A 246 -10.35 -6.76 43.22
C PHE A 246 -10.77 -7.75 42.14
N ILE A 247 -11.56 -7.27 41.18
CA ILE A 247 -11.95 -8.05 40.01
C ILE A 247 -11.81 -7.15 38.80
N VAL A 248 -11.28 -7.68 37.70
CA VAL A 248 -11.12 -6.87 36.49
C VAL A 248 -12.49 -6.39 36.02
N SER A 249 -12.56 -5.13 35.64
CA SER A 249 -13.83 -4.52 35.26
C SER A 249 -13.99 -4.53 33.75
N LEU A 250 -15.21 -4.77 33.29
CA LEU A 250 -15.54 -4.62 31.89
C LEU A 250 -16.02 -3.19 31.69
N ALA A 251 -15.46 -2.49 30.71
CA ALA A 251 -15.84 -1.11 30.40
C ALA A 251 -16.69 -1.03 29.15
N TYR A 252 -16.29 -1.74 28.11
CA TYR A 252 -17.02 -1.77 26.85
C TYR A 252 -17.11 -3.20 26.31
N ALA A 253 -18.25 -3.54 25.73
CA ALA A 253 -18.41 -4.79 25.01
C ALA A 253 -18.99 -4.48 23.63
N PHE A 254 -18.20 -4.75 22.60
CA PHE A 254 -18.64 -4.49 21.22
C PHE A 254 -18.19 -5.59 20.27
N GLU A 255 -18.73 -5.56 19.06
CA GLU A 255 -18.42 -6.56 18.05
C GLU A 255 -17.76 -5.91 16.84
N THR A 256 -16.91 -6.68 16.16
CA THR A 256 -16.32 -6.27 14.89
C THR A 256 -16.72 -7.31 13.83
N LYS A 257 -16.22 -7.17 12.61
CA LYS A 257 -16.54 -8.14 11.56
C LYS A 257 -16.06 -9.54 11.93
N THR A 258 -14.91 -9.62 12.59
CA THR A 258 -14.26 -10.91 12.87
C THR A 258 -14.26 -11.31 14.35
N ASP A 259 -14.32 -10.33 15.25
CA ASP A 259 -14.14 -10.59 16.68
C ASP A 259 -15.29 -10.08 17.56
N LEU A 260 -15.42 -10.70 18.73
CA LEU A 260 -16.19 -10.15 19.84
C LEU A 260 -15.18 -9.61 20.84
N CYS A 261 -15.35 -8.36 21.24
CA CYS A 261 -14.33 -7.64 21.99
C CYS A 261 -14.80 -7.23 23.37
N LEU A 262 -13.95 -7.44 24.36
CA LEU A 262 -14.20 -7.01 25.73
C LEU A 262 -13.09 -6.07 26.19
N VAL A 263 -13.42 -4.79 26.34
CA VAL A 263 -12.46 -3.80 26.84
C VAL A 263 -12.55 -3.78 28.36
N MET A 264 -11.44 -4.10 29.01
CA MET A 264 -11.41 -4.27 30.47
C MET A 264 -10.16 -3.68 31.10
N THR A 265 -10.17 -3.60 32.43
CA THR A 265 -9.06 -3.08 33.20
C THR A 265 -7.73 -3.69 32.77
N ILE A 266 -6.76 -2.86 32.42
CA ILE A 266 -5.43 -3.33 32.09
C ILE A 266 -4.64 -3.58 33.37
N MET A 267 -3.79 -4.61 33.35
CA MET A 267 -2.99 -4.98 34.52
C MET A 267 -1.53 -5.21 34.06
N ASN A 268 -0.75 -4.13 34.06
CA ASN A 268 0.60 -4.15 33.47
C ASN A 268 1.64 -4.97 34.22
N GLY A 269 1.39 -5.25 35.49
CA GLY A 269 2.31 -6.06 36.30
C GLY A 269 2.34 -7.54 35.93
N GLY A 270 1.34 -7.99 35.17
CA GLY A 270 1.24 -9.40 34.80
C GLY A 270 0.75 -10.26 35.96
N ASP A 271 0.77 -11.58 35.76
CA ASP A 271 0.20 -12.51 36.73
C ASP A 271 1.13 -12.76 37.92
N ILE A 272 0.55 -13.18 39.04
CA ILE A 272 1.29 -13.52 40.26
C ILE A 272 2.36 -14.58 40.02
N ARG A 273 2.01 -15.63 39.26
CA ARG A 273 2.89 -16.77 39.05
C ARG A 273 4.27 -16.34 38.54
N TYR A 274 4.30 -15.41 37.59
CA TYR A 274 5.57 -14.89 37.08
C TYR A 274 6.40 -14.25 38.18
N HIS A 275 5.75 -13.47 39.04
CA HIS A 275 6.43 -12.78 40.14
C HIS A 275 6.94 -13.73 41.23
N ILE A 276 6.32 -14.90 41.35
CA ILE A 276 6.79 -15.93 42.29
C ILE A 276 8.13 -16.52 41.86
N TYR A 277 8.22 -16.92 40.59
CA TYR A 277 9.35 -17.71 40.09
C TYR A 277 10.43 -16.91 39.36
N ASN A 278 10.00 -15.96 38.52
CA ASN A 278 10.86 -15.37 37.50
C ASN A 278 11.52 -14.02 37.85
N VAL A 279 11.20 -13.49 39.01
CA VAL A 279 12.02 -12.51 39.67
C VAL A 279 12.61 -13.32 40.80
N ASP A 280 13.81 -12.92 41.17
CA ASP A 280 14.66 -13.77 42.00
C ASP A 280 14.53 -15.31 41.83
N GLU A 281 15.16 -15.84 40.79
CA GLU A 281 15.13 -17.29 40.51
C GLU A 281 15.98 -18.12 41.49
N ASP A 282 16.87 -17.49 42.25
CA ASP A 282 17.70 -18.21 43.22
C ASP A 282 16.94 -18.40 44.57
N ASN A 283 16.18 -17.40 44.99
CA ASN A 283 15.24 -17.52 46.14
C ASN A 283 13.81 -17.11 45.69
N PRO A 284 13.07 -18.02 45.02
CA PRO A 284 11.71 -17.70 44.55
C PRO A 284 10.68 -17.72 45.69
N GLY A 285 9.52 -17.13 45.45
CA GLY A 285 8.46 -17.02 46.46
C GLY A 285 8.42 -15.63 47.04
N PHE A 286 7.26 -15.25 47.60
CA PHE A 286 7.08 -13.94 48.21
C PHE A 286 7.41 -13.98 49.69
N GLN A 287 7.80 -12.82 50.21
CA GLN A 287 7.92 -12.63 51.65
C GLN A 287 6.50 -12.70 52.23
N GLU A 288 6.36 -13.21 53.45
CA GLU A 288 5.05 -13.48 54.03
C GLU A 288 4.09 -12.28 54.09
N PRO A 289 4.60 -11.09 54.51
CA PRO A 289 3.75 -9.89 54.46
C PRO A 289 3.16 -9.61 53.08
N ARG A 290 3.94 -9.81 52.03
CA ARG A 290 3.49 -9.60 50.65
C ARG A 290 2.43 -10.63 50.26
N ALA A 291 2.64 -11.88 50.64
CA ALA A 291 1.69 -12.96 50.33
C ALA A 291 0.35 -12.71 51.02
N ILE A 292 0.41 -12.23 52.26
CA ILE A 292 -0.79 -11.95 53.04
C ILE A 292 -1.59 -10.81 52.40
N PHE A 293 -0.89 -9.79 51.92
CA PHE A 293 -1.53 -8.66 51.26
C PHE A 293 -2.35 -9.11 50.05
N TYR A 294 -1.72 -9.88 49.17
CA TYR A 294 -2.40 -10.39 47.98
C TYR A 294 -3.57 -11.30 48.36
N THR A 295 -3.34 -12.16 49.35
CA THR A 295 -4.38 -13.05 49.85
C THR A 295 -5.59 -12.25 50.30
N ALA A 296 -5.35 -11.19 51.07
CA ALA A 296 -6.43 -10.35 51.56
C ALA A 296 -7.20 -9.70 50.40
N GLN A 297 -6.48 -9.29 49.35
CA GLN A 297 -7.10 -8.70 48.18
C GLN A 297 -7.92 -9.72 47.40
N ILE A 298 -7.40 -10.94 47.28
CA ILE A 298 -8.10 -12.03 46.60
C ILE A 298 -9.38 -12.38 47.36
N VAL A 299 -9.27 -12.50 48.69
CA VAL A 299 -10.43 -12.79 49.54
C VAL A 299 -11.56 -11.79 49.29
N SER A 300 -11.21 -10.51 49.28
CA SER A 300 -12.19 -9.45 49.04
C SER A 300 -12.88 -9.62 47.68
N GLY A 301 -12.13 -10.05 46.68
CA GLY A 301 -12.70 -10.35 45.37
C GLY A 301 -13.64 -11.54 45.39
N LEU A 302 -13.21 -12.62 46.06
CA LEU A 302 -14.02 -13.82 46.18
C LEU A 302 -15.34 -13.52 46.88
N GLU A 303 -15.26 -12.80 48.00
CA GLU A 303 -16.45 -12.41 48.76
C GLU A 303 -17.44 -11.67 47.87
N HIS A 304 -16.93 -10.77 47.05
CA HIS A 304 -17.78 -9.98 46.16
C HIS A 304 -18.58 -10.89 45.22
N LEU A 305 -17.92 -11.92 44.68
CA LEU A 305 -18.60 -12.88 43.82
C LEU A 305 -19.60 -13.73 44.60
N HIS A 306 -19.16 -14.25 45.75
CA HIS A 306 -19.98 -15.17 46.54
C HIS A 306 -21.24 -14.51 47.11
N GLN A 307 -21.11 -13.24 47.50
CA GLN A 307 -22.27 -12.46 47.95
C GLN A 307 -23.31 -12.29 46.84
N ARG A 308 -22.89 -12.44 45.59
CA ARG A 308 -23.80 -12.41 44.44
C ARG A 308 -24.05 -13.80 43.86
N ASN A 309 -23.81 -14.83 44.67
CA ASN A 309 -24.05 -16.23 44.28
C ASN A 309 -23.33 -16.64 43.00
N ILE A 310 -22.07 -16.23 42.89
CA ILE A 310 -21.23 -16.60 41.75
C ILE A 310 -20.03 -17.38 42.27
N ILE A 311 -19.70 -18.47 41.57
CA ILE A 311 -18.52 -19.28 41.91
C ILE A 311 -17.47 -19.06 40.83
N TYR A 312 -16.25 -18.75 41.25
CA TYR A 312 -15.17 -18.40 40.35
C TYR A 312 -14.62 -19.62 39.61
N ARG A 313 -14.26 -20.64 40.38
CA ARG A 313 -13.84 -21.96 39.86
C ARG A 313 -12.53 -21.99 39.06
N ASP A 314 -11.75 -20.92 39.09
CA ASP A 314 -10.44 -20.92 38.42
C ASP A 314 -9.45 -19.97 39.09
N LEU A 315 -9.43 -19.98 40.42
CA LEU A 315 -8.44 -19.20 41.17
C LEU A 315 -7.09 -19.90 41.12
N LYS A 316 -6.08 -19.16 40.68
CA LYS A 316 -4.70 -19.65 40.65
C LYS A 316 -3.76 -18.48 40.36
N PRO A 317 -2.50 -18.58 40.78
CA PRO A 317 -1.52 -17.52 40.58
C PRO A 317 -1.55 -16.87 39.20
N GLU A 318 -1.67 -17.67 38.15
CA GLU A 318 -1.64 -17.15 36.78
C GLU A 318 -2.88 -16.33 36.41
N ASN A 319 -3.95 -16.48 37.18
CA ASN A 319 -5.17 -15.68 36.97
C ASN A 319 -5.31 -14.51 37.94
N VAL A 320 -4.36 -14.35 38.86
CA VAL A 320 -4.31 -13.18 39.74
C VAL A 320 -3.28 -12.20 39.18
N LEU A 321 -3.75 -11.02 38.76
CA LEU A 321 -2.93 -10.06 38.02
C LEU A 321 -2.54 -8.85 38.85
N LEU A 322 -1.40 -8.24 38.51
CA LEU A 322 -0.91 -7.03 39.18
C LEU A 322 -1.03 -5.81 38.27
N ASP A 323 -1.39 -4.67 38.86
CA ASP A 323 -1.42 -3.39 38.13
C ASP A 323 -0.19 -2.56 38.48
N ASP A 324 -0.11 -1.35 37.91
CA ASP A 324 1.05 -0.47 38.08
C ASP A 324 1.39 -0.19 39.55
N ASP A 325 0.36 -0.02 40.37
CA ASP A 325 0.52 0.36 41.77
C ASP A 325 0.97 -0.80 42.66
N GLY A 326 0.71 -2.03 42.22
CA GLY A 326 1.05 -3.22 42.99
C GLY A 326 -0.15 -3.93 43.61
N ASN A 327 -1.34 -3.48 43.25
CA ASN A 327 -2.60 -4.10 43.69
C ASN A 327 -3.01 -5.20 42.73
N VAL A 328 -3.73 -6.20 43.24
CA VAL A 328 -4.12 -7.34 42.42
C VAL A 328 -5.62 -7.47 42.23
N ARG A 329 -5.99 -8.15 41.15
CA ARG A 329 -7.37 -8.51 40.86
C ARG A 329 -7.41 -9.93 40.32
N ILE A 330 -8.53 -10.61 40.53
CA ILE A 330 -8.76 -11.89 39.89
C ILE A 330 -9.27 -11.65 38.47
N SER A 331 -8.97 -12.58 37.57
CA SER A 331 -9.32 -12.43 36.15
C SER A 331 -9.66 -13.77 35.51
N ASP A 332 -10.18 -13.70 34.28
CA ASP A 332 -10.59 -14.89 33.53
C ASP A 332 -11.75 -15.61 34.22
N LEU A 333 -12.95 -15.07 34.05
CA LEU A 333 -14.16 -15.64 34.63
C LEU A 333 -14.85 -16.60 33.65
N GLY A 334 -14.08 -17.18 32.73
CA GLY A 334 -14.62 -18.07 31.71
C GLY A 334 -15.24 -19.35 32.24
N LEU A 335 -14.71 -19.84 33.37
CA LEU A 335 -15.22 -21.04 34.02
C LEU A 335 -16.15 -20.72 35.18
N ALA A 336 -16.47 -19.44 35.36
CA ALA A 336 -17.33 -19.01 36.45
C ALA A 336 -18.78 -19.41 36.18
N VAL A 337 -19.53 -19.62 37.27
CA VAL A 337 -20.93 -20.01 37.16
C VAL A 337 -21.75 -19.25 38.20
N GLU A 338 -22.94 -18.82 37.79
CA GLU A 338 -23.86 -18.10 38.66
C GLU A 338 -24.99 -19.03 39.07
N LEU A 339 -25.19 -19.18 40.38
CA LEU A 339 -26.31 -19.97 40.91
C LEU A 339 -27.59 -19.18 40.73
N LYS A 340 -28.65 -19.85 40.28
CA LYS A 340 -29.97 -19.23 40.19
C LYS A 340 -30.57 -19.06 41.58
N ALA A 341 -31.68 -18.33 41.67
CA ALA A 341 -32.32 -18.05 42.96
C ALA A 341 -32.82 -19.34 43.61
N GLY A 342 -32.47 -19.53 44.88
CA GLY A 342 -32.86 -20.72 45.64
C GLY A 342 -31.80 -21.80 45.69
N GLN A 343 -30.96 -21.86 44.67
CA GLN A 343 -29.92 -22.89 44.55
C GLN A 343 -28.73 -22.56 45.46
N THR A 344 -28.31 -23.54 46.27
CA THR A 344 -27.20 -23.36 47.20
C THR A 344 -25.91 -24.05 46.74
N LYS A 345 -26.04 -25.09 45.90
CA LYS A 345 -24.88 -25.82 45.39
C LYS A 345 -25.03 -26.13 43.90
N THR A 346 -23.91 -26.49 43.27
CA THR A 346 -23.90 -26.80 41.83
C THR A 346 -23.09 -28.08 41.56
N LYS A 347 -23.15 -28.55 40.31
CA LYS A 347 -22.36 -29.69 39.86
C LYS A 347 -21.75 -29.37 38.50
N GLY A 348 -20.56 -29.91 38.25
CA GLY A 348 -19.85 -29.71 37.00
C GLY A 348 -18.35 -29.78 37.18
N TYR A 349 -17.69 -30.59 36.35
CA TYR A 349 -16.23 -30.69 36.37
C TYR A 349 -15.63 -29.53 35.59
N ALA A 350 -14.95 -28.64 36.29
CA ALA A 350 -14.27 -27.50 35.67
C ALA A 350 -13.20 -26.94 36.61
N GLY A 351 -12.10 -26.46 36.03
CA GLY A 351 -11.00 -25.89 36.80
C GLY A 351 -9.64 -26.33 36.31
N THR A 352 -8.60 -25.98 37.07
CA THR A 352 -7.22 -26.30 36.72
C THR A 352 -6.70 -27.40 37.65
N PRO A 353 -6.07 -28.46 37.07
CA PRO A 353 -5.48 -29.52 37.89
C PRO A 353 -4.54 -28.98 38.97
N GLY A 354 -4.77 -29.40 40.21
CA GLY A 354 -3.96 -28.95 41.34
C GLY A 354 -4.64 -27.88 42.17
N PHE A 355 -5.66 -27.24 41.59
CA PHE A 355 -6.45 -26.21 42.29
C PHE A 355 -7.92 -26.62 42.53
N MET A 356 -8.37 -27.68 41.86
CA MET A 356 -9.74 -28.16 42.02
C MET A 356 -9.87 -28.94 43.32
N ALA A 357 -10.92 -28.63 44.08
CA ALA A 357 -11.13 -29.24 45.39
C ALA A 357 -11.59 -30.69 45.26
N PRO A 358 -11.33 -31.51 46.30
CA PRO A 358 -11.72 -32.92 46.32
C PRO A 358 -13.18 -33.18 45.94
N GLU A 359 -14.12 -32.44 46.54
CA GLU A 359 -15.54 -32.62 46.26
C GLU A 359 -15.87 -32.41 44.78
N LEU A 360 -15.11 -31.55 44.12
CA LEU A 360 -15.23 -31.35 42.68
C LEU A 360 -14.65 -32.55 41.92
N LEU A 361 -13.45 -32.97 42.31
CA LEU A 361 -12.78 -34.11 41.68
C LEU A 361 -13.58 -35.41 41.79
N LEU A 362 -14.32 -35.55 42.88
CA LEU A 362 -15.15 -36.75 43.11
C LEU A 362 -16.49 -36.73 42.36
N GLY A 363 -16.77 -35.63 41.66
CA GLY A 363 -18.01 -35.51 40.88
C GLY A 363 -19.24 -35.24 41.73
N GLU A 364 -19.03 -34.66 42.91
CA GLU A 364 -20.10 -34.40 43.85
C GLU A 364 -20.55 -32.93 43.76
N GLU A 365 -21.60 -32.60 44.50
CA GLU A 365 -22.10 -31.22 44.55
C GLU A 365 -21.17 -30.35 45.39
N TYR A 366 -21.08 -29.07 45.03
CA TYR A 366 -20.20 -28.13 45.73
C TYR A 366 -20.74 -26.70 45.63
N ASP A 367 -20.28 -25.85 46.56
CA ASP A 367 -20.68 -24.44 46.58
C ASP A 367 -19.43 -23.55 46.46
N PHE A 368 -19.40 -22.44 47.19
CA PHE A 368 -18.30 -21.48 47.13
C PHE A 368 -16.99 -22.02 47.71
N SER A 369 -17.09 -23.10 48.50
CA SER A 369 -15.94 -23.70 49.17
C SER A 369 -14.79 -24.07 48.21
N VAL A 370 -15.11 -24.42 46.97
CA VAL A 370 -14.08 -24.78 45.97
C VAL A 370 -13.09 -23.65 45.72
N ASP A 371 -13.57 -22.41 45.75
CA ASP A 371 -12.71 -21.24 45.54
C ASP A 371 -11.73 -21.04 46.69
N TYR A 372 -12.16 -21.39 47.90
CA TYR A 372 -11.30 -21.24 49.08
C TYR A 372 -10.20 -22.30 49.15
N PHE A 373 -10.47 -23.49 48.63
CA PHE A 373 -9.45 -24.52 48.49
C PHE A 373 -8.35 -24.01 47.55
N ALA A 374 -8.78 -23.47 46.41
CA ALA A 374 -7.86 -22.89 45.44
C ALA A 374 -7.05 -21.74 46.04
N LEU A 375 -7.68 -20.96 46.92
CA LEU A 375 -6.99 -19.88 47.63
C LEU A 375 -5.87 -20.43 48.50
N GLY A 376 -6.16 -21.52 49.21
CA GLY A 376 -5.16 -22.20 50.03
C GLY A 376 -3.96 -22.66 49.22
N VAL A 377 -4.24 -23.20 48.03
CA VAL A 377 -3.18 -23.64 47.12
C VAL A 377 -2.41 -22.44 46.60
N THR A 378 -3.14 -21.37 46.27
CA THR A 378 -2.53 -20.16 45.74
C THR A 378 -1.59 -19.53 46.76
N LEU A 379 -2.04 -19.43 48.01
CA LEU A 379 -1.20 -18.89 49.08
C LEU A 379 0.00 -19.80 49.36
N TYR A 380 -0.22 -21.11 49.37
CA TYR A 380 0.87 -22.06 49.57
C TYR A 380 1.96 -21.86 48.53
N GLU A 381 1.55 -21.69 47.27
CA GLU A 381 2.50 -21.54 46.17
C GLU A 381 3.23 -20.19 46.21
N MET A 382 2.57 -19.16 46.74
CA MET A 382 3.20 -17.85 46.89
C MET A 382 4.37 -17.88 47.87
N ILE A 383 4.21 -18.62 48.97
CA ILE A 383 5.23 -18.71 50.01
C ILE A 383 6.26 -19.79 49.69
N ALA A 384 5.78 -20.99 49.38
CA ALA A 384 6.65 -22.15 49.16
C ALA A 384 7.39 -22.12 47.82
N ALA A 385 6.85 -21.37 46.85
CA ALA A 385 7.34 -21.39 45.46
C ALA A 385 7.26 -22.81 44.88
N ARG A 386 6.15 -23.49 45.21
CA ARG A 386 5.81 -24.80 44.65
C ARG A 386 4.40 -25.16 45.12
N GLY A 387 3.75 -26.09 44.42
CA GLY A 387 2.43 -26.56 44.81
C GLY A 387 2.51 -27.37 46.09
N PRO A 388 1.39 -27.48 46.83
CA PRO A 388 1.38 -28.31 48.02
C PRO A 388 1.45 -29.82 47.71
N PHE A 389 1.14 -30.19 46.47
CA PHE A 389 1.12 -31.60 46.06
C PHE A 389 2.23 -31.99 45.08
N ARG A 390 3.12 -31.04 44.74
CA ARG A 390 4.31 -31.35 43.91
C ARG A 390 5.57 -30.66 44.42
N ALA A 391 6.74 -31.18 44.03
CA ALA A 391 7.99 -30.47 44.19
C ALA A 391 8.11 -29.38 43.13
N ARG A 392 9.11 -28.51 43.26
CA ARG A 392 9.36 -27.45 42.30
C ARG A 392 9.63 -28.05 40.91
N GLY A 393 8.92 -27.57 39.88
CA GLY A 393 9.16 -28.02 38.50
C GLY A 393 8.76 -29.45 38.16
N GLU A 394 8.12 -30.16 39.09
CA GLU A 394 7.67 -31.54 38.86
C GLU A 394 6.47 -31.58 37.92
N LYS A 395 6.60 -32.33 36.83
CA LYS A 395 5.50 -32.56 35.89
C LYS A 395 4.80 -33.87 36.25
N VAL A 396 3.49 -33.78 36.51
CA VAL A 396 2.67 -34.94 36.91
C VAL A 396 1.41 -35.01 36.05
N GLU A 397 1.05 -36.22 35.66
CA GLU A 397 -0.15 -36.44 34.86
C GLU A 397 -1.39 -36.18 35.70
N ASN A 398 -2.50 -35.86 35.04
CA ASN A 398 -3.73 -35.44 35.72
C ASN A 398 -4.33 -36.51 36.63
N LYS A 399 -4.19 -37.79 36.27
CA LYS A 399 -4.69 -38.88 37.12
C LYS A 399 -3.85 -38.99 38.39
N GLU A 400 -2.54 -38.79 38.27
CA GLU A 400 -1.62 -38.86 39.40
C GLU A 400 -1.87 -37.71 40.37
N LEU A 401 -2.03 -36.50 39.83
CA LEU A 401 -2.30 -35.31 40.63
C LEU A 401 -3.69 -35.35 41.29
N LYS A 402 -4.63 -36.03 40.65
CA LYS A 402 -5.97 -36.23 41.22
C LYS A 402 -5.92 -37.07 42.49
N GLN A 403 -5.12 -38.14 42.46
CA GLN A 403 -4.94 -39.02 43.62
C GLN A 403 -4.29 -38.30 44.80
N ARG A 404 -3.32 -37.45 44.51
CA ARG A 404 -2.61 -36.69 45.54
C ARG A 404 -3.52 -35.72 46.28
N VAL A 405 -4.37 -35.01 45.53
CA VAL A 405 -5.29 -34.04 46.14
C VAL A 405 -6.30 -34.76 47.05
N LEU A 406 -6.77 -35.92 46.63
CA LEU A 406 -7.75 -36.68 47.39
C LEU A 406 -7.18 -37.38 48.63
N GLU A 407 -5.88 -37.73 48.58
CA GLU A 407 -5.29 -38.62 49.59
C GLU A 407 -4.07 -38.04 50.33
N GLN A 408 -3.20 -37.30 49.61
CA GLN A 408 -1.94 -36.83 50.18
C GLN A 408 -2.14 -35.72 51.21
N ALA A 409 -1.46 -35.85 52.35
CA ALA A 409 -1.45 -34.81 53.38
C ALA A 409 -0.38 -33.78 53.03
N VAL A 410 -0.71 -32.51 53.25
CA VAL A 410 0.19 -31.41 52.88
C VAL A 410 1.24 -31.19 53.98
N THR A 411 2.50 -31.17 53.56
CA THR A 411 3.62 -30.86 54.46
C THR A 411 4.04 -29.40 54.30
N TYR A 412 4.61 -28.83 55.36
CA TYR A 412 4.93 -27.41 55.39
C TYR A 412 6.40 -27.16 55.76
N PRO A 413 7.18 -26.55 54.85
CA PRO A 413 8.57 -26.18 55.18
C PRO A 413 8.66 -25.01 56.16
N ASP A 414 9.89 -24.63 56.52
CA ASP A 414 10.14 -23.68 57.60
C ASP A 414 9.78 -22.22 57.28
N LYS A 415 9.60 -21.90 56.00
CA LYS A 415 9.26 -20.53 55.57
C LYS A 415 7.86 -20.13 56.05
N PHE A 416 6.99 -21.12 56.20
CA PHE A 416 5.65 -20.89 56.72
C PHE A 416 5.70 -20.60 58.22
N SER A 417 5.05 -19.51 58.63
CA SER A 417 4.89 -19.17 60.04
C SER A 417 3.71 -19.98 60.59
N PRO A 418 3.50 -19.94 61.92
CA PRO A 418 2.33 -20.61 62.49
C PRO A 418 1.01 -20.15 61.88
N ALA A 419 0.90 -18.85 61.60
CA ALA A 419 -0.33 -18.28 61.01
C ALA A 419 -0.56 -18.77 59.58
N SER A 420 0.50 -18.75 58.76
CA SER A 420 0.42 -19.21 57.38
C SER A 420 0.02 -20.67 57.29
N LYS A 421 0.69 -21.49 58.08
CA LYS A 421 0.40 -22.93 58.13
C LYS A 421 -1.05 -23.15 58.54
N ASP A 422 -1.45 -22.58 59.67
CA ASP A 422 -2.80 -22.75 60.20
C ASP A 422 -3.86 -22.34 59.19
N PHE A 423 -3.62 -21.23 58.49
CA PHE A 423 -4.55 -20.70 57.51
C PHE A 423 -4.66 -21.62 56.29
N CYS A 424 -3.51 -22.03 55.75
CA CYS A 424 -3.48 -22.96 54.62
C CYS A 424 -4.08 -24.32 54.99
N GLU A 425 -3.80 -24.79 56.20
CA GLU A 425 -4.41 -26.03 56.71
C GLU A 425 -5.94 -25.91 56.77
N ALA A 426 -6.43 -24.75 57.17
CA ALA A 426 -7.86 -24.49 57.23
C ALA A 426 -8.50 -24.45 55.84
N LEU A 427 -7.79 -23.87 54.88
CA LEU A 427 -8.29 -23.75 53.51
C LEU A 427 -8.15 -25.04 52.69
N LEU A 428 -7.10 -25.82 52.98
CA LEU A 428 -6.83 -27.06 52.22
C LEU A 428 -7.53 -28.28 52.81
N GLN A 429 -8.51 -28.06 53.70
CA GLN A 429 -9.35 -29.14 54.22
C GLN A 429 -10.03 -29.86 53.06
N LYS A 430 -9.88 -31.18 53.03
CA LYS A 430 -10.48 -32.00 51.98
C LYS A 430 -12.00 -32.04 52.08
N ASP A 431 -12.51 -32.04 53.31
CA ASP A 431 -13.94 -31.98 53.58
C ASP A 431 -14.38 -30.51 53.52
N PRO A 432 -15.32 -30.18 52.60
CA PRO A 432 -15.74 -28.77 52.51
C PRO A 432 -16.56 -28.26 53.71
N GLU A 433 -17.09 -29.17 54.52
CA GLU A 433 -17.80 -28.80 55.75
C GLU A 433 -16.84 -28.27 56.83
N LYS A 434 -15.65 -28.86 56.90
CA LYS A 434 -14.61 -28.44 57.84
C LYS A 434 -13.77 -27.25 57.32
N ARG A 435 -13.91 -26.94 56.04
CA ARG A 435 -13.07 -25.94 55.38
C ARG A 435 -13.53 -24.52 55.70
N LEU A 436 -12.55 -23.63 55.90
CA LEU A 436 -12.84 -22.22 56.15
C LEU A 436 -13.25 -21.53 54.85
N GLY A 437 -14.13 -20.55 54.96
CA GLY A 437 -14.59 -19.81 53.78
C GLY A 437 -15.79 -18.91 54.02
N PHE A 438 -16.80 -19.05 53.17
CA PHE A 438 -17.97 -18.19 53.17
C PHE A 438 -18.98 -18.64 54.22
N ARG A 439 -19.24 -17.79 55.21
CA ARG A 439 -20.18 -18.09 56.29
C ARG A 439 -21.06 -16.88 56.59
N ASP A 440 -22.37 -17.11 56.70
CA ASP A 440 -23.33 -16.06 57.07
C ASP A 440 -23.28 -14.86 56.12
N GLY A 441 -23.17 -15.12 54.83
CA GLY A 441 -23.20 -14.09 53.81
C GLY A 441 -21.96 -13.21 53.70
N SER A 442 -20.84 -13.66 54.29
CA SER A 442 -19.59 -12.89 54.23
C SER A 442 -18.36 -13.73 54.56
N CYS A 443 -17.20 -13.11 54.41
CA CYS A 443 -15.93 -13.70 54.84
C CYS A 443 -15.43 -13.07 56.14
N ASP A 444 -16.33 -12.46 56.91
CA ASP A 444 -15.96 -11.77 58.15
C ASP A 444 -15.25 -12.71 59.14
N GLY A 445 -15.71 -13.96 59.22
CA GLY A 445 -15.07 -14.96 60.07
C GLY A 445 -13.65 -15.29 59.62
N LEU A 446 -13.44 -15.27 58.31
CA LEU A 446 -12.12 -15.52 57.72
C LEU A 446 -11.16 -14.36 58.01
N ARG A 447 -11.68 -13.13 58.00
CA ARG A 447 -10.88 -11.93 58.27
C ARG A 447 -10.25 -11.93 59.66
N THR A 448 -10.93 -12.55 60.63
CA THR A 448 -10.50 -12.54 62.02
C THR A 448 -9.37 -13.55 62.32
N HIS A 449 -8.84 -14.20 61.29
CA HIS A 449 -7.71 -15.11 61.47
C HIS A 449 -6.45 -14.30 61.82
N PRO A 450 -5.58 -14.84 62.70
CA PRO A 450 -4.38 -14.11 63.10
C PRO A 450 -3.38 -13.80 61.98
N LEU A 451 -3.56 -14.40 60.81
CA LEU A 451 -2.71 -14.12 59.65
C LEU A 451 -2.86 -12.67 59.20
N PHE A 452 -4.08 -12.15 59.27
CA PHE A 452 -4.37 -10.77 58.84
C PHE A 452 -4.32 -9.79 60.01
N ARG A 453 -3.42 -10.05 60.97
CA ARG A 453 -3.29 -9.23 62.18
C ARG A 453 -2.95 -7.78 61.84
N ASP A 454 -2.06 -7.60 60.86
CA ASP A 454 -1.55 -6.29 60.48
C ASP A 454 -2.25 -5.71 59.25
N ILE A 455 -3.41 -6.28 58.90
CA ILE A 455 -4.17 -5.81 57.74
C ILE A 455 -5.36 -4.97 58.20
N SER A 456 -5.39 -3.73 57.71
CA SER A 456 -6.54 -2.86 57.93
C SER A 456 -7.55 -3.08 56.80
N TRP A 457 -8.48 -4.00 57.04
CA TRP A 457 -9.48 -4.39 56.02
C TRP A 457 -10.24 -3.21 55.47
N ARG A 458 -10.60 -2.33 56.38
CA ARG A 458 -11.25 -1.13 56.07
C ARG A 458 -10.52 -0.29 54.99
N GLN A 459 -9.22 -0.07 55.17
CA GLN A 459 -8.39 0.65 54.21
C GLN A 459 -8.09 -0.19 52.96
N LEU A 460 -7.90 -1.49 53.15
CA LEU A 460 -7.66 -2.39 52.03
C LEU A 460 -8.79 -2.32 51.01
N GLU A 461 -10.02 -2.43 51.48
CA GLU A 461 -11.20 -2.44 50.62
C GLU A 461 -11.45 -1.09 49.92
N ALA A 462 -10.95 -0.01 50.51
CA ALA A 462 -11.03 1.31 49.89
C ALA A 462 -9.81 1.63 49.03
N GLY A 463 -8.87 0.69 48.93
CA GLY A 463 -7.67 0.86 48.11
C GLY A 463 -6.70 1.89 48.66
N MET A 464 -6.70 2.05 49.99
CA MET A 464 -5.87 3.05 50.65
C MET A 464 -4.50 2.51 51.04
N LEU A 465 -4.42 1.21 51.34
CA LEU A 465 -3.17 0.61 51.81
C LEU A 465 -2.08 0.65 50.75
N THR A 466 -0.86 0.96 51.17
CA THR A 466 0.29 0.95 50.29
C THR A 466 0.68 -0.50 50.02
N PRO A 467 0.76 -0.90 48.74
CA PRO A 467 1.18 -2.26 48.44
C PRO A 467 2.63 -2.54 48.87
N PRO A 468 2.92 -3.80 49.22
CA PRO A 468 4.24 -4.19 49.72
C PRO A 468 5.33 -4.17 48.64
N PHE A 469 4.98 -4.55 47.42
CA PHE A 469 5.89 -4.52 46.28
C PHE A 469 5.26 -3.75 45.13
N VAL A 470 6.02 -2.82 44.56
CA VAL A 470 5.59 -2.03 43.40
C VAL A 470 6.33 -2.54 42.17
N PRO A 471 5.59 -3.00 41.14
CA PRO A 471 6.25 -3.46 39.91
C PRO A 471 6.97 -2.33 39.17
N ASP A 472 8.10 -2.66 38.54
CA ASP A 472 8.87 -1.67 37.78
C ASP A 472 8.28 -1.54 36.38
N SER A 473 7.90 -0.32 36.00
CA SER A 473 7.28 -0.07 34.68
C SER A 473 8.25 -0.31 33.52
N ARG A 474 9.55 -0.14 33.77
CA ARG A 474 10.60 -0.50 32.80
C ARG A 474 10.59 -2.00 32.54
N THR A 475 10.51 -2.78 33.61
CA THR A 475 10.54 -4.24 33.53
C THR A 475 9.22 -4.79 32.96
N VAL A 476 9.33 -5.77 32.06
CA VAL A 476 8.18 -6.47 31.49
C VAL A 476 8.10 -7.84 32.15
N TYR A 477 7.03 -8.08 32.90
CA TYR A 477 6.89 -9.28 33.72
C TYR A 477 6.09 -10.38 33.00
N ALA A 478 6.66 -10.93 31.92
CA ALA A 478 6.00 -11.97 31.13
C ALA A 478 6.98 -12.88 30.39
N LYS A 479 6.45 -13.92 29.72
CA LYS A 479 7.24 -14.82 28.83
C LYS A 479 6.71 -14.86 27.37
N ASN A 480 5.39 -15.09 27.23
CA ASN A 480 4.81 -15.74 26.04
C ASN A 480 4.97 -15.02 24.72
N ILE A 481 4.85 -15.76 23.61
CA ILE A 481 4.79 -15.16 22.28
C ILE A 481 3.41 -14.53 22.04
N LYS A 491 -11.22 -24.00 7.22
CA LYS A 491 -11.85 -23.51 8.44
C LYS A 491 -12.95 -22.50 8.05
N GLY A 492 -13.71 -22.85 7.01
CA GLY A 492 -14.72 -21.98 6.40
C GLY A 492 -16.16 -22.36 6.69
N VAL A 493 -16.84 -21.55 7.50
CA VAL A 493 -18.28 -21.70 7.75
C VAL A 493 -19.00 -20.36 7.61
N ALA A 494 -20.27 -20.43 7.20
CA ALA A 494 -21.11 -19.25 6.99
C ALA A 494 -21.98 -18.96 8.22
N PHE A 495 -22.25 -17.68 8.48
CA PHE A 495 -23.07 -17.28 9.64
C PHE A 495 -24.57 -17.29 9.36
N GLU A 496 -25.33 -17.83 10.30
CA GLU A 496 -26.80 -17.87 10.27
C GLU A 496 -27.41 -16.73 11.11
N LYS A 497 -28.74 -16.71 11.21
CA LYS A 497 -29.45 -15.67 11.95
C LYS A 497 -29.15 -15.74 13.45
N ALA A 498 -29.10 -16.96 13.99
CA ALA A 498 -28.86 -17.18 15.43
C ALA A 498 -27.48 -16.69 15.89
N ASP A 499 -26.52 -16.67 14.99
CA ASP A 499 -25.16 -16.19 15.29
C ASP A 499 -25.14 -14.67 15.44
N THR A 500 -25.65 -13.97 14.42
CA THR A 500 -25.70 -12.51 14.42
C THR A 500 -26.63 -11.98 15.52
N GLU A 501 -27.73 -12.69 15.78
CA GLU A 501 -28.64 -12.38 16.88
C GLU A 501 -27.94 -12.49 18.24
N PHE A 502 -27.07 -13.49 18.36
CA PHE A 502 -26.26 -13.69 19.58
C PHE A 502 -25.20 -12.59 19.73
N PHE A 503 -24.53 -12.24 18.63
CA PHE A 503 -23.46 -11.24 18.67
C PHE A 503 -23.97 -9.85 19.08
N GLN A 504 -25.16 -9.49 18.62
CA GLN A 504 -25.79 -8.24 19.04
C GLN A 504 -26.12 -8.24 20.54
N GLU A 505 -26.65 -9.35 21.03
CA GLU A 505 -26.89 -9.52 22.47
C GLU A 505 -25.59 -9.44 23.26
N PHE A 506 -24.52 -9.99 22.70
CA PHE A 506 -23.19 -9.94 23.33
C PHE A 506 -22.68 -8.52 23.34
N ALA A 507 -22.75 -7.84 22.20
CA ALA A 507 -22.28 -6.46 22.07
C ALA A 507 -23.26 -5.51 22.74
N SER A 508 -23.26 -5.53 24.07
CA SER A 508 -24.19 -4.75 24.87
C SER A 508 -23.78 -3.27 24.94
N GLY A 509 -22.53 -2.98 24.60
CA GLY A 509 -22.05 -1.62 24.48
C GLY A 509 -21.28 -1.17 25.71
N THR A 510 -21.52 0.07 26.12
CA THR A 510 -20.77 0.71 27.19
C THR A 510 -21.33 0.36 28.57
N CYS A 511 -20.45 -0.05 29.48
CA CYS A 511 -20.82 -0.28 30.87
C CYS A 511 -20.85 1.06 31.60
N PRO A 512 -22.00 1.42 32.19
CA PRO A 512 -22.17 2.74 32.80
C PRO A 512 -21.13 3.17 33.84
N ILE A 513 -20.88 2.36 34.87
CA ILE A 513 -20.01 2.79 35.96
C ILE A 513 -18.54 2.94 35.53
N PRO A 514 -17.97 1.91 34.90
CA PRO A 514 -16.60 2.05 34.42
C PRO A 514 -16.39 3.22 33.46
N TRP A 515 -17.40 3.52 32.65
CA TRP A 515 -17.34 4.66 31.74
C TRP A 515 -17.29 5.97 32.50
N GLN A 516 -18.16 6.11 33.50
CA GLN A 516 -18.19 7.31 34.33
C GLN A 516 -16.88 7.50 35.09
N GLU A 517 -16.35 6.39 35.62
CA GLU A 517 -15.03 6.42 36.26
C GLU A 517 -14.00 6.98 35.29
N GLU A 518 -14.04 6.52 34.04
CA GLU A 518 -13.10 6.95 33.02
C GLU A 518 -13.21 8.44 32.74
N MET A 519 -14.44 8.94 32.58
CA MET A 519 -14.67 10.35 32.31
C MET A 519 -14.10 11.24 33.42
N ILE A 520 -14.24 10.80 34.66
CA ILE A 520 -13.72 11.54 35.81
C ILE A 520 -12.20 11.43 35.93
N GLU A 521 -11.69 10.19 35.91
CA GLU A 521 -10.25 9.94 36.03
C GLU A 521 -9.42 10.77 35.04
N THR A 522 -9.90 10.88 33.81
CA THR A 522 -9.18 11.54 32.74
C THR A 522 -9.46 13.04 32.64
N GLY A 523 -10.30 13.55 33.53
CA GLY A 523 -10.60 14.99 33.57
C GLY A 523 -11.56 15.46 32.49
N VAL A 524 -12.11 14.54 31.71
CA VAL A 524 -13.08 14.90 30.68
C VAL A 524 -14.37 15.40 31.34
N PHE A 525 -14.74 14.79 32.47
CA PHE A 525 -15.89 15.26 33.24
C PHE A 525 -15.68 16.69 33.71
N GLY A 526 -14.58 16.95 34.41
CA GLY A 526 -14.24 18.29 34.87
C GLY A 526 -14.22 19.31 33.74
N ASP A 527 -13.66 18.93 32.61
CA ASP A 527 -13.52 19.82 31.45
C ASP A 527 -14.87 20.20 30.80
N LEU A 528 -15.71 19.20 30.54
CA LEU A 528 -17.00 19.44 29.88
C LEU A 528 -18.08 19.93 30.84
N ASN A 529 -17.95 19.63 32.13
CA ASN A 529 -18.98 19.97 33.11
C ASN A 529 -18.78 21.36 33.75
N VAL A 530 -18.50 22.35 32.92
CA VAL A 530 -18.24 23.72 33.38
C VAL A 530 -19.50 24.57 33.31
N TRP A 531 -19.45 25.74 33.93
CA TRP A 531 -20.58 26.67 33.93
C TRP A 531 -20.13 28.09 33.57
N ARG A 532 -19.00 28.53 34.13
CA ARG A 532 -18.51 29.89 33.93
C ARG A 532 -16.97 29.98 33.92
N PRO A 533 -16.35 29.90 32.73
CA PRO A 533 -14.92 30.16 32.61
C PRO A 533 -14.56 31.63 32.79
N SER B 30 9.83 11.00 -11.96
CA SER B 30 11.24 10.75 -11.49
C SER B 30 12.31 11.40 -12.36
N ARG B 31 12.99 12.40 -11.80
CA ARG B 31 14.13 13.05 -12.40
C ARG B 31 15.11 13.36 -11.31
N ASP B 32 16.28 13.86 -11.73
CA ASP B 32 17.18 14.53 -10.82
C ASP B 32 17.10 16.03 -11.11
N ARG B 33 16.68 16.80 -10.12
CA ARG B 33 16.50 18.25 -10.28
C ARG B 33 17.83 19.00 -10.35
N LYS B 34 18.89 18.38 -9.83
CA LYS B 34 20.24 18.95 -9.91
C LYS B 34 20.68 19.08 -11.36
N TYR B 35 20.42 18.05 -12.17
CA TYR B 35 20.80 18.03 -13.58
C TYR B 35 19.80 18.73 -14.48
N LEU B 36 18.55 18.81 -14.04
CA LEU B 36 17.53 19.60 -14.75
C LEU B 36 17.84 21.08 -14.65
N ALA B 37 18.41 21.49 -13.51
CA ALA B 37 18.84 22.87 -13.30
C ALA B 37 19.94 23.30 -14.28
N ARG B 38 20.75 22.35 -14.72
CA ARG B 38 21.79 22.64 -15.71
C ARG B 38 21.22 22.91 -17.11
N LEU B 39 20.02 22.40 -17.36
CA LEU B 39 19.31 22.74 -18.59
C LEU B 39 18.63 24.09 -18.40
N LYS B 40 19.40 25.16 -18.62
CA LYS B 40 18.89 26.51 -18.57
C LYS B 40 19.43 27.30 -19.74
N LEU B 41 18.57 28.11 -20.34
CA LEU B 41 18.91 28.84 -21.56
C LEU B 41 19.99 29.89 -21.25
N PRO B 42 20.99 30.01 -22.14
CA PRO B 42 22.08 30.95 -21.93
C PRO B 42 21.68 32.38 -22.25
N PRO B 43 22.47 33.37 -21.78
CA PRO B 43 22.31 34.74 -22.28
C PRO B 43 22.61 34.81 -23.77
N LEU B 44 22.07 35.82 -24.44
CA LEU B 44 22.13 35.91 -25.90
C LEU B 44 23.55 36.11 -26.42
N SER B 45 24.39 36.78 -25.64
CA SER B 45 25.79 37.04 -26.01
C SER B 45 26.59 35.74 -26.22
N LYS B 46 26.26 34.69 -25.48
CA LYS B 46 26.92 33.40 -25.63
C LYS B 46 26.54 32.66 -26.92
N CYS B 47 25.55 33.18 -27.65
CA CYS B 47 25.08 32.56 -28.89
C CYS B 47 25.57 33.28 -30.14
N GLU B 48 26.41 34.30 -29.98
CA GLU B 48 26.94 35.08 -31.12
C GLU B 48 27.88 34.23 -31.97
N ALA B 49 28.79 33.51 -31.30
CA ALA B 49 29.74 32.64 -31.97
C ALA B 49 29.02 31.54 -32.76
N LEU B 50 28.03 30.93 -32.12
CA LEU B 50 27.26 29.84 -32.72
C LEU B 50 26.48 30.31 -33.95
N ARG B 51 26.04 31.56 -33.96
CA ARG B 51 25.25 32.13 -35.05
C ARG B 51 25.95 32.08 -36.41
N GLU B 52 27.28 32.19 -36.39
CA GLU B 52 28.08 32.17 -37.62
C GLU B 52 28.43 30.75 -38.04
N SER B 53 28.82 29.92 -37.07
CA SER B 53 29.27 28.55 -37.32
C SER B 53 28.12 27.56 -37.26
N LEU B 54 27.12 27.75 -38.11
CA LEU B 54 25.90 26.94 -38.04
C LEU B 54 25.14 27.00 -39.35
N ASP B 55 24.58 25.85 -39.76
CA ASP B 55 23.83 25.76 -41.01
C ASP B 55 22.44 26.38 -40.84
N LEU B 56 22.23 27.53 -41.48
CA LEU B 56 20.97 28.27 -41.38
C LEU B 56 20.07 28.04 -42.60
N GLY B 57 20.13 26.84 -43.17
CA GLY B 57 19.28 26.48 -44.29
C GLY B 57 17.87 26.26 -43.79
N PHE B 58 16.89 26.69 -44.57
CA PHE B 58 15.48 26.56 -44.20
C PHE B 58 15.09 25.10 -43.99
N GLU B 59 15.46 24.25 -44.95
CA GLU B 59 15.17 22.82 -44.86
C GLU B 59 15.84 22.21 -43.63
N GLY B 60 17.11 22.53 -43.42
CA GLY B 60 17.88 21.98 -42.30
C GLY B 60 17.44 22.45 -40.94
N MET B 61 17.00 23.70 -40.87
CA MET B 61 16.66 24.31 -39.58
C MET B 61 15.18 24.16 -39.23
N CYS B 62 14.29 24.57 -40.14
CA CYS B 62 12.86 24.64 -39.82
C CYS B 62 12.05 23.40 -40.19
N LEU B 63 12.66 22.43 -40.89
CA LEU B 63 11.96 21.20 -41.24
C LEU B 63 12.56 19.95 -40.57
N GLU B 64 13.88 19.80 -40.65
CA GLU B 64 14.56 18.59 -40.17
C GLU B 64 14.89 18.57 -38.66
N GLN B 65 15.04 19.75 -38.06
CA GLN B 65 15.28 19.87 -36.62
C GLN B 65 14.00 20.18 -35.86
N PRO B 66 13.55 19.25 -34.99
CA PRO B 66 12.28 19.40 -34.28
C PRO B 66 12.06 20.74 -33.56
N ILE B 67 13.07 21.22 -32.83
CA ILE B 67 12.94 22.47 -32.09
C ILE B 67 12.88 23.67 -33.03
N GLY B 68 13.63 23.60 -34.13
CA GLY B 68 13.58 24.64 -35.14
C GLY B 68 12.20 24.75 -35.76
N LYS B 69 11.65 23.60 -36.14
CA LYS B 69 10.30 23.52 -36.71
C LYS B 69 9.27 24.04 -35.73
N ARG B 70 9.41 23.62 -34.48
CA ARG B 70 8.49 24.02 -33.43
C ARG B 70 8.53 25.54 -33.27
N LEU B 71 9.72 26.11 -33.20
CA LEU B 71 9.89 27.55 -33.02
C LEU B 71 9.46 28.33 -34.27
N PHE B 72 9.68 27.74 -35.44
CA PHE B 72 9.24 28.37 -36.68
C PHE B 72 7.72 28.44 -36.76
N GLN B 73 7.04 27.36 -36.35
CA GLN B 73 5.58 27.33 -36.34
C GLN B 73 4.98 28.26 -35.29
N GLN B 74 5.65 28.41 -34.14
CA GLN B 74 5.23 29.41 -33.14
C GLN B 74 5.30 30.82 -33.71
N PHE B 75 6.36 31.09 -34.46
CA PHE B 75 6.51 32.38 -35.13
C PHE B 75 5.34 32.63 -36.09
N LEU B 76 5.01 31.63 -36.90
CA LEU B 76 3.92 31.75 -37.88
C LEU B 76 2.57 31.92 -37.19
N ARG B 77 2.34 31.14 -36.14
CA ARG B 77 1.13 31.27 -35.32
C ARG B 77 0.91 32.68 -34.78
N THR B 78 1.97 33.36 -34.36
CA THR B 78 1.84 34.70 -33.77
C THR B 78 1.81 35.83 -34.80
N HIS B 79 1.81 35.48 -36.09
CA HIS B 79 1.71 36.47 -37.16
C HIS B 79 0.53 36.13 -38.07
N GLU B 80 -0.51 36.96 -37.97
CA GLU B 80 -1.79 36.75 -38.66
C GLU B 80 -1.63 36.38 -40.14
N GLN B 81 -0.76 37.10 -40.85
CA GLN B 81 -0.59 36.91 -42.29
C GLN B 81 -0.12 35.50 -42.68
N HIS B 82 0.62 34.83 -41.80
CA HIS B 82 1.12 33.48 -42.08
C HIS B 82 0.21 32.38 -41.54
N GLY B 83 -0.90 32.76 -40.93
CA GLY B 83 -1.87 31.80 -40.38
C GLY B 83 -2.37 30.77 -41.40
N PRO B 84 -2.84 31.23 -42.57
CA PRO B 84 -3.29 30.31 -43.62
C PRO B 84 -2.24 29.27 -44.00
N ALA B 85 -1.01 29.72 -44.27
CA ALA B 85 0.06 28.81 -44.67
C ALA B 85 0.39 27.79 -43.57
N LEU B 86 0.36 28.24 -42.31
CA LEU B 86 0.66 27.37 -41.17
C LEU B 86 -0.40 26.28 -41.03
N GLN B 87 -1.66 26.68 -41.08
CA GLN B 87 -2.77 25.75 -40.87
C GLN B 87 -2.92 24.77 -42.03
N LEU B 88 -2.65 25.23 -43.26
CA LEU B 88 -2.61 24.34 -44.41
C LEU B 88 -1.49 23.31 -44.26
N TRP B 89 -0.32 23.78 -43.84
CA TRP B 89 0.82 22.90 -43.61
C TRP B 89 0.46 21.81 -42.61
N LYS B 90 -0.12 22.21 -41.48
CA LYS B 90 -0.54 21.27 -40.44
C LYS B 90 -1.58 20.27 -40.94
N ASP B 91 -2.57 20.75 -41.69
CA ASP B 91 -3.67 19.91 -42.15
C ASP B 91 -3.24 18.89 -43.20
N ILE B 92 -2.22 19.23 -43.99
CA ILE B 92 -1.65 18.27 -44.94
C ILE B 92 -0.96 17.13 -44.20
N GLU B 93 -0.16 17.49 -43.19
CA GLU B 93 0.52 16.49 -42.36
C GLU B 93 -0.48 15.65 -41.58
N ASP B 94 -1.54 16.30 -41.09
CA ASP B 94 -2.65 15.60 -40.46
C ASP B 94 -3.28 14.60 -41.43
N TYR B 95 -3.55 15.05 -42.65
CA TYR B 95 -4.11 14.18 -43.69
C TYR B 95 -3.21 13.00 -44.02
N ASP B 96 -1.89 13.26 -44.05
CA ASP B 96 -0.92 12.23 -44.41
C ASP B 96 -0.83 11.08 -43.42
N THR B 97 -1.18 11.32 -42.17
CA THR B 97 -1.13 10.29 -41.13
C THR B 97 -2.50 9.79 -40.66
N ALA B 98 -3.58 10.35 -41.22
CA ALA B 98 -4.93 10.00 -40.78
C ALA B 98 -5.36 8.61 -41.25
N ASP B 99 -6.38 8.07 -40.60
CA ASP B 99 -7.01 6.81 -41.02
C ASP B 99 -7.71 6.98 -42.35
N ASP B 100 -7.74 5.91 -43.13
CA ASP B 100 -8.38 5.92 -44.45
C ASP B 100 -9.84 6.38 -44.39
N ALA B 101 -10.52 6.04 -43.31
CA ALA B 101 -11.93 6.42 -43.12
C ALA B 101 -12.12 7.93 -42.97
N LEU B 102 -11.13 8.60 -42.39
CA LEU B 102 -11.19 10.04 -42.14
C LEU B 102 -10.61 10.87 -43.29
N ARG B 103 -9.97 10.22 -44.25
CA ARG B 103 -9.25 10.94 -45.32
C ARG B 103 -10.17 11.70 -46.28
N PRO B 104 -11.25 11.06 -46.75
CA PRO B 104 -12.23 11.78 -47.57
C PRO B 104 -12.73 13.07 -46.90
N GLN B 105 -13.08 12.98 -45.63
CA GLN B 105 -13.57 14.13 -44.90
C GLN B 105 -12.50 15.22 -44.70
N LYS B 106 -11.28 14.81 -44.35
CA LYS B 106 -10.18 15.75 -44.15
C LYS B 106 -9.72 16.41 -45.46
N ALA B 107 -9.79 15.67 -46.56
CA ALA B 107 -9.52 16.23 -47.88
C ALA B 107 -10.55 17.30 -48.24
N GLN B 108 -11.82 17.01 -47.97
CA GLN B 108 -12.91 17.95 -48.22
C GLN B 108 -12.80 19.22 -47.39
N ALA B 109 -12.55 19.06 -46.10
CA ALA B 109 -12.42 20.19 -45.19
C ALA B 109 -11.23 21.08 -45.58
N LEU B 110 -10.14 20.44 -45.96
CA LEU B 110 -8.91 21.12 -46.35
C LEU B 110 -9.14 21.99 -47.58
N ARG B 111 -9.74 21.41 -48.62
CA ARG B 111 -10.03 22.14 -49.85
C ARG B 111 -10.97 23.30 -49.61
N ALA B 112 -11.98 23.09 -48.78
CA ALA B 112 -12.96 24.12 -48.45
C ALA B 112 -12.34 25.26 -47.65
N ALA B 113 -11.39 24.93 -46.77
CA ALA B 113 -10.80 25.92 -45.89
C ALA B 113 -9.74 26.80 -46.56
N TYR B 114 -8.88 26.18 -47.38
CA TYR B 114 -7.69 26.85 -47.92
C TYR B 114 -7.70 27.08 -49.43
N LEU B 115 -8.48 26.28 -50.17
CA LEU B 115 -8.48 26.35 -51.64
C LEU B 115 -9.77 26.93 -52.23
N GLU B 116 -10.41 27.83 -51.49
CA GLU B 116 -11.63 28.50 -51.95
C GLU B 116 -11.43 30.01 -51.78
N PRO B 117 -11.51 30.79 -52.89
CA PRO B 117 -11.23 32.25 -52.86
C PRO B 117 -11.91 33.02 -51.74
N GLN B 118 -13.15 32.65 -51.40
CA GLN B 118 -13.94 33.36 -50.40
C GLN B 118 -13.69 32.88 -48.97
N ALA B 119 -12.96 31.77 -48.80
CA ALA B 119 -12.66 31.22 -47.48
C ALA B 119 -11.75 32.16 -46.70
N GLN B 120 -11.91 32.16 -45.38
CA GLN B 120 -11.16 33.05 -44.51
C GLN B 120 -9.66 32.77 -44.55
N LEU B 121 -9.30 31.48 -44.52
CA LEU B 121 -7.90 31.07 -44.58
C LEU B 121 -7.47 30.69 -45.99
N PHE B 122 -7.99 31.40 -46.99
CA PHE B 122 -7.61 31.15 -48.37
C PHE B 122 -6.14 31.49 -48.58
N CYS B 123 -5.38 30.53 -49.10
CA CYS B 123 -3.96 30.72 -49.35
C CYS B 123 -3.74 31.39 -50.71
N SER B 124 -3.62 32.71 -50.68
CA SER B 124 -3.49 33.52 -51.90
C SER B 124 -2.10 33.45 -52.54
N PHE B 125 -1.12 32.96 -51.79
CA PHE B 125 0.27 32.87 -52.27
C PHE B 125 0.50 31.74 -53.28
N LEU B 126 -0.48 30.85 -53.45
CA LEU B 126 -0.37 29.75 -54.40
C LEU B 126 -0.72 30.23 -55.82
N ASP B 127 -0.27 29.46 -56.82
CA ASP B 127 -0.61 29.75 -58.22
C ASP B 127 -1.99 29.18 -58.52
N ALA B 128 -2.59 29.62 -59.61
CA ALA B 128 -3.87 29.06 -60.06
C ALA B 128 -3.71 27.59 -60.44
N GLU B 129 -2.53 27.22 -60.96
CA GLU B 129 -2.24 25.85 -61.38
C GLU B 129 -2.28 24.88 -60.20
N THR B 130 -1.59 25.24 -59.13
CA THR B 130 -1.46 24.37 -57.95
C THR B 130 -2.79 24.20 -57.21
N VAL B 131 -3.55 25.29 -57.10
CA VAL B 131 -4.85 25.26 -56.41
C VAL B 131 -5.84 24.38 -57.17
N ALA B 132 -5.91 24.55 -58.48
CA ALA B 132 -6.79 23.74 -59.32
C ALA B 132 -6.40 22.26 -59.24
N ARG B 133 -5.11 21.98 -59.35
CA ARG B 133 -4.55 20.63 -59.18
C ARG B 133 -5.03 19.96 -57.89
N ALA B 134 -4.81 20.66 -56.77
CA ALA B 134 -5.13 20.13 -55.45
C ALA B 134 -6.62 19.91 -55.21
N ARG B 135 -7.46 20.66 -55.92
CA ARG B 135 -8.91 20.49 -55.85
C ARG B 135 -9.41 19.22 -56.56
N ALA B 136 -8.57 18.62 -57.39
CA ALA B 136 -8.90 17.40 -58.14
C ALA B 136 -8.17 16.18 -57.60
N GLY B 137 -8.72 15.01 -57.89
CA GLY B 137 -8.06 13.73 -57.57
C GLY B 137 -8.16 13.32 -56.12
N ALA B 138 -8.13 12.02 -55.87
CA ALA B 138 -8.13 11.49 -54.49
C ALA B 138 -7.18 10.29 -54.39
N GLY B 139 -5.90 10.53 -54.66
CA GLY B 139 -4.88 9.47 -54.64
C GLY B 139 -4.16 9.37 -53.31
N ASP B 140 -3.19 8.46 -53.25
CA ASP B 140 -2.37 8.27 -52.04
C ASP B 140 -1.39 9.42 -51.83
N GLY B 141 -0.84 9.94 -52.92
CA GLY B 141 0.10 11.06 -52.87
C GLY B 141 -0.54 12.40 -53.10
N LEU B 142 -1.80 12.55 -52.66
CA LEU B 142 -2.55 13.79 -52.86
C LEU B 142 -1.96 14.86 -51.95
N PHE B 143 -2.05 16.11 -52.38
CA PHE B 143 -1.51 17.26 -51.62
C PHE B 143 0.03 17.28 -51.46
N GLN B 144 0.74 16.39 -52.14
CA GLN B 144 2.20 16.42 -52.11
C GLN B 144 2.78 17.57 -52.93
N PRO B 145 2.22 17.81 -54.13
CA PRO B 145 2.60 19.04 -54.86
C PRO B 145 2.23 20.29 -54.07
N LEU B 146 1.07 20.25 -53.40
CA LEU B 146 0.60 21.36 -52.59
C LEU B 146 1.54 21.64 -51.43
N LEU B 147 2.02 20.58 -50.78
CA LEU B 147 2.95 20.72 -49.66
C LEU B 147 4.27 21.33 -50.11
N ARG B 148 4.80 20.87 -51.25
CA ARG B 148 6.02 21.43 -51.81
C ARG B 148 5.88 22.92 -52.13
N ALA B 149 4.69 23.32 -52.58
CA ALA B 149 4.40 24.72 -52.87
C ALA B 149 4.35 25.57 -51.59
N VAL B 150 3.75 25.02 -50.54
CA VAL B 150 3.63 25.71 -49.25
C VAL B 150 5.01 25.89 -48.63
N LEU B 151 5.79 24.80 -48.58
CA LEU B 151 7.13 24.83 -48.01
C LEU B 151 8.08 25.73 -48.82
N ALA B 152 7.85 25.81 -50.12
CA ALA B 152 8.60 26.73 -50.96
C ALA B 152 8.29 28.17 -50.57
N HIS B 153 6.99 28.46 -50.39
CA HIS B 153 6.55 29.79 -49.99
C HIS B 153 7.10 30.16 -48.62
N LEU B 154 6.94 29.25 -47.65
CA LEU B 154 7.39 29.50 -46.29
C LEU B 154 8.90 29.71 -46.20
N GLY B 155 9.65 29.04 -47.06
CA GLY B 155 11.11 29.16 -47.11
C GLY B 155 11.62 30.48 -47.67
N GLN B 156 10.72 31.28 -48.23
CA GLN B 156 11.06 32.60 -48.75
C GLN B 156 10.82 33.68 -47.68
N ALA B 157 9.76 34.49 -47.85
CA ALA B 157 9.55 35.67 -46.98
C ALA B 157 9.33 35.32 -45.52
N PRO B 158 8.43 34.35 -45.22
CA PRO B 158 8.20 34.00 -43.82
C PRO B 158 9.46 33.55 -43.08
N PHE B 159 10.31 32.78 -43.75
CA PHE B 159 11.58 32.34 -43.17
C PHE B 159 12.50 33.53 -42.88
N GLN B 160 12.57 34.46 -43.83
CA GLN B 160 13.40 35.65 -43.64
C GLN B 160 12.95 36.47 -42.44
N GLU B 161 11.63 36.60 -42.27
CA GLU B 161 11.06 37.32 -41.13
C GLU B 161 11.39 36.59 -39.81
N PHE B 162 11.34 35.26 -39.85
CA PHE B 162 11.68 34.43 -38.70
C PHE B 162 13.11 34.66 -38.21
N LEU B 163 14.06 34.74 -39.15
CA LEU B 163 15.47 34.97 -38.81
C LEU B 163 15.66 36.31 -38.11
N ASP B 164 14.77 37.25 -38.41
CA ASP B 164 14.83 38.60 -37.84
C ASP B 164 13.85 38.75 -36.65
N SER B 165 13.51 37.64 -36.02
CA SER B 165 12.57 37.63 -34.90
C SER B 165 13.18 36.96 -33.67
N LEU B 166 12.53 37.12 -32.52
CA LEU B 166 12.99 36.54 -31.27
C LEU B 166 13.02 35.01 -31.31
N TYR B 167 12.18 34.43 -32.16
CA TYR B 167 12.06 32.98 -32.24
C TYR B 167 13.32 32.32 -32.80
N PHE B 168 14.02 33.02 -33.68
CA PHE B 168 15.29 32.52 -34.21
C PHE B 168 16.38 32.57 -33.14
N LEU B 169 16.42 33.67 -32.39
CA LEU B 169 17.38 33.79 -31.29
C LEU B 169 17.14 32.70 -30.24
N ARG B 170 15.88 32.39 -29.97
CA ARG B 170 15.56 31.31 -29.04
C ARG B 170 16.05 29.96 -29.57
N PHE B 171 15.99 29.77 -30.88
CA PHE B 171 16.54 28.57 -31.50
C PHE B 171 18.04 28.47 -31.23
N LEU B 172 18.75 29.59 -31.35
CA LEU B 172 20.19 29.62 -31.07
C LEU B 172 20.47 29.25 -29.61
N GLN B 173 19.65 29.76 -28.70
CA GLN B 173 19.80 29.44 -27.28
C GLN B 173 19.67 27.94 -27.05
N TRP B 174 18.70 27.31 -27.71
CA TRP B 174 18.54 25.87 -27.60
C TRP B 174 19.70 25.11 -28.23
N LYS B 175 20.24 25.64 -29.32
CA LYS B 175 21.39 25.04 -29.98
C LYS B 175 22.67 25.15 -29.13
N TRP B 176 22.82 26.25 -28.42
CA TRP B 176 23.93 26.42 -27.49
C TRP B 176 23.85 25.35 -26.40
N LEU B 177 22.65 25.19 -25.84
CA LEU B 177 22.39 24.23 -24.78
C LEU B 177 22.63 22.80 -25.27
N GLU B 178 22.28 22.58 -26.54
CA GLU B 178 22.48 21.29 -27.21
C GLU B 178 23.96 20.92 -27.29
N ALA B 179 24.81 21.93 -27.44
CA ALA B 179 26.25 21.72 -27.63
C ALA B 179 27.03 21.58 -26.31
N GLN B 180 26.38 21.81 -25.17
CA GLN B 180 27.06 21.70 -23.87
C GLN B 180 27.43 20.26 -23.55
N PRO B 181 28.48 20.05 -22.72
CA PRO B 181 28.92 18.69 -22.42
C PRO B 181 27.88 17.89 -21.64
N MET B 182 27.58 16.67 -22.09
CA MET B 182 26.64 15.78 -21.40
C MET B 182 27.18 14.36 -21.45
N GLY B 183 28.18 14.10 -20.60
CA GLY B 183 28.88 12.81 -20.54
C GLY B 183 28.25 11.80 -19.61
N GLU B 184 29.08 10.91 -19.05
CA GLU B 184 28.57 9.80 -18.24
C GLU B 184 27.81 10.26 -17.00
N ASP B 185 28.26 11.37 -16.41
CA ASP B 185 27.61 11.93 -15.22
C ASP B 185 26.13 12.23 -15.41
N TRP B 186 25.71 12.46 -16.66
CA TRP B 186 24.31 12.73 -16.98
C TRP B 186 23.44 11.47 -17.11
N PHE B 187 24.04 10.28 -16.97
CA PHE B 187 23.30 9.03 -17.17
C PHE B 187 23.43 8.08 -16.00
N LEU B 188 22.29 7.60 -15.51
CA LEU B 188 22.24 6.64 -14.42
C LEU B 188 21.90 5.26 -14.96
N ASP B 189 22.83 4.32 -14.84
CA ASP B 189 22.59 2.94 -15.24
C ASP B 189 21.83 2.25 -14.10
N PHE B 190 20.72 1.58 -14.43
CA PHE B 190 19.93 0.88 -13.41
C PHE B 190 19.71 -0.63 -13.67
N ARG B 191 19.99 -1.10 -14.88
CA ARG B 191 19.86 -2.51 -15.21
C ARG B 191 20.81 -2.94 -16.33
N VAL B 192 21.36 -4.14 -16.21
CA VAL B 192 22.22 -4.73 -17.24
C VAL B 192 21.35 -5.52 -18.21
N LEU B 193 21.58 -5.33 -19.51
CA LEU B 193 20.76 -5.96 -20.55
C LEU B 193 21.49 -7.11 -21.24
N GLY B 194 22.76 -6.91 -21.56
CA GLY B 194 23.53 -7.93 -22.27
C GLY B 194 25.02 -7.80 -22.06
N ARG B 195 25.72 -8.91 -22.24
CA ARG B 195 27.15 -8.95 -22.08
C ARG B 195 27.74 -9.94 -23.10
N GLY B 196 28.70 -9.47 -23.90
CA GLY B 196 29.42 -10.32 -24.87
C GLY B 196 30.90 -9.98 -24.84
N GLY B 197 31.57 -10.12 -25.98
CA GLY B 197 33.02 -9.91 -26.06
C GLY B 197 33.45 -8.46 -26.01
N PHE B 198 32.97 -7.66 -26.96
CA PHE B 198 33.36 -6.25 -27.03
C PHE B 198 32.83 -5.35 -25.92
N GLY B 199 31.84 -5.78 -25.13
CA GLY B 199 31.37 -4.99 -23.99
C GLY B 199 29.95 -5.25 -23.53
N GLU B 200 29.46 -4.41 -22.63
CA GLU B 200 28.18 -4.61 -21.95
C GLU B 200 27.13 -3.57 -22.39
N VAL B 201 25.86 -3.94 -22.30
CA VAL B 201 24.76 -3.05 -22.65
C VAL B 201 23.89 -2.80 -21.41
N PHE B 202 23.72 -1.53 -21.07
CA PHE B 202 22.97 -1.12 -19.88
C PHE B 202 21.69 -0.40 -20.28
N ALA B 203 20.67 -0.50 -19.45
CA ALA B 203 19.49 0.36 -19.52
C ALA B 203 19.74 1.52 -18.59
N CYS B 204 19.66 2.74 -19.11
CA CYS B 204 19.99 3.92 -18.33
C CYS B 204 18.96 5.03 -18.47
N GLN B 205 19.06 6.00 -17.57
CA GLN B 205 18.19 7.15 -17.56
C GLN B 205 19.00 8.41 -17.76
N MET B 206 18.57 9.26 -18.69
CA MET B 206 19.13 10.61 -18.82
C MET B 206 18.61 11.40 -17.63
N LYS B 207 19.50 11.86 -16.76
CA LYS B 207 19.12 12.34 -15.43
C LYS B 207 18.26 13.59 -15.45
N ALA B 208 18.58 14.52 -16.35
CA ALA B 208 17.86 15.81 -16.40
C ALA B 208 16.41 15.62 -16.81
N THR B 209 16.18 14.88 -17.89
CA THR B 209 14.85 14.71 -18.47
C THR B 209 14.11 13.48 -17.97
N GLY B 210 14.88 12.45 -17.58
CA GLY B 210 14.30 11.19 -17.11
C GLY B 210 14.02 10.18 -18.21
N LYS B 211 14.37 10.50 -19.45
CA LYS B 211 14.12 9.58 -20.56
C LYS B 211 15.01 8.33 -20.48
N LEU B 212 14.43 7.18 -20.81
CA LEU B 212 15.12 5.90 -20.75
C LEU B 212 15.82 5.59 -22.07
N TYR B 213 17.07 5.17 -21.95
CA TYR B 213 17.89 4.82 -23.11
C TYR B 213 18.60 3.49 -22.87
N ALA B 214 19.14 2.92 -23.94
CA ALA B 214 20.09 1.82 -23.85
C ALA B 214 21.47 2.39 -24.08
N CYS B 215 22.39 2.09 -23.16
CA CYS B 215 23.78 2.51 -23.32
C CYS B 215 24.67 1.30 -23.58
N LYS B 216 25.31 1.30 -24.75
CA LYS B 216 26.25 0.24 -25.12
C LYS B 216 27.64 0.73 -24.79
N LYS B 217 28.31 0.03 -23.89
CA LYS B 217 29.65 0.40 -23.46
C LYS B 217 30.66 -0.55 -24.08
N LEU B 218 31.61 -0.01 -24.82
CA LEU B 218 32.68 -0.78 -25.42
C LEU B 218 33.93 -0.61 -24.55
N ASN B 219 34.45 -1.71 -24.03
CA ASN B 219 35.65 -1.66 -23.21
C ASN B 219 36.84 -1.24 -24.06
N LYS B 220 37.57 -0.24 -23.58
CA LYS B 220 38.69 0.34 -24.33
C LYS B 220 39.83 -0.65 -24.54
N LYS B 221 40.21 -1.35 -23.48
CA LYS B 221 41.32 -2.30 -23.54
C LYS B 221 41.02 -3.50 -24.45
N ARG B 222 39.79 -4.02 -24.33
CA ARG B 222 39.35 -5.14 -25.18
C ARG B 222 39.27 -4.77 -26.65
N LEU B 223 38.88 -3.53 -26.94
CA LEU B 223 38.79 -3.03 -28.30
C LEU B 223 40.16 -3.00 -28.98
N LYS B 224 41.13 -2.42 -28.28
CA LYS B 224 42.52 -2.37 -28.70
C LYS B 224 43.02 -3.76 -29.00
N LYS B 225 42.75 -4.69 -28.08
CA LYS B 225 43.23 -6.07 -28.19
C LYS B 225 42.65 -6.80 -29.41
N ARG B 226 41.43 -6.45 -29.78
CA ARG B 226 40.79 -6.98 -30.98
C ARG B 226 40.90 -6.07 -32.20
N LYS B 227 41.56 -4.94 -32.04
CA LYS B 227 41.68 -3.91 -33.09
C LYS B 227 40.29 -3.53 -33.62
N GLY B 228 39.39 -3.19 -32.71
CA GLY B 228 37.98 -2.90 -33.05
C GLY B 228 37.66 -1.43 -33.17
N TYR B 229 38.57 -0.69 -33.79
CA TYR B 229 38.50 0.76 -33.83
C TYR B 229 37.71 1.19 -35.06
N GLN B 230 38.09 0.66 -36.21
CA GLN B 230 37.38 0.89 -37.47
C GLN B 230 35.89 0.51 -37.37
N GLY B 231 35.63 -0.72 -36.95
CA GLY B 231 34.28 -1.24 -36.83
C GLY B 231 33.40 -0.44 -35.88
N ALA B 232 33.98 0.00 -34.77
CA ALA B 232 33.26 0.82 -33.80
C ALA B 232 33.05 2.25 -34.30
N MET B 233 34.08 2.81 -34.93
CA MET B 233 34.01 4.17 -35.48
C MET B 233 33.00 4.26 -36.62
N VAL B 234 33.07 3.30 -37.54
CA VAL B 234 32.14 3.25 -38.66
C VAL B 234 30.69 3.13 -38.18
N GLU B 235 30.45 2.25 -37.22
CA GLU B 235 29.11 2.08 -36.66
C GLU B 235 28.58 3.37 -36.06
N LYS B 236 29.43 4.04 -35.28
CA LYS B 236 29.03 5.27 -34.60
C LYS B 236 28.60 6.33 -35.63
N LYS B 237 29.46 6.59 -36.62
CA LYS B 237 29.18 7.58 -37.66
C LYS B 237 27.89 7.31 -38.43
N ILE B 238 27.61 6.04 -38.70
CA ILE B 238 26.38 5.65 -39.42
C ILE B 238 25.14 5.90 -38.55
N LEU B 239 25.16 5.39 -37.33
CA LEU B 239 24.03 5.60 -36.42
C LEU B 239 23.76 7.09 -36.19
N ALA B 240 24.81 7.90 -36.21
CA ALA B 240 24.69 9.34 -35.97
C ALA B 240 24.01 10.06 -37.12
N LYS B 241 24.46 9.77 -38.34
CA LYS B 241 23.93 10.46 -39.52
C LYS B 241 22.55 9.95 -39.98
N VAL B 242 22.19 8.73 -39.58
CA VAL B 242 20.91 8.13 -39.95
C VAL B 242 19.82 8.43 -38.92
N HIS B 243 18.63 8.77 -39.39
CA HIS B 243 17.48 9.06 -38.53
C HIS B 243 16.23 8.37 -39.07
N SER B 244 15.90 7.21 -38.50
CA SER B 244 14.77 6.38 -38.97
C SER B 244 14.11 5.64 -37.81
N ARG B 245 12.79 5.47 -37.89
CA ARG B 245 12.05 4.77 -36.83
C ARG B 245 12.24 3.26 -36.90
N PHE B 246 12.87 2.76 -37.97
CA PHE B 246 13.14 1.33 -38.13
C PHE B 246 14.63 0.99 -37.95
N ILE B 247 15.39 1.95 -37.45
CA ILE B 247 16.80 1.74 -37.11
C ILE B 247 17.02 2.37 -35.73
N VAL B 248 17.77 1.70 -34.86
CA VAL B 248 18.05 2.26 -33.54
C VAL B 248 18.79 3.59 -33.71
N SER B 249 18.38 4.59 -32.93
CA SER B 249 18.95 5.94 -33.04
C SER B 249 20.04 6.13 -32.00
N LEU B 250 21.12 6.81 -32.40
CA LEU B 250 22.14 7.26 -31.46
C LEU B 250 21.76 8.65 -30.98
N ALA B 251 21.75 8.84 -29.67
CA ALA B 251 21.42 10.14 -29.07
C ALA B 251 22.68 10.84 -28.56
N TYR B 252 23.54 10.08 -27.87
CA TYR B 252 24.79 10.62 -27.32
C TYR B 252 25.95 9.64 -27.55
N ALA B 253 27.12 10.19 -27.82
CA ALA B 253 28.36 9.41 -27.87
C ALA B 253 29.41 10.08 -27.01
N PHE B 254 29.83 9.40 -25.95
CA PHE B 254 30.84 9.92 -25.04
C PHE B 254 31.80 8.84 -24.56
N GLU B 255 32.87 9.27 -23.89
CA GLU B 255 33.94 8.38 -23.44
C GLU B 255 34.09 8.47 -21.92
N THR B 256 34.47 7.36 -21.29
CA THR B 256 34.78 7.31 -19.86
C THR B 256 36.23 6.84 -19.70
N LYS B 257 36.68 6.67 -18.46
CA LYS B 257 38.05 6.19 -18.23
C LYS B 257 38.28 4.80 -18.81
N THR B 258 37.25 3.95 -18.77
CA THR B 258 37.37 2.56 -19.19
C THR B 258 36.60 2.20 -20.46
N ASP B 259 35.54 2.94 -20.77
CA ASP B 259 34.62 2.58 -21.85
C ASP B 259 34.40 3.68 -22.89
N LEU B 260 34.01 3.27 -24.10
CA LEU B 260 33.41 4.14 -25.09
C LEU B 260 31.92 3.84 -25.09
N CYS B 261 31.09 4.86 -24.95
CA CYS B 261 29.67 4.68 -24.69
C CYS B 261 28.79 5.25 -25.79
N LEU B 262 27.78 4.47 -26.18
CA LEU B 262 26.79 4.89 -27.16
C LEU B 262 25.41 4.82 -26.54
N VAL B 263 24.80 5.98 -26.30
CA VAL B 263 23.45 6.06 -25.76
C VAL B 263 22.47 6.05 -26.93
N MET B 264 21.61 5.03 -26.96
CA MET B 264 20.74 4.79 -28.10
C MET B 264 19.35 4.33 -27.68
N THR B 265 18.43 4.30 -28.64
CA THR B 265 17.06 3.85 -28.42
C THR B 265 17.00 2.54 -27.66
N ILE B 266 16.26 2.52 -26.55
CA ILE B 266 16.04 1.29 -25.80
C ILE B 266 14.95 0.43 -26.48
N MET B 267 15.13 -0.89 -26.46
CA MET B 267 14.20 -1.86 -27.08
C MET B 267 13.90 -3.00 -26.10
N ASN B 268 12.90 -2.78 -25.24
CA ASN B 268 12.63 -3.68 -24.12
C ASN B 268 12.06 -5.06 -24.49
N GLY B 269 11.51 -5.20 -25.69
CA GLY B 269 10.97 -6.48 -26.16
C GLY B 269 12.01 -7.53 -26.51
N GLY B 270 13.28 -7.11 -26.67
CA GLY B 270 14.34 -8.02 -27.04
C GLY B 270 14.30 -8.40 -28.52
N ASP B 271 15.15 -9.32 -28.93
CA ASP B 271 15.31 -9.67 -30.35
C ASP B 271 14.22 -10.60 -30.87
N ILE B 272 14.00 -10.57 -32.18
CA ILE B 272 13.01 -11.42 -32.86
C ILE B 272 13.23 -12.91 -32.60
N ARG B 273 14.48 -13.35 -32.66
CA ARG B 273 14.82 -14.77 -32.55
C ARG B 273 14.23 -15.38 -31.28
N TYR B 274 14.33 -14.67 -30.15
CA TYR B 274 13.75 -15.15 -28.90
C TYR B 274 12.24 -15.35 -29.04
N HIS B 275 11.56 -14.40 -29.66
CA HIS B 275 10.10 -14.47 -29.83
C HIS B 275 9.66 -15.58 -30.80
N ILE B 276 10.55 -15.99 -31.70
CA ILE B 276 10.27 -17.11 -32.61
C ILE B 276 10.22 -18.44 -31.86
N TYR B 277 11.25 -18.71 -31.04
CA TYR B 277 11.47 -20.02 -30.45
C TYR B 277 10.99 -20.15 -28.99
N ASN B 278 11.20 -19.11 -28.20
CA ASN B 278 11.11 -19.22 -26.73
C ASN B 278 9.80 -18.74 -26.08
N VAL B 279 8.89 -18.15 -26.84
CA VAL B 279 7.57 -17.75 -26.31
C VAL B 279 6.56 -18.91 -26.27
N ASP B 280 6.42 -19.64 -27.38
CA ASP B 280 5.60 -20.86 -27.48
C ASP B 280 6.50 -21.95 -28.04
N GLU B 281 7.17 -22.69 -27.16
CA GLU B 281 8.12 -23.73 -27.58
C GLU B 281 7.48 -24.98 -28.20
N ASP B 282 6.17 -25.15 -28.01
CA ASP B 282 5.44 -26.26 -28.61
C ASP B 282 5.09 -25.99 -30.06
N ASN B 283 4.65 -24.76 -30.34
CA ASN B 283 4.43 -24.31 -31.72
C ASN B 283 5.19 -23.02 -31.99
N PRO B 284 6.50 -23.14 -32.27
CA PRO B 284 7.31 -21.96 -32.53
C PRO B 284 7.07 -21.36 -33.92
N GLY B 285 7.49 -20.11 -34.09
CA GLY B 285 7.27 -19.36 -35.34
C GLY B 285 6.13 -18.37 -35.19
N PHE B 286 6.14 -17.33 -36.03
CA PHE B 286 5.08 -16.32 -36.02
C PHE B 286 3.96 -16.68 -36.97
N GLN B 287 2.77 -16.17 -36.66
CA GLN B 287 1.66 -16.21 -37.60
C GLN B 287 2.03 -15.30 -38.78
N GLU B 288 1.56 -15.66 -39.98
CA GLU B 288 1.98 -14.96 -41.21
C GLU B 288 1.75 -13.45 -41.20
N PRO B 289 0.57 -12.98 -40.75
CA PRO B 289 0.36 -11.54 -40.64
C PRO B 289 1.41 -10.82 -39.79
N ARG B 290 1.82 -11.45 -38.69
CA ARG B 290 2.84 -10.90 -37.81
C ARG B 290 4.22 -10.85 -38.50
N ALA B 291 4.56 -11.92 -39.20
CA ALA B 291 5.82 -11.99 -39.92
C ALA B 291 5.91 -10.93 -41.01
N ILE B 292 4.79 -10.72 -41.71
CA ILE B 292 4.72 -9.72 -42.78
C ILE B 292 4.91 -8.31 -42.22
N PHE B 293 4.32 -8.04 -41.06
CA PHE B 293 4.44 -6.74 -40.42
C PHE B 293 5.90 -6.41 -40.13
N TYR B 294 6.61 -7.35 -39.49
CA TYR B 294 8.01 -7.15 -39.16
C TYR B 294 8.85 -7.01 -40.43
N THR B 295 8.57 -7.86 -41.42
CA THR B 295 9.24 -7.79 -42.72
C THR B 295 9.11 -6.40 -43.33
N ALA B 296 7.89 -5.87 -43.32
CA ALA B 296 7.65 -4.53 -43.86
C ALA B 296 8.44 -3.46 -43.12
N GLN B 297 8.54 -3.60 -41.80
CA GLN B 297 9.30 -2.66 -40.99
C GLN B 297 10.79 -2.77 -41.27
N ILE B 298 11.28 -4.00 -41.44
CA ILE B 298 12.69 -4.24 -41.76
C ILE B 298 13.03 -3.66 -43.13
N VAL B 299 12.16 -3.90 -44.11
CA VAL B 299 12.33 -3.36 -45.46
C VAL B 299 12.53 -1.84 -45.41
N SER B 300 11.66 -1.16 -44.68
CA SER B 300 11.72 0.29 -44.53
C SER B 300 13.05 0.75 -43.96
N GLY B 301 13.58 -0.03 -43.01
CA GLY B 301 14.90 0.24 -42.45
C GLY B 301 16.02 0.02 -43.45
N LEU B 302 15.95 -1.08 -44.19
CA LEU B 302 16.95 -1.37 -45.23
C LEU B 302 16.99 -0.29 -46.29
N GLU B 303 15.81 0.10 -46.77
CA GLU B 303 15.70 1.15 -47.79
C GLU B 303 16.38 2.43 -47.31
N HIS B 304 16.18 2.77 -46.05
CA HIS B 304 16.76 3.97 -45.49
C HIS B 304 18.29 3.94 -45.59
N LEU B 305 18.88 2.79 -45.28
CA LEU B 305 20.33 2.62 -45.40
C LEU B 305 20.77 2.65 -46.87
N HIS B 306 20.08 1.91 -47.73
CA HIS B 306 20.49 1.77 -49.13
C HIS B 306 20.38 3.08 -49.89
N GLN B 307 19.35 3.88 -49.59
CA GLN B 307 19.21 5.22 -50.17
C GLN B 307 20.37 6.14 -49.81
N ARG B 308 21.08 5.81 -48.73
CA ARG B 308 22.29 6.54 -48.31
C ARG B 308 23.57 5.75 -48.60
N ASN B 309 23.49 4.80 -49.54
CA ASN B 309 24.63 3.99 -49.97
C ASN B 309 25.34 3.27 -48.82
N ILE B 310 24.55 2.69 -47.92
CA ILE B 310 25.07 1.91 -46.80
C ILE B 310 24.56 0.49 -46.90
N ILE B 311 25.46 -0.48 -46.68
CA ILE B 311 25.08 -1.88 -46.68
C ILE B 311 25.15 -2.40 -45.25
N TYR B 312 24.08 -3.06 -44.82
CA TYR B 312 23.92 -3.49 -43.44
C TYR B 312 24.81 -4.71 -43.13
N ARG B 313 24.68 -5.74 -43.96
CA ARG B 313 25.54 -6.94 -43.92
C ARG B 313 25.42 -7.83 -42.68
N ASP B 314 24.42 -7.59 -41.84
CA ASP B 314 24.21 -8.45 -40.67
C ASP B 314 22.73 -8.48 -40.24
N LEU B 315 21.85 -8.60 -41.22
CA LEU B 315 20.44 -8.77 -40.95
C LEU B 315 20.18 -10.21 -40.52
N LYS B 316 19.55 -10.36 -39.37
CA LYS B 316 19.15 -11.66 -38.85
C LYS B 316 18.23 -11.44 -37.66
N PRO B 317 17.35 -12.43 -37.37
CA PRO B 317 16.41 -12.33 -36.26
C PRO B 317 16.99 -11.75 -34.96
N GLU B 318 18.19 -12.17 -34.58
CA GLU B 318 18.79 -11.72 -33.32
C GLU B 318 19.18 -10.25 -33.31
N ASN B 319 19.31 -9.65 -34.51
CA ASN B 319 19.61 -8.23 -34.63
C ASN B 319 18.39 -7.35 -34.92
N VAL B 320 17.21 -7.98 -35.05
CA VAL B 320 15.97 -7.24 -35.19
C VAL B 320 15.27 -7.20 -33.81
N LEU B 321 15.14 -6.00 -33.25
CA LEU B 321 14.69 -5.84 -31.85
C LEU B 321 13.25 -5.30 -31.75
N LEU B 322 12.58 -5.62 -30.66
CA LEU B 322 11.22 -5.15 -30.38
C LEU B 322 11.20 -4.12 -29.25
N ASP B 323 10.34 -3.12 -29.38
CA ASP B 323 10.14 -2.12 -28.32
C ASP B 323 8.83 -2.41 -27.59
N ASP B 324 8.48 -1.57 -26.62
CA ASP B 324 7.28 -1.77 -25.78
C ASP B 324 6.00 -1.91 -26.58
N ASP B 325 5.87 -1.13 -27.65
CA ASP B 325 4.65 -1.08 -28.44
C ASP B 325 4.50 -2.29 -29.36
N GLY B 326 5.61 -2.94 -29.69
CA GLY B 326 5.60 -4.09 -30.60
C GLY B 326 6.19 -3.80 -31.97
N ASN B 327 6.78 -2.61 -32.13
CA ASN B 327 7.46 -2.21 -33.36
C ASN B 327 8.92 -2.64 -33.33
N VAL B 328 9.49 -2.88 -34.51
CA VAL B 328 10.86 -3.38 -34.58
C VAL B 328 11.81 -2.40 -35.26
N ARG B 329 13.09 -2.55 -34.93
CA ARG B 329 14.17 -1.82 -35.57
C ARG B 329 15.33 -2.78 -35.80
N ILE B 330 16.12 -2.51 -36.83
CA ILE B 330 17.38 -3.23 -37.02
C ILE B 330 18.44 -2.60 -36.11
N SER B 331 19.41 -3.42 -35.68
CA SER B 331 20.43 -2.97 -34.74
C SER B 331 21.75 -3.66 -35.00
N ASP B 332 22.79 -3.18 -34.33
CA ASP B 332 24.14 -3.72 -34.48
C ASP B 332 24.67 -3.49 -35.91
N LEU B 333 25.09 -2.26 -36.17
CA LEU B 333 25.64 -1.87 -37.47
C LEU B 333 27.16 -2.04 -37.49
N GLY B 334 27.68 -2.95 -36.67
CA GLY B 334 29.12 -3.16 -36.55
C GLY B 334 29.80 -3.67 -37.80
N LEU B 335 29.07 -4.45 -38.59
CA LEU B 335 29.59 -4.97 -39.87
C LEU B 335 29.11 -4.16 -41.07
N ALA B 336 28.44 -3.03 -40.81
CA ALA B 336 27.92 -2.20 -41.89
C ALA B 336 29.06 -1.48 -42.60
N VAL B 337 28.84 -1.16 -43.87
CA VAL B 337 29.83 -0.46 -44.67
C VAL B 337 29.15 0.60 -45.54
N GLU B 338 29.80 1.75 -45.66
CA GLU B 338 29.30 2.86 -46.47
C GLU B 338 30.10 2.96 -47.75
N LEU B 339 29.41 2.92 -48.89
CA LEU B 339 30.06 3.11 -50.18
C LEU B 339 30.39 4.59 -50.37
N LYS B 340 31.61 4.87 -50.85
CA LYS B 340 32.00 6.24 -51.20
C LYS B 340 31.27 6.69 -52.46
N ALA B 341 31.37 7.98 -52.78
CA ALA B 341 30.69 8.54 -53.95
C ALA B 341 31.23 7.93 -55.25
N GLY B 342 30.32 7.46 -56.09
CA GLY B 342 30.68 6.85 -57.38
C GLY B 342 30.72 5.33 -57.34
N GLN B 343 30.99 4.77 -56.16
CA GLN B 343 31.12 3.32 -55.99
C GLN B 343 29.74 2.66 -55.93
N THR B 344 29.55 1.62 -56.73
CA THR B 344 28.28 0.90 -56.80
C THR B 344 28.29 -0.46 -56.08
N LYS B 345 29.48 -1.06 -55.96
CA LYS B 345 29.63 -2.36 -55.31
C LYS B 345 30.86 -2.37 -54.40
N THR B 346 30.91 -3.36 -53.52
CA THR B 346 32.03 -3.52 -52.57
C THR B 346 32.50 -4.96 -52.50
N LYS B 347 33.61 -5.17 -51.79
CA LYS B 347 34.14 -6.50 -51.54
C LYS B 347 34.55 -6.62 -50.08
N GLY B 348 34.42 -7.83 -49.53
CA GLY B 348 34.78 -8.09 -48.15
C GLY B 348 33.94 -9.19 -47.54
N TYR B 349 34.60 -10.17 -46.93
CA TYR B 349 33.93 -11.27 -46.26
C TYR B 349 33.49 -10.83 -44.87
N ALA B 350 32.18 -10.71 -44.66
CA ALA B 350 31.62 -10.32 -43.37
C ALA B 350 30.15 -10.73 -43.30
N GLY B 351 29.72 -11.12 -42.10
CA GLY B 351 28.32 -11.52 -41.88
C GLY B 351 28.20 -12.73 -40.99
N THR B 352 26.98 -13.25 -40.88
CA THR B 352 26.70 -14.42 -40.05
C THR B 352 26.43 -15.62 -40.95
N PRO B 353 27.07 -16.78 -40.65
CA PRO B 353 26.83 -18.00 -41.42
C PRO B 353 25.34 -18.33 -41.53
N GLY B 354 24.88 -18.57 -42.75
CA GLY B 354 23.47 -18.87 -43.00
C GLY B 354 22.68 -17.69 -43.50
N PHE B 355 23.22 -16.48 -43.32
CA PHE B 355 22.59 -15.24 -43.80
C PHE B 355 23.40 -14.54 -44.89
N MET B 356 24.64 -14.94 -45.07
CA MET B 356 25.50 -14.35 -46.10
C MET B 356 25.14 -14.88 -47.48
N ALA B 357 24.99 -13.99 -48.44
CA ALA B 357 24.57 -14.36 -49.79
C ALA B 357 25.68 -15.07 -50.55
N PRO B 358 25.32 -15.91 -51.54
CA PRO B 358 26.28 -16.64 -52.37
C PRO B 358 27.42 -15.77 -52.95
N GLU B 359 27.08 -14.64 -53.55
CA GLU B 359 28.09 -13.75 -54.14
C GLU B 359 29.12 -13.28 -53.11
N LEU B 360 28.70 -13.16 -51.86
CA LEU B 360 29.61 -12.84 -50.76
C LEU B 360 30.48 -14.04 -50.41
N LEU B 361 29.84 -15.21 -50.28
CA LEU B 361 30.56 -16.45 -49.95
C LEU B 361 31.60 -16.83 -51.00
N LEU B 362 31.34 -16.48 -52.26
CA LEU B 362 32.26 -16.76 -53.36
C LEU B 362 33.43 -15.77 -53.46
N GLY B 363 33.43 -14.75 -52.61
CA GLY B 363 34.50 -13.75 -52.58
C GLY B 363 34.42 -12.75 -53.72
N GLU B 364 33.22 -12.55 -54.25
CA GLU B 364 32.99 -11.67 -55.39
C GLU B 364 32.47 -10.32 -54.93
N GLU B 365 32.32 -9.39 -55.89
CA GLU B 365 31.76 -8.07 -55.59
C GLU B 365 30.26 -8.17 -55.36
N TYR B 366 29.74 -7.30 -54.50
CA TYR B 366 28.31 -7.27 -54.17
C TYR B 366 27.86 -5.88 -53.77
N ASP B 367 26.54 -5.64 -53.86
CA ASP B 367 25.94 -4.36 -53.48
C ASP B 367 24.89 -4.58 -52.37
N PHE B 368 23.78 -3.85 -52.44
CA PHE B 368 22.73 -3.94 -51.41
C PHE B 368 22.00 -5.28 -51.42
N SER B 369 22.12 -6.03 -52.51
CA SER B 369 21.43 -7.30 -52.68
C SER B 369 21.68 -8.31 -51.54
N VAL B 370 22.86 -8.25 -50.94
CA VAL B 370 23.20 -9.15 -49.82
C VAL B 370 22.23 -9.03 -48.64
N ASP B 371 21.78 -7.80 -48.36
CA ASP B 371 20.83 -7.55 -47.27
C ASP B 371 19.46 -8.17 -47.55
N TYR B 372 19.06 -8.21 -48.81
CA TYR B 372 17.77 -8.76 -49.19
C TYR B 372 17.76 -10.29 -49.14
N PHE B 373 18.91 -10.91 -49.41
CA PHE B 373 19.04 -12.35 -49.21
C PHE B 373 18.85 -12.69 -47.74
N ALA B 374 19.50 -11.93 -46.88
CA ALA B 374 19.36 -12.09 -45.43
C ALA B 374 17.92 -11.87 -44.98
N LEU B 375 17.23 -10.93 -45.62
CA LEU B 375 15.80 -10.69 -45.32
C LEU B 375 14.97 -11.93 -45.64
N GLY B 376 15.25 -12.55 -46.78
CA GLY B 376 14.57 -13.79 -47.18
C GLY B 376 14.77 -14.90 -46.16
N VAL B 377 16.00 -15.02 -45.66
CA VAL B 377 16.32 -16.01 -44.63
C VAL B 377 15.62 -15.64 -43.31
N THR B 378 15.61 -14.36 -42.98
CA THR B 378 14.98 -13.87 -41.76
C THR B 378 13.48 -14.16 -41.77
N LEU B 379 12.83 -13.86 -42.89
CA LEU B 379 11.39 -14.14 -43.03
C LEU B 379 11.11 -15.63 -43.01
N TYR B 380 11.95 -16.42 -43.69
CA TYR B 380 11.80 -17.87 -43.70
C TYR B 380 11.83 -18.41 -42.27
N GLU B 381 12.77 -17.92 -41.48
CA GLU B 381 12.94 -18.40 -40.11
C GLU B 381 11.81 -17.95 -39.20
N MET B 382 11.21 -16.80 -39.48
CA MET B 382 10.07 -16.30 -38.70
C MET B 382 8.85 -17.22 -38.85
N ILE B 383 8.61 -17.70 -40.06
CA ILE B 383 7.46 -18.55 -40.35
C ILE B 383 7.75 -20.02 -40.05
N ALA B 384 8.86 -20.52 -40.57
CA ALA B 384 9.21 -21.94 -40.47
C ALA B 384 9.73 -22.34 -39.08
N ALA B 385 10.23 -21.37 -38.32
CA ALA B 385 10.91 -21.63 -37.04
C ALA B 385 12.13 -22.54 -37.27
N ARG B 386 12.83 -22.27 -38.37
CA ARG B 386 14.11 -22.92 -38.69
C ARG B 386 14.69 -22.24 -39.92
N GLY B 387 16.00 -22.41 -40.12
CA GLY B 387 16.67 -21.87 -41.30
C GLY B 387 16.22 -22.58 -42.56
N PRO B 388 16.36 -21.93 -43.73
CA PRO B 388 16.02 -22.59 -44.99
C PRO B 388 17.02 -23.68 -45.36
N PHE B 389 18.21 -23.66 -44.77
CA PHE B 389 19.26 -24.62 -45.09
C PHE B 389 19.55 -25.64 -43.99
N ARG B 390 18.78 -25.64 -42.90
CA ARG B 390 18.87 -26.75 -41.96
C ARG B 390 17.56 -27.01 -41.21
N ALA B 391 17.52 -28.13 -40.50
CA ALA B 391 16.41 -28.48 -39.63
C ALA B 391 16.50 -27.72 -38.30
N ARG B 392 15.45 -27.80 -37.48
CA ARG B 392 15.43 -27.07 -36.19
C ARG B 392 16.61 -27.15 -35.23
N GLY B 393 17.00 -28.36 -34.85
CA GLY B 393 18.05 -28.46 -33.82
C GLY B 393 19.45 -28.31 -34.34
N GLU B 394 19.58 -28.16 -35.66
CA GLU B 394 20.74 -28.68 -36.34
C GLU B 394 21.97 -27.79 -36.27
N LYS B 395 23.05 -28.33 -35.73
CA LYS B 395 24.33 -27.65 -35.69
C LYS B 395 25.19 -28.12 -36.87
N VAL B 396 25.63 -27.17 -37.68
CA VAL B 396 26.41 -27.46 -38.89
C VAL B 396 27.65 -26.58 -38.92
N GLU B 397 28.77 -27.15 -39.34
CA GLU B 397 30.02 -26.43 -39.45
C GLU B 397 29.94 -25.43 -40.59
N ASN B 398 30.76 -24.38 -40.52
CA ASN B 398 30.69 -23.28 -41.47
C ASN B 398 30.97 -23.68 -42.92
N LYS B 399 31.85 -24.66 -43.13
CA LYS B 399 32.12 -25.18 -44.47
C LYS B 399 30.91 -25.89 -45.04
N GLU B 400 30.24 -26.67 -44.20
CA GLU B 400 29.07 -27.45 -44.61
C GLU B 400 27.92 -26.50 -44.98
N LEU B 401 27.69 -25.50 -44.13
CA LEU B 401 26.64 -24.52 -44.35
C LEU B 401 26.93 -23.63 -45.57
N LYS B 402 28.20 -23.43 -45.88
CA LYS B 402 28.61 -22.67 -47.05
C LYS B 402 28.22 -23.38 -48.35
N GLN B 403 28.42 -24.70 -48.37
CA GLN B 403 28.05 -25.52 -49.52
C GLN B 403 26.54 -25.55 -49.76
N ARG B 404 25.77 -25.60 -48.69
CA ARG B 404 24.31 -25.62 -48.77
C ARG B 404 23.74 -24.34 -49.37
N VAL B 405 24.27 -23.19 -48.94
CA VAL B 405 23.80 -21.90 -49.44
C VAL B 405 24.08 -21.78 -50.95
N LEU B 406 25.25 -22.25 -51.37
CA LEU B 406 25.67 -22.15 -52.77
C LEU B 406 24.95 -23.14 -53.70
N GLU B 407 24.52 -24.28 -53.15
CA GLU B 407 24.04 -25.40 -53.98
C GLU B 407 22.62 -25.88 -53.67
N GLN B 408 22.25 -25.92 -52.38
CA GLN B 408 20.98 -26.50 -51.96
C GLN B 408 19.77 -25.63 -52.34
N ALA B 409 18.75 -26.27 -52.91
CA ALA B 409 17.48 -25.60 -53.21
C ALA B 409 16.60 -25.59 -51.97
N VAL B 410 15.92 -24.47 -51.75
CA VAL B 410 15.10 -24.28 -50.56
C VAL B 410 13.73 -24.92 -50.73
N THR B 411 13.35 -25.77 -49.77
CA THR B 411 12.03 -26.39 -49.74
C THR B 411 11.12 -25.63 -48.78
N TYR B 412 9.82 -25.68 -49.03
CA TYR B 412 8.85 -24.89 -48.27
C TYR B 412 7.72 -25.76 -47.69
N PRO B 413 7.60 -25.80 -46.35
CA PRO B 413 6.49 -26.54 -45.73
C PRO B 413 5.14 -25.83 -45.90
N ASP B 414 4.07 -26.45 -45.41
CA ASP B 414 2.70 -26.00 -45.67
C ASP B 414 2.29 -24.70 -44.97
N LYS B 415 3.06 -24.27 -43.96
CA LYS B 415 2.75 -23.03 -43.22
C LYS B 415 2.91 -21.80 -44.12
N PHE B 416 3.79 -21.90 -45.11
CA PHE B 416 4.00 -20.84 -46.09
C PHE B 416 2.82 -20.76 -47.05
N SER B 417 2.26 -19.56 -47.20
CA SER B 417 1.23 -19.30 -48.20
C SER B 417 1.89 -19.10 -49.56
N PRO B 418 1.09 -19.02 -50.64
CA PRO B 418 1.66 -18.71 -51.95
C PRO B 418 2.48 -17.41 -51.97
N ALA B 419 2.02 -16.40 -51.26
CA ALA B 419 2.70 -15.10 -51.20
C ALA B 419 4.05 -15.20 -50.46
N SER B 420 4.05 -15.86 -49.31
CA SER B 420 5.26 -16.03 -48.51
C SER B 420 6.33 -16.79 -49.29
N LYS B 421 5.91 -17.90 -49.88
CA LYS B 421 6.82 -18.73 -50.69
C LYS B 421 7.41 -17.91 -51.82
N ASP B 422 6.53 -17.29 -52.62
CA ASP B 422 6.97 -16.51 -53.78
C ASP B 422 7.95 -15.40 -53.39
N PHE B 423 7.66 -14.74 -52.28
CA PHE B 423 8.49 -13.64 -51.78
C PHE B 423 9.86 -14.15 -51.34
N CYS B 424 9.86 -15.20 -50.53
CA CYS B 424 11.11 -15.82 -50.08
C CYS B 424 11.93 -16.38 -51.25
N GLU B 425 11.24 -16.99 -52.21
CA GLU B 425 11.91 -17.48 -53.42
C GLU B 425 12.56 -16.36 -54.20
N ALA B 426 11.89 -15.20 -54.24
CA ALA B 426 12.43 -14.01 -54.91
C ALA B 426 13.66 -13.46 -54.19
N LEU B 427 13.62 -13.48 -52.85
CA LEU B 427 14.71 -12.94 -52.03
C LEU B 427 15.89 -13.91 -51.91
N LEU B 428 15.62 -15.21 -51.91
CA LEU B 428 16.67 -16.23 -51.75
C LEU B 428 17.29 -16.66 -53.08
N GLN B 429 17.08 -15.88 -54.14
CA GLN B 429 17.75 -16.10 -55.42
C GLN B 429 19.26 -16.08 -55.23
N LYS B 430 19.94 -17.11 -55.69
CA LYS B 430 21.39 -17.21 -55.56
C LYS B 430 22.10 -16.18 -56.44
N ASP B 431 21.54 -15.90 -57.61
CA ASP B 431 22.06 -14.87 -58.51
C ASP B 431 21.51 -13.52 -58.06
N PRO B 432 22.40 -12.58 -57.70
CA PRO B 432 21.91 -11.27 -57.25
C PRO B 432 21.25 -10.41 -58.33
N GLU B 433 21.46 -10.75 -59.60
CA GLU B 433 20.80 -10.07 -60.72
C GLU B 433 19.32 -10.43 -60.81
N LYS B 434 18.99 -11.68 -60.50
CA LYS B 434 17.60 -12.16 -60.49
C LYS B 434 16.89 -11.87 -59.18
N ARG B 435 17.63 -11.47 -58.16
CA ARG B 435 17.09 -11.30 -56.81
C ARG B 435 16.32 -9.98 -56.67
N LEU B 436 15.20 -10.04 -55.95
CA LEU B 436 14.39 -8.86 -55.67
C LEU B 436 15.08 -7.99 -54.63
N GLY B 437 14.91 -6.68 -54.72
CA GLY B 437 15.51 -5.76 -53.76
C GLY B 437 15.47 -4.30 -54.16
N PHE B 438 16.63 -3.64 -54.10
CA PHE B 438 16.74 -2.20 -54.33
C PHE B 438 16.80 -1.89 -55.82
N ARG B 439 15.78 -1.17 -56.32
CA ARG B 439 15.71 -0.80 -57.73
C ARG B 439 15.28 0.65 -57.89
N ASP B 440 16.00 1.40 -58.73
CA ASP B 440 15.66 2.79 -59.05
C ASP B 440 15.60 3.68 -57.80
N GLY B 441 16.55 3.50 -56.90
CA GLY B 441 16.68 4.32 -55.71
C GLY B 441 15.64 4.08 -54.61
N SER B 442 14.94 2.94 -54.67
CA SER B 442 13.91 2.63 -53.66
C SER B 442 13.54 1.15 -53.64
N CYS B 443 12.70 0.79 -52.67
CA CYS B 443 12.10 -0.53 -52.59
C CYS B 443 10.63 -0.51 -53.04
N ASP B 444 10.24 0.51 -53.80
CA ASP B 444 8.85 0.65 -54.24
C ASP B 444 8.36 -0.57 -55.02
N GLY B 445 9.23 -1.14 -55.85
CA GLY B 445 8.90 -2.36 -56.59
C GLY B 445 8.65 -3.55 -55.67
N LEU B 446 9.42 -3.60 -54.58
CA LEU B 446 9.28 -4.66 -53.58
C LEU B 446 7.96 -4.53 -52.81
N ARG B 447 7.55 -3.29 -52.52
CA ARG B 447 6.31 -3.02 -51.80
C ARG B 447 5.05 -3.52 -52.53
N THR B 448 5.10 -3.57 -53.85
CA THR B 448 3.96 -3.96 -54.67
C THR B 448 3.75 -5.48 -54.75
N HIS B 449 4.52 -6.26 -53.98
CA HIS B 449 4.35 -7.71 -53.94
C HIS B 449 3.05 -8.03 -53.21
N PRO B 450 2.34 -9.10 -53.65
CA PRO B 450 1.04 -9.44 -53.03
C PRO B 450 1.12 -9.84 -51.55
N LEU B 451 2.32 -10.06 -51.03
CA LEU B 451 2.50 -10.37 -49.62
C LEU B 451 2.07 -9.20 -48.73
N PHE B 452 2.34 -7.98 -49.18
CA PHE B 452 2.00 -6.76 -48.42
C PHE B 452 0.65 -6.18 -48.84
N ARG B 453 -0.29 -7.06 -49.21
CA ARG B 453 -1.62 -6.67 -49.69
C ARG B 453 -2.37 -5.86 -48.64
N ASP B 454 -2.24 -6.28 -47.38
CA ASP B 454 -2.99 -5.66 -46.27
C ASP B 454 -2.14 -4.67 -45.47
N ILE B 455 -1.01 -4.24 -46.03
CA ILE B 455 -0.12 -3.29 -45.37
C ILE B 455 -0.32 -1.90 -45.95
N SER B 456 -0.66 -0.95 -45.07
CA SER B 456 -0.72 0.46 -45.42
C SER B 456 0.67 1.08 -45.20
N TRP B 457 1.49 1.07 -46.25
CA TRP B 457 2.87 1.59 -46.18
C TRP B 457 2.92 3.01 -45.63
N ARG B 458 1.98 3.85 -46.09
CA ARG B 458 1.82 5.24 -45.62
C ARG B 458 1.79 5.30 -44.10
N GLN B 459 0.90 4.52 -43.50
CA GLN B 459 0.74 4.50 -42.05
C GLN B 459 1.88 3.77 -41.34
N LEU B 460 2.39 2.71 -41.96
CA LEU B 460 3.52 1.96 -41.41
C LEU B 460 4.72 2.88 -41.20
N GLU B 461 5.08 3.63 -42.23
CA GLU B 461 6.25 4.50 -42.20
C GLU B 461 6.09 5.67 -41.23
N ALA B 462 4.85 6.06 -40.92
CA ALA B 462 4.59 7.09 -39.92
C ALA B 462 4.39 6.52 -38.52
N GLY B 463 4.50 5.20 -38.39
CA GLY B 463 4.37 4.54 -37.09
C GLY B 463 2.95 4.55 -36.56
N MET B 464 1.99 4.58 -37.47
CA MET B 464 0.57 4.70 -37.11
C MET B 464 -0.11 3.34 -36.97
N LEU B 465 0.36 2.33 -37.70
CA LEU B 465 -0.25 0.99 -37.67
C LEU B 465 -0.11 0.34 -36.31
N THR B 466 -1.17 -0.34 -35.88
CA THR B 466 -1.16 -1.09 -34.64
C THR B 466 -0.39 -2.39 -34.86
N PRO B 467 0.64 -2.64 -34.03
CA PRO B 467 1.40 -3.90 -34.19
C PRO B 467 0.55 -5.13 -33.89
N PRO B 468 0.88 -6.26 -34.53
CA PRO B 468 0.09 -7.49 -34.41
C PRO B 468 0.24 -8.15 -33.04
N PHE B 469 1.45 -8.10 -32.47
CA PHE B 469 1.72 -8.64 -31.15
C PHE B 469 2.38 -7.58 -30.28
N VAL B 470 1.86 -7.40 -29.06
CA VAL B 470 2.40 -6.46 -28.09
C VAL B 470 3.13 -7.23 -27.00
N PRO B 471 4.43 -6.96 -26.79
CA PRO B 471 5.17 -7.65 -25.73
C PRO B 471 4.67 -7.30 -24.34
N ASP B 472 4.70 -8.28 -23.43
CA ASP B 472 4.26 -8.06 -22.06
C ASP B 472 5.41 -7.46 -21.25
N SER B 473 5.17 -6.31 -20.63
CA SER B 473 6.21 -5.61 -19.85
C SER B 473 6.61 -6.39 -18.58
N ARG B 474 5.69 -7.19 -18.05
CA ARG B 474 5.99 -8.12 -16.95
C ARG B 474 7.01 -9.17 -17.40
N THR B 475 6.78 -9.74 -18.58
CA THR B 475 7.64 -10.78 -19.12
C THR B 475 8.98 -10.21 -19.61
N VAL B 476 10.06 -10.94 -19.31
CA VAL B 476 11.40 -10.60 -19.78
C VAL B 476 11.77 -11.56 -20.91
N TYR B 477 11.93 -11.03 -22.12
CA TYR B 477 12.14 -11.85 -23.32
C TYR B 477 13.64 -12.01 -23.66
N ALA B 478 14.35 -12.72 -22.79
CA ALA B 478 15.78 -12.95 -22.97
C ALA B 478 16.25 -14.22 -22.27
N LYS B 479 17.53 -14.52 -22.44
CA LYS B 479 18.18 -15.58 -21.71
C LYS B 479 19.05 -14.94 -20.63
N ASN B 480 19.92 -15.74 -20.03
CA ASN B 480 20.71 -15.32 -18.89
C ASN B 480 22.09 -14.82 -19.28
N ILE B 481 22.67 -13.98 -18.43
CA ILE B 481 23.87 -13.22 -18.73
C ILE B 481 25.09 -13.92 -18.12
N GLN B 482 25.09 -14.13 -16.81
CA GLN B 482 26.22 -14.71 -16.09
C GLN B 482 25.77 -15.91 -15.24
N GLY B 492 46.18 -6.51 -19.32
CA GLY B 492 46.06 -5.05 -19.36
C GLY B 492 47.13 -4.40 -20.21
N VAL B 493 46.79 -3.23 -20.76
CA VAL B 493 47.65 -2.56 -21.74
C VAL B 493 47.74 -1.05 -21.50
N ALA B 494 48.85 -0.45 -21.90
CA ALA B 494 49.06 1.00 -21.76
C ALA B 494 48.67 1.75 -23.03
N PHE B 495 48.06 2.92 -22.85
CA PHE B 495 47.53 3.71 -23.97
C PHE B 495 48.55 4.70 -24.55
N GLU B 496 48.61 4.76 -25.87
CA GLU B 496 49.45 5.70 -26.63
C GLU B 496 48.66 6.93 -27.08
N LYS B 497 49.31 7.81 -27.84
CA LYS B 497 48.67 9.03 -28.33
C LYS B 497 47.53 8.74 -29.30
N ALA B 498 47.77 7.77 -30.19
CA ALA B 498 46.80 7.43 -31.24
C ALA B 498 45.48 6.88 -30.67
N ASP B 499 45.56 6.27 -29.49
CA ASP B 499 44.38 5.73 -28.82
C ASP B 499 43.49 6.86 -28.27
N THR B 500 44.10 7.74 -27.48
CA THR B 500 43.37 8.88 -26.89
C THR B 500 42.86 9.85 -27.96
N GLU B 501 43.65 10.04 -29.01
CA GLU B 501 43.27 10.86 -30.16
C GLU B 501 42.04 10.27 -30.86
N PHE B 502 41.99 8.95 -30.94
CA PHE B 502 40.86 8.24 -31.52
C PHE B 502 39.60 8.34 -30.63
N PHE B 503 39.79 8.19 -29.32
CA PHE B 503 38.66 8.21 -28.38
C PHE B 503 37.95 9.57 -28.36
N GLN B 504 38.71 10.65 -28.46
CA GLN B 504 38.14 12.00 -28.57
C GLN B 504 37.31 12.17 -29.85
N GLU B 505 37.85 11.68 -30.97
CA GLU B 505 37.12 11.67 -32.24
C GLU B 505 35.83 10.84 -32.14
N PHE B 506 35.91 9.73 -31.41
CA PHE B 506 34.75 8.86 -31.19
C PHE B 506 33.72 9.57 -30.33
N ALA B 507 34.16 10.16 -29.22
CA ALA B 507 33.28 10.88 -28.32
C ALA B 507 32.86 12.21 -28.93
N SER B 508 31.98 12.14 -29.92
CA SER B 508 31.55 13.32 -30.68
C SER B 508 30.52 14.14 -29.90
N GLY B 509 29.89 13.53 -28.91
CA GLY B 509 28.92 14.21 -28.05
C GLY B 509 27.49 13.96 -28.44
N THR B 510 26.68 15.03 -28.41
CA THR B 510 25.24 14.95 -28.56
C THR B 510 24.79 15.00 -30.01
N CYS B 511 23.92 14.06 -30.39
CA CYS B 511 23.27 14.10 -31.72
C CYS B 511 22.10 15.08 -31.71
N PRO B 512 22.11 16.10 -32.60
CA PRO B 512 21.10 17.17 -32.57
C PRO B 512 19.63 16.73 -32.59
N ILE B 513 19.23 15.92 -33.57
CA ILE B 513 17.80 15.61 -33.73
C ILE B 513 17.27 14.75 -32.57
N PRO B 514 17.94 13.62 -32.25
CA PRO B 514 17.46 12.83 -31.12
C PRO B 514 17.41 13.60 -29.81
N TRP B 515 18.33 14.53 -29.61
CA TRP B 515 18.33 15.38 -28.42
C TRP B 515 17.11 16.28 -28.39
N GLN B 516 16.81 16.92 -29.52
CA GLN B 516 15.65 17.79 -29.62
C GLN B 516 14.36 17.02 -29.42
N GLU B 517 14.28 15.83 -29.99
CA GLU B 517 13.15 14.93 -29.75
C GLU B 517 13.00 14.66 -28.25
N GLU B 518 14.10 14.41 -27.56
CA GLU B 518 14.08 14.16 -26.13
C GLU B 518 13.55 15.36 -25.34
N MET B 519 14.06 16.55 -25.66
CA MET B 519 13.64 17.76 -24.97
C MET B 519 12.12 17.98 -25.08
N ILE B 520 11.58 17.68 -26.25
CA ILE B 520 10.15 17.84 -26.49
C ILE B 520 9.34 16.72 -25.83
N GLU B 521 9.71 15.48 -26.09
CA GLU B 521 9.02 14.31 -25.52
C GLU B 521 8.82 14.41 -24.02
N THR B 522 9.86 14.88 -23.32
CA THR B 522 9.86 14.93 -21.87
C THR B 522 9.30 16.23 -21.29
N GLY B 523 8.87 17.14 -22.16
CA GLY B 523 8.28 18.40 -21.73
C GLY B 523 9.27 19.44 -21.21
N VAL B 524 10.56 19.16 -21.35
CA VAL B 524 11.58 20.13 -20.94
C VAL B 524 11.57 21.33 -21.88
N PHE B 525 11.30 21.07 -23.15
CA PHE B 525 11.12 22.16 -24.10
C PHE B 525 9.96 23.06 -23.70
N GLY B 526 8.79 22.46 -23.51
CA GLY B 526 7.61 23.22 -23.07
C GLY B 526 7.86 24.01 -21.80
N ASP B 527 8.53 23.39 -20.84
CA ASP B 527 8.79 23.99 -19.53
C ASP B 527 9.75 25.19 -19.59
N LEU B 528 10.87 25.05 -20.29
CA LEU B 528 11.86 26.13 -20.37
C LEU B 528 11.52 27.19 -21.40
N ASN B 529 10.70 26.82 -22.40
CA ASN B 529 10.39 27.72 -23.50
C ASN B 529 9.12 28.56 -23.24
N VAL B 530 9.05 29.14 -22.04
CA VAL B 530 7.89 29.95 -21.63
C VAL B 530 8.16 31.43 -21.83
N TRP B 531 7.12 32.24 -21.70
CA TRP B 531 7.23 33.69 -21.81
C TRP B 531 6.58 34.39 -20.64
N ARG B 532 5.38 33.94 -20.26
CA ARG B 532 4.61 34.56 -19.19
C ARG B 532 3.85 33.49 -18.41
N PRO B 533 4.53 32.82 -17.46
CA PRO B 533 3.88 31.85 -16.58
C PRO B 533 3.28 32.51 -15.34
N ARG C 31 29.75 -2.93 39.75
CA ARG C 31 29.53 -1.45 39.75
C ARG C 31 30.60 -0.71 40.56
N ASP C 32 31.57 -0.07 39.90
CA ASP C 32 32.61 0.70 40.60
C ASP C 32 32.41 2.19 40.37
N ARG C 33 32.18 2.94 41.44
CA ARG C 33 31.90 4.37 41.34
C ARG C 33 33.16 5.18 41.02
N LYS C 34 34.33 4.62 41.31
CA LYS C 34 35.60 5.24 40.95
C LYS C 34 35.73 5.41 39.43
N TYR C 35 35.34 4.38 38.68
CA TYR C 35 35.44 4.40 37.22
C TYR C 35 34.23 5.06 36.56
N LEU C 36 33.09 5.06 37.25
CA LEU C 36 31.91 5.80 36.79
C LEU C 36 32.17 7.30 36.85
N ALA C 37 32.94 7.72 37.85
CA ALA C 37 33.34 9.12 38.00
C ALA C 37 34.19 9.61 36.82
N ARG C 38 34.94 8.70 36.19
CA ARG C 38 35.74 9.04 35.02
C ARG C 38 34.88 9.29 33.79
N LEU C 39 33.68 8.73 33.77
CA LEU C 39 32.70 9.04 32.74
C LEU C 39 32.02 10.36 33.08
N LYS C 40 32.69 11.45 32.74
CA LYS C 40 32.14 12.78 32.92
C LYS C 40 32.41 13.58 31.67
N LEU C 41 31.41 14.37 31.26
CA LEU C 41 31.49 15.11 30.02
C LEU C 41 32.57 16.19 30.13
N PRO C 42 33.39 16.34 29.08
CA PRO C 42 34.46 17.32 29.10
C PRO C 42 33.96 18.73 28.89
N PRO C 43 34.80 19.73 29.22
CA PRO C 43 34.50 21.10 28.80
C PRO C 43 34.51 21.21 27.28
N LEU C 44 33.82 22.21 26.74
CA LEU C 44 33.62 22.31 25.29
C LEU C 44 34.91 22.55 24.51
N SER C 45 35.86 23.25 25.14
CA SER C 45 37.14 23.56 24.52
C SER C 45 37.94 22.31 24.15
N LYS C 46 37.78 21.24 24.92
CA LYS C 46 38.43 19.96 24.62
C LYS C 46 37.84 19.23 23.41
N CYS C 47 36.72 19.72 22.88
CA CYS C 47 36.05 19.10 21.74
C CYS C 47 36.28 19.84 20.43
N GLU C 48 37.12 20.88 20.45
CA GLU C 48 37.40 21.69 19.25
C GLU C 48 38.19 20.86 18.23
N ALA C 49 39.22 20.17 18.71
CA ALA C 49 40.06 19.34 17.86
C ALA C 49 39.25 18.22 17.21
N LEU C 50 38.41 17.58 18.00
CA LEU C 50 37.57 16.49 17.53
C LEU C 50 36.57 16.93 16.47
N ARG C 51 36.10 18.18 16.57
CA ARG C 51 35.10 18.72 15.64
C ARG C 51 35.54 18.72 14.17
N GLU C 52 36.85 18.87 13.94
CA GLU C 52 37.41 18.88 12.60
C GLU C 52 37.72 17.47 12.09
N SER C 53 38.30 16.65 12.96
CA SER C 53 38.75 15.31 12.61
C SER C 53 37.66 14.27 12.87
N LEU C 54 36.51 14.45 12.23
CA LEU C 54 35.35 13.59 12.50
C LEU C 54 34.36 13.64 11.34
N ASP C 55 33.78 12.48 11.03
CA ASP C 55 32.81 12.37 9.94
C ASP C 55 31.46 12.96 10.39
N LEU C 56 31.09 14.10 9.82
CA LEU C 56 29.85 14.78 10.16
C LEU C 56 28.75 14.53 9.12
N GLY C 57 28.75 13.34 8.53
CA GLY C 57 27.71 12.96 7.58
C GLY C 57 26.43 12.69 8.34
N PHE C 58 25.30 13.09 7.75
CA PHE C 58 24.00 12.91 8.38
C PHE C 58 23.70 11.43 8.64
N GLU C 59 23.91 10.61 7.63
CA GLU C 59 23.69 9.17 7.74
C GLU C 59 24.59 8.57 8.82
N GLY C 60 25.86 8.92 8.80
CA GLY C 60 26.84 8.39 9.74
C GLY C 60 26.62 8.84 11.18
N MET C 61 26.16 10.07 11.35
CA MET C 61 26.05 10.66 12.68
C MET C 61 24.67 10.46 13.31
N CYS C 62 23.62 10.84 12.58
CA CYS C 62 22.28 10.87 13.15
C CYS C 62 21.45 9.60 12.93
N LEU C 63 21.95 8.67 12.11
CA LEU C 63 21.23 7.41 11.87
C LEU C 63 21.96 6.19 12.39
N GLU C 64 23.25 6.08 12.08
CA GLU C 64 24.02 4.87 12.41
C GLU C 64 24.59 4.86 13.83
N GLN C 65 24.81 6.04 14.41
CA GLN C 65 25.33 6.15 15.79
C GLN C 65 24.21 6.41 16.79
N PRO C 66 23.96 5.46 17.71
CA PRO C 66 22.84 5.56 18.66
C PRO C 66 22.73 6.87 19.43
N ILE C 67 23.84 7.39 19.95
CA ILE C 67 23.83 8.63 20.72
C ILE C 67 23.55 9.83 19.83
N GLY C 68 24.09 9.80 18.60
CA GLY C 68 23.83 10.86 17.62
C GLY C 68 22.36 10.91 17.28
N LYS C 69 21.78 9.75 16.99
CA LYS C 69 20.36 9.63 16.67
C LYS C 69 19.51 10.10 17.84
N ARG C 70 19.89 9.67 19.04
CA ARG C 70 19.17 10.03 20.24
C ARG C 70 19.19 11.56 20.43
N LEU C 71 20.36 12.17 20.28
CA LEU C 71 20.51 13.61 20.44
C LEU C 71 19.85 14.39 19.31
N PHE C 72 19.86 13.82 18.10
CA PHE C 72 19.20 14.45 16.95
C PHE C 72 17.68 14.47 17.17
N GLN C 73 17.13 13.36 17.67
CA GLN C 73 15.69 13.29 17.95
C GLN C 73 15.27 14.19 19.11
N GLN C 74 16.12 14.36 20.12
CA GLN C 74 15.86 15.33 21.19
C GLN C 74 15.79 16.74 20.64
N PHE C 75 16.69 17.05 19.71
CA PHE C 75 16.67 18.34 19.04
C PHE C 75 15.34 18.57 18.32
N LEU C 76 14.91 17.57 17.54
CA LEU C 76 13.65 17.65 16.79
C LEU C 76 12.44 17.77 17.72
N ARG C 77 12.43 16.98 18.79
CA ARG C 77 11.40 17.06 19.81
C ARG C 77 11.21 18.46 20.41
N THR C 78 12.32 19.17 20.64
CA THR C 78 12.26 20.51 21.26
C THR C 78 12.01 21.64 20.27
N HIS C 79 11.79 21.30 19.00
CA HIS C 79 11.46 22.29 17.97
C HIS C 79 10.14 21.93 17.30
N GLU C 80 9.11 22.71 17.60
CA GLU C 80 7.74 22.45 17.15
C GLU C 80 7.63 22.11 15.66
N GLN C 81 8.34 22.85 14.82
CA GLN C 81 8.24 22.68 13.36
C GLN C 81 8.67 21.29 12.88
N HIS C 82 9.59 20.65 13.59
CA HIS C 82 10.08 19.31 13.20
C HIS C 82 9.32 18.18 13.90
N GLY C 83 8.32 18.51 14.71
CA GLY C 83 7.50 17.52 15.40
C GLY C 83 6.86 16.48 14.50
N PRO C 84 6.16 16.93 13.43
CA PRO C 84 5.57 16.00 12.47
C PRO C 84 6.57 15.00 11.88
N ALA C 85 7.70 15.49 11.38
CA ALA C 85 8.71 14.62 10.79
C ALA C 85 9.27 13.61 11.79
N LEU C 86 9.46 14.05 13.04
CA LEU C 86 9.98 13.19 14.09
C LEU C 86 9.01 12.06 14.41
N GLN C 87 7.74 12.41 14.61
CA GLN C 87 6.73 11.44 14.99
C GLN C 87 6.42 10.46 13.86
N LEU C 88 6.45 10.94 12.62
CA LEU C 88 6.29 10.06 11.46
C LEU C 88 7.44 9.07 11.39
N TRP C 89 8.65 9.57 11.59
CA TRP C 89 9.84 8.73 11.61
C TRP C 89 9.70 7.62 12.64
N LYS C 90 9.32 8.00 13.86
CA LYS C 90 9.14 7.02 14.94
C LYS C 90 8.06 6.00 14.63
N ASP C 91 6.94 6.45 14.08
CA ASP C 91 5.79 5.58 13.82
C ASP C 91 6.05 4.58 12.69
N ILE C 92 6.89 4.95 11.73
CA ILE C 92 7.32 4.01 10.69
C ILE C 92 8.17 2.90 11.29
N GLU C 93 9.12 3.27 12.13
CA GLU C 93 9.96 2.30 12.81
C GLU C 93 9.13 1.42 13.76
N ASP C 94 8.17 2.03 14.44
CA ASP C 94 7.21 1.31 15.26
C ASP C 94 6.46 0.28 14.41
N TYR C 95 5.96 0.72 13.25
CA TYR C 95 5.23 -0.16 12.33
C TYR C 95 6.10 -1.31 11.83
N ASP C 96 7.37 -1.03 11.58
CA ASP C 96 8.30 -2.03 11.05
C ASP C 96 8.58 -3.20 12.01
N THR C 97 8.44 -2.94 13.31
CA THR C 97 8.69 -3.96 14.33
C THR C 97 7.43 -4.49 15.04
N ALA C 98 6.27 -3.98 14.68
CA ALA C 98 5.02 -4.35 15.36
C ALA C 98 4.54 -5.74 14.99
N ASP C 99 3.64 -6.29 15.80
CA ASP C 99 2.99 -7.58 15.50
C ASP C 99 2.07 -7.44 14.29
N ASP C 100 1.94 -8.51 13.53
CA ASP C 100 1.09 -8.53 12.34
C ASP C 100 -0.35 -8.11 12.64
N ALA C 101 -0.84 -8.46 13.82
CA ALA C 101 -2.20 -8.11 14.24
C ALA C 101 -2.39 -6.60 14.42
N LEU C 102 -1.34 -5.91 14.82
CA LEU C 102 -1.39 -4.48 15.08
C LEU C 102 -1.04 -3.63 13.85
N ARG C 103 -0.55 -4.27 12.79
CA ARG C 103 -0.05 -3.54 11.62
C ARG C 103 -1.14 -2.80 10.84
N PRO C 104 -2.28 -3.47 10.56
CA PRO C 104 -3.40 -2.77 9.94
C PRO C 104 -3.81 -1.50 10.70
N GLN C 105 -3.93 -1.60 12.02
CA GLN C 105 -4.28 -0.46 12.89
C GLN C 105 -3.24 0.64 12.81
N LYS C 106 -1.97 0.27 12.94
CA LYS C 106 -0.87 1.25 12.96
C LYS C 106 -0.68 1.92 11.60
N ALA C 107 -0.92 1.18 10.53
CA ALA C 107 -0.89 1.75 9.18
C ALA C 107 -2.00 2.78 9.04
N GLN C 108 -3.19 2.45 9.52
CA GLN C 108 -4.33 3.36 9.48
C GLN C 108 -4.11 4.63 10.30
N ALA C 109 -3.64 4.47 11.54
CA ALA C 109 -3.38 5.60 12.43
C ALA C 109 -2.30 6.52 11.84
N LEU C 110 -1.27 5.91 11.25
CA LEU C 110 -0.16 6.65 10.65
C LEU C 110 -0.63 7.52 9.50
N ARG C 111 -1.40 6.91 8.59
CA ARG C 111 -1.91 7.64 7.45
C ARG C 111 -2.84 8.78 7.87
N ALA C 112 -3.68 8.51 8.87
CA ALA C 112 -4.62 9.51 9.38
C ALA C 112 -3.91 10.67 10.08
N ALA C 113 -2.80 10.37 10.75
CA ALA C 113 -2.08 11.37 11.55
C ALA C 113 -1.18 12.29 10.70
N TYR C 114 -0.47 11.70 9.73
CA TYR C 114 0.56 12.41 8.99
C TYR C 114 0.26 12.66 7.51
N LEU C 115 -0.61 11.84 6.91
CA LEU C 115 -0.88 11.91 5.47
C LEU C 115 -2.27 12.44 5.12
N GLU C 116 -2.79 13.32 5.98
CA GLU C 116 -4.09 13.96 5.77
C GLU C 116 -3.93 15.47 5.91
N PRO C 117 -4.24 16.24 4.85
CA PRO C 117 -4.01 17.70 4.84
C PRO C 117 -4.50 18.45 6.10
N GLN C 118 -5.64 18.02 6.64
CA GLN C 118 -6.27 18.69 7.78
C GLN C 118 -5.74 18.21 9.13
N ALA C 119 -4.95 17.13 9.14
CA ALA C 119 -4.39 16.60 10.38
C ALA C 119 -3.39 17.56 10.99
N GLN C 120 -3.29 17.54 12.33
CA GLN C 120 -2.43 18.45 13.07
C GLN C 120 -0.95 18.22 12.74
N LEU C 121 -0.54 16.96 12.70
CA LEU C 121 0.84 16.60 12.40
C LEU C 121 1.01 16.25 10.91
N PHE C 122 0.30 16.95 10.03
CA PHE C 122 0.42 16.73 8.59
C PHE C 122 1.81 17.13 8.11
N CYS C 123 2.48 16.19 7.44
CA CYS C 123 3.83 16.43 6.95
C CYS C 123 3.77 17.12 5.58
N SER C 124 3.86 18.45 5.61
CA SER C 124 3.73 19.27 4.40
C SER C 124 4.98 19.27 3.52
N PHE C 125 6.10 18.80 4.07
CA PHE C 125 7.38 18.76 3.34
C PHE C 125 7.44 17.65 2.28
N LEU C 126 6.49 16.73 2.30
CA LEU C 126 6.45 15.64 1.32
C LEU C 126 5.83 16.13 0.01
N ASP C 127 6.12 15.42 -1.09
CA ASP C 127 5.50 15.73 -2.38
C ASP C 127 4.13 15.05 -2.46
N ALA C 128 3.32 15.46 -3.42
CA ALA C 128 2.00 14.86 -3.63
C ALA C 128 2.13 13.40 -4.05
N GLU C 129 3.19 13.08 -4.78
CA GLU C 129 3.44 11.71 -5.24
C GLU C 129 3.67 10.74 -4.10
N THR C 130 4.55 11.12 -3.17
CA THR C 130 4.93 10.25 -2.06
C THR C 130 3.76 10.02 -1.09
N VAL C 131 3.00 11.07 -0.82
CA VAL C 131 1.86 10.99 0.09
C VAL C 131 0.77 10.08 -0.48
N ALA C 132 0.45 10.26 -1.75
CA ALA C 132 -0.54 9.43 -2.43
C ALA C 132 -0.11 7.97 -2.43
N ARG C 133 1.15 7.73 -2.80
CA ARG C 133 1.72 6.40 -2.76
C ARG C 133 1.55 5.71 -1.41
N ALA C 134 1.97 6.40 -0.35
CA ALA C 134 1.94 5.84 1.01
C ALA C 134 0.52 5.56 1.51
N ARG C 135 -0.46 6.30 0.98
CA ARG C 135 -1.88 6.09 1.31
C ARG C 135 -2.45 4.81 0.70
N ALA C 136 -1.74 4.23 -0.28
CA ALA C 136 -2.16 3.01 -0.97
C ALA C 136 -1.31 1.80 -0.58
N GLY C 137 -1.86 0.60 -0.78
CA GLY C 137 -1.12 -0.65 -0.61
C GLY C 137 -0.93 -1.07 0.84
N ALA C 138 -0.82 -2.37 1.06
CA ALA C 138 -0.55 -2.91 2.40
C ALA C 138 0.43 -4.08 2.32
N GLY C 139 1.63 -3.80 1.83
CA GLY C 139 2.68 -4.83 1.67
C GLY C 139 3.62 -4.91 2.86
N ASP C 140 4.62 -5.79 2.75
CA ASP C 140 5.63 -5.97 3.80
C ASP C 140 6.60 -4.78 3.86
N GLY C 141 6.94 -4.24 2.69
CA GLY C 141 7.84 -3.10 2.59
C GLY C 141 7.13 -1.76 2.47
N LEU C 142 5.96 -1.66 3.10
CA LEU C 142 5.16 -0.45 3.05
C LEU C 142 5.86 0.65 3.84
N PHE C 143 5.65 1.90 3.44
CA PHE C 143 6.28 3.06 4.10
C PHE C 143 7.80 3.13 3.97
N GLN C 144 8.42 2.27 3.16
CA GLN C 144 9.86 2.35 2.92
C GLN C 144 10.23 3.54 2.02
N PRO C 145 9.45 3.77 0.94
CA PRO C 145 9.65 5.01 0.19
C PRO C 145 9.39 6.25 1.04
N LEU C 146 8.38 6.17 1.90
CA LEU C 146 8.03 7.26 2.80
C LEU C 146 9.16 7.55 3.78
N LEU C 147 9.78 6.51 4.31
CA LEU C 147 10.90 6.67 5.25
C LEU C 147 12.08 7.34 4.56
N ARG C 148 12.41 6.92 3.35
CA ARG C 148 13.49 7.52 2.57
C ARG C 148 13.25 9.00 2.31
N ALA C 149 11.99 9.37 2.07
CA ALA C 149 11.61 10.77 1.87
C ALA C 149 11.76 11.59 3.15
N VAL C 150 11.38 11.01 4.29
CA VAL C 150 11.48 11.70 5.58
C VAL C 150 12.95 11.92 5.95
N LEU C 151 13.74 10.87 5.82
CA LEU C 151 15.16 10.94 6.15
C LEU C 151 15.92 11.87 5.19
N ALA C 152 15.46 11.95 3.95
CA ALA C 152 16.01 12.91 3.00
C ALA C 152 15.72 14.34 3.46
N HIS C 153 14.49 14.58 3.87
CA HIS C 153 14.09 15.90 4.38
C HIS C 153 14.86 16.26 5.63
N LEU C 154 14.91 15.35 6.59
CA LEU C 154 15.59 15.60 7.86
C LEU C 154 17.08 15.87 7.67
N GLY C 155 17.69 15.23 6.67
CA GLY C 155 19.11 15.40 6.38
C GLY C 155 19.46 16.75 5.74
N GLN C 156 18.44 17.52 5.37
CA GLN C 156 18.66 18.86 4.82
C GLN C 156 18.58 19.92 5.92
N ALA C 157 17.50 20.69 5.98
CA ALA C 157 17.40 21.85 6.88
C ALA C 157 17.46 21.48 8.36
N PRO C 158 16.67 20.48 8.79
CA PRO C 158 16.70 20.11 10.21
C PRO C 158 18.09 19.69 10.71
N PHE C 159 18.82 18.96 9.87
CA PHE C 159 20.19 18.56 10.21
C PHE C 159 21.10 19.78 10.34
N GLN C 160 20.98 20.72 9.42
CA GLN C 160 21.80 21.94 9.46
C GLN C 160 21.55 22.72 10.75
N GLU C 161 20.28 22.81 11.16
CA GLU C 161 19.91 23.49 12.39
C GLU C 161 20.50 22.77 13.60
N PHE C 162 20.49 21.45 13.55
CA PHE C 162 21.04 20.61 14.61
C PHE C 162 22.52 20.87 14.83
N LEU C 163 23.29 20.99 13.74
CA LEU C 163 24.72 21.26 13.82
C LEU C 163 25.01 22.59 14.50
N ASP C 164 24.06 23.51 14.38
CA ASP C 164 24.19 24.85 14.95
C ASP C 164 23.46 24.97 16.30
N SER C 165 23.24 23.84 16.97
CA SER C 165 22.51 23.79 18.24
C SER C 165 23.36 23.13 19.32
N LEU C 166 22.94 23.27 20.57
CA LEU C 166 23.65 22.68 21.70
C LEU C 166 23.70 21.15 21.63
N TYR C 167 22.73 20.55 20.95
CA TYR C 167 22.64 19.11 20.88
C TYR C 167 23.79 18.49 20.08
N PHE C 168 24.28 19.22 19.09
CA PHE C 168 25.46 18.76 18.34
C PHE C 168 26.72 18.84 19.19
N LEU C 169 26.88 19.93 19.94
CA LEU C 169 28.01 20.08 20.84
C LEU C 169 28.01 18.98 21.90
N ARG C 170 26.83 18.62 22.39
CA ARG C 170 26.72 17.52 23.35
C ARG C 170 27.16 16.20 22.72
N PHE C 171 26.84 16.02 21.44
CA PHE C 171 27.31 14.83 20.71
C PHE C 171 28.83 14.79 20.70
N LEU C 172 29.47 15.94 20.46
CA LEU C 172 30.93 16.01 20.46
C LEU C 172 31.49 15.63 21.82
N GLN C 173 30.85 16.12 22.88
CA GLN C 173 31.26 15.78 24.24
C GLN C 173 31.24 14.28 24.47
N TRP C 174 30.17 13.63 24.00
CA TRP C 174 30.06 12.18 24.11
C TRP C 174 31.11 11.46 23.26
N LYS C 175 31.41 12.02 22.08
CA LYS C 175 32.45 11.47 21.21
C LYS C 175 33.85 11.61 21.80
N TRP C 176 34.10 12.72 22.48
CA TRP C 176 35.37 12.92 23.19
C TRP C 176 35.52 11.84 24.25
N LEU C 177 34.46 11.64 25.02
CA LEU C 177 34.45 10.65 26.09
C LEU C 177 34.63 9.24 25.53
N GLU C 178 34.04 9.02 24.37
CA GLU C 178 34.15 7.76 23.64
C GLU C 178 35.60 7.44 23.26
N ALA C 179 36.37 8.48 22.96
CA ALA C 179 37.75 8.33 22.49
C ALA C 179 38.78 8.20 23.62
N GLN C 180 38.37 8.40 24.87
CA GLN C 180 39.29 8.33 26.01
C GLN C 180 39.78 6.90 26.19
N PRO C 181 40.98 6.73 26.78
CA PRO C 181 41.54 5.38 26.92
C PRO C 181 40.70 4.55 27.88
N MET C 182 40.34 3.34 27.44
CA MET C 182 39.60 2.42 28.29
C MET C 182 40.18 1.03 28.08
N GLY C 183 41.35 0.82 28.69
CA GLY C 183 42.11 -0.41 28.53
C GLY C 183 41.74 -1.45 29.57
N GLU C 184 42.70 -2.30 29.92
CA GLU C 184 42.45 -3.43 30.81
C GLU C 184 41.95 -3.01 32.19
N ASP C 185 42.45 -1.89 32.69
CA ASP C 185 42.05 -1.38 34.01
C ASP C 185 40.55 -1.16 34.15
N TRP C 186 39.85 -0.93 33.04
CA TRP C 186 38.40 -0.71 33.04
C TRP C 186 37.59 -2.01 33.07
N PHE C 187 38.25 -3.16 33.06
CA PHE C 187 37.56 -4.43 33.00
C PHE C 187 37.98 -5.37 34.12
N LEU C 188 36.99 -5.89 34.86
CA LEU C 188 37.21 -6.84 35.93
C LEU C 188 36.82 -8.24 35.46
N ASP C 189 37.80 -9.13 35.36
CA ASP C 189 37.54 -10.52 35.02
C ASP C 189 37.08 -11.25 36.28
N PHE C 190 35.96 -11.97 36.19
CA PHE C 190 35.43 -12.72 37.33
C PHE C 190 35.24 -14.22 37.10
N ARG C 191 35.28 -14.67 35.85
CA ARG C 191 35.17 -16.09 35.53
C ARG C 191 35.87 -16.46 34.23
N VAL C 192 36.51 -17.64 34.22
CA VAL C 192 37.15 -18.17 33.02
C VAL C 192 36.13 -19.02 32.25
N LEU C 193 36.05 -18.81 30.93
CA LEU C 193 35.07 -19.49 30.08
C LEU C 193 35.70 -20.59 29.23
N GLY C 194 36.86 -20.32 28.65
CA GLY C 194 37.54 -21.30 27.79
C GLY C 194 39.03 -21.08 27.68
N ARG C 195 39.75 -22.15 27.34
CA ARG C 195 41.20 -22.11 27.24
C ARG C 195 41.71 -23.08 26.16
N GLY C 196 42.55 -22.57 25.25
CA GLY C 196 43.13 -23.38 24.18
C GLY C 196 44.48 -22.84 23.71
N GLY C 197 44.76 -23.01 22.42
CA GLY C 197 46.04 -22.59 21.84
C GLY C 197 46.21 -21.09 21.69
N PHE C 198 45.27 -20.46 20.99
CA PHE C 198 45.22 -18.99 20.83
C PHE C 198 45.38 -18.19 22.15
N GLY C 199 44.72 -18.67 23.19
CA GLY C 199 44.63 -17.96 24.46
C GLY C 199 43.35 -18.30 25.22
N GLU C 200 43.04 -17.48 26.22
CA GLU C 200 41.94 -17.73 27.15
C GLU C 200 40.78 -16.75 26.94
N VAL C 201 39.57 -17.19 27.30
CA VAL C 201 38.37 -16.35 27.22
C VAL C 201 37.78 -16.16 28.62
N PHE C 202 37.63 -14.90 29.01
CA PHE C 202 37.13 -14.52 30.33
C PHE C 202 35.77 -13.86 30.22
N ALA C 203 34.95 -14.03 31.27
CA ALA C 203 33.75 -13.23 31.44
C ALA C 203 34.14 -12.06 32.32
N CYS C 204 33.87 -10.84 31.85
CA CYS C 204 34.31 -9.65 32.56
C CYS C 204 33.22 -8.58 32.66
N GLN C 205 33.46 -7.62 33.54
CA GLN C 205 32.55 -6.51 33.75
C GLN C 205 33.24 -5.22 33.38
N MET C 206 32.59 -4.40 32.56
CA MET C 206 33.04 -3.04 32.31
C MET C 206 32.73 -2.28 33.60
N LYS C 207 33.78 -1.81 34.25
CA LYS C 207 33.72 -1.36 35.63
C LYS C 207 32.81 -0.13 35.84
N ALA C 208 32.85 0.82 34.91
CA ALA C 208 32.08 2.05 35.04
C ALA C 208 30.57 1.82 34.94
N THR C 209 30.14 1.09 33.91
CA THR C 209 28.72 0.87 33.62
C THR C 209 28.17 -0.40 34.25
N GLY C 210 29.05 -1.38 34.46
CA GLY C 210 28.65 -2.66 35.04
C GLY C 210 28.19 -3.68 34.01
N LYS C 211 28.24 -3.34 32.72
CA LYS C 211 27.80 -4.26 31.69
C LYS C 211 28.75 -5.45 31.58
N LEU C 212 28.17 -6.62 31.38
CA LEU C 212 28.93 -7.87 31.30
C LEU C 212 29.37 -8.12 29.86
N TYR C 213 30.64 -8.49 29.70
CA TYR C 213 31.21 -8.81 28.39
C TYR C 213 32.00 -10.11 28.45
N ALA C 214 32.31 -10.66 27.27
CA ALA C 214 33.28 -11.72 27.14
C ALA C 214 34.58 -11.11 26.60
N CYS C 215 35.70 -11.36 27.29
CA CYS C 215 36.99 -10.87 26.84
C CYS C 215 37.85 -12.03 26.37
N LYS C 216 38.23 -12.02 25.10
CA LYS C 216 39.12 -13.02 24.52
C LYS C 216 40.53 -12.46 24.53
N LYS C 217 41.42 -13.13 25.25
CA LYS C 217 42.81 -12.69 25.36
C LYS C 217 43.71 -13.61 24.54
N LEU C 218 44.44 -13.02 23.61
CA LEU C 218 45.40 -13.74 22.78
C LEU C 218 46.81 -13.50 23.32
N ASN C 219 47.51 -14.56 23.70
CA ASN C 219 48.86 -14.43 24.21
C ASN C 219 49.81 -13.95 23.10
N LYS C 220 50.56 -12.90 23.40
CA LYS C 220 51.44 -12.27 22.40
C LYS C 220 52.56 -13.20 21.92
N LYS C 221 53.23 -13.86 22.86
CA LYS C 221 54.34 -14.74 22.54
C LYS C 221 53.90 -15.97 21.76
N ARG C 222 52.78 -16.57 22.17
CA ARG C 222 52.22 -17.75 21.48
C ARG C 222 51.77 -17.42 20.05
N LEU C 223 51.24 -16.20 19.86
CA LEU C 223 50.77 -15.76 18.55
C LEU C 223 51.90 -15.71 17.51
N LYS C 224 53.00 -15.08 17.84
CA LYS C 224 54.16 -15.03 16.90
C LYS C 224 54.36 -16.16 15.81
N LYS C 225 54.56 -17.41 16.25
CA LYS C 225 54.43 -18.61 15.39
C LYS C 225 52.97 -18.98 15.08
N ARG C 226 52.70 -19.85 14.09
CA ARG C 226 51.39 -20.50 13.91
C ARG C 226 50.39 -19.67 13.10
N LYS C 227 50.86 -18.72 12.28
CA LYS C 227 50.00 -17.95 11.36
C LYS C 227 48.88 -17.26 12.11
N GLY C 228 49.25 -16.52 13.16
CA GLY C 228 48.32 -15.90 14.07
C GLY C 228 48.29 -14.38 14.04
N TYR C 229 49.12 -13.63 13.28
CA TYR C 229 49.01 -12.14 13.26
C TYR C 229 47.93 -11.76 12.26
N GLN C 230 48.06 -12.31 11.06
CA GLN C 230 47.04 -12.15 10.04
C GLN C 230 45.67 -12.58 10.51
N GLY C 231 45.58 -13.81 10.96
CA GLY C 231 44.32 -14.40 11.39
C GLY C 231 43.65 -13.61 12.49
N ALA C 232 44.45 -13.09 13.43
CA ALA C 232 43.94 -12.28 14.53
C ALA C 232 43.55 -10.88 14.07
N MET C 233 44.37 -10.29 13.20
CA MET C 233 44.11 -8.95 12.67
C MET C 233 42.87 -8.95 11.79
N VAL C 234 42.77 -9.94 10.90
CA VAL C 234 41.63 -10.07 10.01
C VAL C 234 40.34 -10.23 10.83
N GLU C 235 40.36 -11.08 11.84
CA GLU C 235 39.18 -11.29 12.70
C GLU C 235 38.75 -10.00 13.39
N LYS C 236 39.71 -9.28 13.94
CA LYS C 236 39.42 -8.03 14.66
C LYS C 236 38.73 -7.03 13.74
N LYS C 237 39.33 -6.78 12.59
CA LYS C 237 38.78 -5.83 11.61
C LYS C 237 37.37 -6.19 11.16
N ILE C 238 37.10 -7.48 10.97
CA ILE C 238 35.77 -7.94 10.55
C ILE C 238 34.75 -7.71 11.66
N LEU C 239 35.05 -8.17 12.87
CA LEU C 239 34.15 -7.96 14.01
C LEU C 239 33.86 -6.48 14.26
N ALA C 240 34.85 -5.63 14.00
CA ALA C 240 34.72 -4.20 14.23
C ALA C 240 33.77 -3.55 13.22
N LYS C 241 33.96 -3.84 11.93
CA LYS C 241 33.18 -3.22 10.87
C LYS C 241 31.76 -3.79 10.74
N VAL C 242 31.55 -5.01 11.22
CA VAL C 242 30.24 -5.66 11.14
C VAL C 242 29.41 -5.37 12.39
N HIS C 243 28.13 -5.06 12.18
CA HIS C 243 27.21 -4.78 13.29
C HIS C 243 25.90 -5.53 13.03
N SER C 244 25.74 -6.67 13.70
CA SER C 244 24.58 -7.55 13.49
C SER C 244 24.23 -8.25 14.79
N ARG C 245 22.93 -8.47 15.00
CA ARG C 245 22.48 -9.15 16.21
C ARG C 245 22.68 -10.66 16.16
N PHE C 246 23.08 -11.19 14.99
CA PHE C 246 23.36 -12.62 14.82
C PHE C 246 24.85 -12.91 14.70
N ILE C 247 25.68 -11.91 14.99
CA ILE C 247 27.12 -12.06 15.02
C ILE C 247 27.61 -11.37 16.29
N VAL C 248 28.55 -12.00 16.99
CA VAL C 248 29.09 -11.39 18.21
C VAL C 248 29.73 -10.03 17.85
N SER C 249 29.46 -9.03 18.69
CA SER C 249 29.96 -7.68 18.44
C SER C 249 31.24 -7.44 19.21
N LEU C 250 32.18 -6.73 18.59
CA LEU C 250 33.37 -6.25 19.27
C LEU C 250 33.06 -4.87 19.83
N ALA C 251 33.33 -4.67 21.12
CA ALA C 251 33.10 -3.39 21.78
C ALA C 251 34.41 -2.64 22.02
N TYR C 252 35.42 -3.35 22.51
CA TYR C 252 36.74 -2.77 22.77
C TYR C 252 37.84 -3.68 22.27
N ALA C 253 38.90 -3.10 21.73
CA ALA C 253 40.12 -3.82 21.37
C ALA C 253 41.30 -3.09 21.97
N PHE C 254 41.98 -3.73 22.92
CA PHE C 254 43.15 -3.14 23.56
C PHE C 254 44.25 -4.16 23.81
N GLU C 255 45.43 -3.67 24.17
CA GLU C 255 46.59 -4.51 24.42
C GLU C 255 47.05 -4.40 25.88
N THR C 256 47.63 -5.48 26.39
CA THR C 256 48.27 -5.49 27.71
C THR C 256 49.75 -5.86 27.50
N LYS C 257 50.49 -5.98 28.60
CA LYS C 257 51.92 -6.37 28.52
C LYS C 257 52.07 -7.76 27.88
N THR C 258 51.13 -8.67 28.16
CA THR C 258 51.23 -10.06 27.71
C THR C 258 50.20 -10.49 26.65
N ASP C 259 49.05 -9.81 26.61
CA ASP C 259 47.93 -10.24 25.77
C ASP C 259 47.41 -9.17 24.82
N LEU C 260 46.77 -9.61 23.74
CA LEU C 260 45.91 -8.78 22.91
C LEU C 260 44.48 -9.17 23.25
N CYS C 261 43.65 -8.18 23.58
CA CYS C 261 42.34 -8.43 24.16
C CYS C 261 41.20 -7.92 23.28
N LEU C 262 40.18 -8.75 23.14
CA LEU C 262 38.96 -8.38 22.42
C LEU C 262 37.76 -8.52 23.35
N VAL C 263 37.17 -7.38 23.72
CA VAL C 263 35.97 -7.37 24.55
C VAL C 263 34.75 -7.42 23.63
N MET C 264 33.96 -8.47 23.78
CA MET C 264 32.85 -8.73 22.87
C MET C 264 31.61 -9.24 23.60
N THR C 265 30.50 -9.28 22.86
CA THR C 265 29.22 -9.74 23.39
C THR C 265 29.36 -11.06 24.15
N ILE C 266 28.91 -11.08 25.40
CA ILE C 266 28.90 -12.32 26.18
C ILE C 266 27.68 -13.15 25.81
N MET C 267 27.86 -14.47 25.85
CA MET C 267 26.83 -15.41 25.48
C MET C 267 26.77 -16.51 26.55
N ASN C 268 25.98 -16.28 27.60
CA ASN C 268 25.99 -17.15 28.79
C ASN C 268 25.40 -18.54 28.60
N GLY C 269 24.60 -18.71 27.56
CA GLY C 269 24.02 -20.01 27.25
C GLY C 269 25.02 -21.04 26.73
N GLY C 270 26.20 -20.59 26.32
CA GLY C 270 27.22 -21.48 25.75
C GLY C 270 26.89 -21.88 24.32
N ASP C 271 27.67 -22.80 23.78
CA ASP C 271 27.53 -23.20 22.38
C ASP C 271 26.38 -24.17 22.15
N ILE C 272 25.88 -24.20 20.92
CA ILE C 272 24.79 -25.09 20.51
C ILE C 272 25.12 -26.56 20.80
N ARG C 273 26.35 -26.97 20.48
CA ARG C 273 26.75 -28.37 20.58
C ARG C 273 26.46 -28.95 21.96
N TYR C 274 26.78 -28.19 23.01
CA TYR C 274 26.49 -28.62 24.39
C TYR C 274 24.99 -28.87 24.60
N HIS C 275 24.16 -27.97 24.09
CA HIS C 275 22.70 -28.10 24.21
C HIS C 275 22.10 -29.26 23.43
N ILE C 276 22.80 -29.68 22.37
CA ILE C 276 22.38 -30.84 21.59
C ILE C 276 22.53 -32.13 22.39
N TYR C 277 23.71 -32.33 22.98
CA TYR C 277 24.09 -33.62 23.57
C TYR C 277 23.92 -33.69 25.10
N ASN C 278 24.27 -32.62 25.80
CA ASN C 278 24.48 -32.67 27.26
C ASN C 278 23.31 -32.18 28.14
N VAL C 279 22.24 -31.66 27.55
CA VAL C 279 21.06 -31.26 28.33
C VAL C 279 20.10 -32.42 28.63
N ASP C 280 19.76 -33.20 27.60
CA ASP C 280 18.96 -34.44 27.71
C ASP C 280 19.74 -35.55 27.03
N GLU C 281 20.59 -36.24 27.78
CA GLU C 281 21.45 -37.28 27.22
C GLU C 281 20.72 -38.55 26.80
N ASP C 282 19.47 -38.73 27.25
CA ASP C 282 18.65 -39.88 26.85
C ASP C 282 18.02 -39.67 25.48
N ASN C 283 17.52 -38.46 25.24
CA ASN C 283 17.03 -38.06 23.92
C ASN C 283 17.71 -36.78 23.46
N PRO C 284 18.94 -36.90 22.93
CA PRO C 284 19.66 -35.73 22.48
C PRO C 284 19.11 -35.19 21.15
N GLY C 285 19.44 -33.94 20.85
CA GLY C 285 18.94 -33.26 19.65
C GLY C 285 17.83 -32.29 20.00
N PHE C 286 17.61 -31.30 19.13
CA PHE C 286 16.55 -30.33 19.33
C PHE C 286 15.26 -30.75 18.65
N GLN C 287 14.15 -30.25 19.18
CA GLN C 287 12.87 -30.36 18.52
C GLN C 287 12.93 -29.50 17.25
N GLU C 288 12.24 -29.93 16.20
CA GLU C 288 12.38 -29.28 14.88
C GLU C 288 12.10 -27.77 14.87
N PRO C 289 11.02 -27.31 15.55
CA PRO C 289 10.78 -25.87 15.64
C PRO C 289 11.96 -25.08 16.21
N ARG C 290 12.62 -25.65 17.21
CA ARG C 290 13.79 -25.03 17.82
C ARG C 290 14.97 -24.98 16.86
N ALA C 291 15.21 -26.08 16.14
CA ALA C 291 16.29 -26.15 15.18
C ALA C 291 16.10 -25.14 14.05
N ILE C 292 14.85 -24.98 13.61
CA ILE C 292 14.52 -24.05 12.53
C ILE C 292 14.78 -22.61 12.97
N PHE C 293 14.42 -22.29 14.21
CA PHE C 293 14.65 -20.96 14.76
C PHE C 293 16.12 -20.59 14.72
N TYR C 294 16.97 -21.47 15.23
CA TYR C 294 18.41 -21.22 15.24
C TYR C 294 18.96 -21.13 13.83
N THR C 295 18.50 -22.03 12.96
CA THR C 295 18.89 -22.01 11.55
C THR C 295 18.58 -20.66 10.92
N ALA C 296 17.38 -20.15 11.16
CA ALA C 296 16.96 -18.85 10.62
C ALA C 296 17.85 -17.72 11.15
N GLN C 297 18.24 -17.80 12.42
CA GLN C 297 19.14 -16.81 13.00
C GLN C 297 20.55 -16.90 12.42
N ILE C 298 21.03 -18.13 12.20
CA ILE C 298 22.34 -18.34 11.59
C ILE C 298 22.36 -17.81 10.16
N VAL C 299 21.31 -18.12 9.40
CA VAL C 299 21.17 -17.65 8.02
C VAL C 299 21.32 -16.12 7.95
N SER C 300 20.60 -15.44 8.83
CA SER C 300 20.64 -13.97 8.89
C SER C 300 22.05 -13.46 9.16
N GLY C 301 22.80 -14.17 10.01
CA GLY C 301 24.18 -13.85 10.26
C GLY C 301 25.07 -14.07 9.05
N LEU C 302 24.89 -15.21 8.38
CA LEU C 302 25.64 -15.52 7.17
C LEU C 302 25.41 -14.49 6.08
N GLU C 303 24.14 -14.16 5.85
CA GLU C 303 23.78 -13.16 4.84
C GLU C 303 24.49 -11.84 5.11
N HIS C 304 24.54 -11.45 6.38
CA HIS C 304 25.19 -10.19 6.76
C HIS C 304 26.66 -10.19 6.32
N LEU C 305 27.35 -11.30 6.54
CA LEU C 305 28.73 -11.44 6.11
C LEU C 305 28.85 -11.46 4.59
N HIS C 306 28.02 -12.26 3.93
CA HIS C 306 28.12 -12.46 2.48
C HIS C 306 27.79 -11.19 1.69
N GLN C 307 26.83 -10.42 2.19
CA GLN C 307 26.52 -9.12 1.60
C GLN C 307 27.69 -8.14 1.67
N ARG C 308 28.63 -8.40 2.58
CA ARG C 308 29.85 -7.62 2.70
C ARG C 308 31.07 -8.37 2.16
N ASN C 309 30.83 -9.36 1.31
CA ASN C 309 31.88 -10.16 0.67
C ASN C 309 32.84 -10.81 1.67
N ILE C 310 32.30 -11.36 2.74
CA ILE C 310 33.08 -12.07 3.74
C ILE C 310 32.61 -13.51 3.81
N ILE C 311 33.57 -14.44 3.86
CA ILE C 311 33.26 -15.86 3.99
C ILE C 311 33.66 -16.31 5.40
N TYR C 312 32.73 -16.98 6.08
CA TYR C 312 32.90 -17.36 7.48
C TYR C 312 33.87 -18.52 7.63
N ARG C 313 33.62 -19.60 6.89
CA ARG C 313 34.51 -20.77 6.79
C ARG C 313 34.70 -21.60 8.07
N ASP C 314 33.90 -21.35 9.11
CA ASP C 314 33.97 -22.16 10.33
C ASP C 314 32.63 -22.22 11.06
N LEU C 315 31.55 -22.41 10.30
CA LEU C 315 30.23 -22.60 10.90
C LEU C 315 30.13 -24.03 11.43
N LYS C 316 29.78 -24.14 12.70
CA LYS C 316 29.54 -25.43 13.35
C LYS C 316 28.89 -25.20 14.71
N PRO C 317 28.15 -26.19 15.22
CA PRO C 317 27.45 -26.07 16.50
C PRO C 317 28.26 -25.42 17.62
N GLU C 318 29.53 -25.80 17.75
CA GLU C 318 30.36 -25.30 18.85
C GLU C 318 30.74 -23.82 18.67
N ASN C 319 30.56 -23.27 17.47
CA ASN C 319 30.78 -21.83 17.22
C ASN C 319 29.48 -21.01 17.16
N VAL C 320 28.33 -21.66 17.32
CA VAL C 320 27.05 -20.96 17.42
C VAL C 320 26.66 -20.89 18.90
N LEU C 321 26.61 -19.67 19.44
CA LEU C 321 26.45 -19.46 20.89
C LEU C 321 25.06 -18.97 21.27
N LEU C 322 24.63 -19.28 22.50
CA LEU C 322 23.34 -18.82 23.04
C LEU C 322 23.52 -17.76 24.10
N ASP C 323 22.63 -16.77 24.13
CA ASP C 323 22.61 -15.75 25.17
C ASP C 323 21.50 -16.03 26.18
N ASP C 324 21.35 -15.17 27.17
CA ASP C 324 20.38 -15.34 28.26
C ASP C 324 18.94 -15.54 27.75
N ASP C 325 18.58 -14.81 26.71
CA ASP C 325 17.21 -14.81 26.19
C ASP C 325 16.89 -16.05 25.36
N GLY C 326 17.93 -16.70 24.83
CA GLY C 326 17.75 -17.88 23.98
C GLY C 326 18.02 -17.63 22.51
N ASN C 327 18.54 -16.44 22.18
CA ASN C 327 18.93 -16.09 20.82
C ASN C 327 20.37 -16.50 20.57
N VAL C 328 20.69 -16.76 19.30
CA VAL C 328 22.04 -17.22 18.95
C VAL C 328 22.79 -16.25 18.05
N ARG C 329 24.11 -16.36 18.09
CA ARG C 329 25.00 -15.63 17.21
C ARG C 329 26.14 -16.56 16.78
N ILE C 330 26.70 -16.31 15.59
CA ILE C 330 27.89 -17.01 15.15
C ILE C 330 29.10 -16.31 15.78
N SER C 331 30.16 -17.07 16.01
CA SER C 331 31.35 -16.56 16.70
C SER C 331 32.62 -17.21 16.18
N ASP C 332 33.76 -16.67 16.58
CA ASP C 332 35.07 -17.17 16.16
C ASP C 332 35.26 -16.99 14.65
N LEU C 333 35.57 -15.76 14.26
CA LEU C 333 35.81 -15.41 12.85
C LEU C 333 37.29 -15.52 12.50
N GLY C 334 38.03 -16.37 13.22
CA GLY C 334 39.46 -16.54 13.04
C GLY C 334 39.87 -17.08 11.67
N LEU C 335 39.01 -17.92 11.09
CA LEU C 335 39.26 -18.48 9.78
C LEU C 335 38.50 -17.74 8.67
N ALA C 336 37.86 -16.63 9.02
CA ALA C 336 37.08 -15.86 8.06
C ALA C 336 38.01 -15.13 7.09
N VAL C 337 37.51 -14.89 5.88
CA VAL C 337 38.27 -14.19 4.86
C VAL C 337 37.37 -13.20 4.12
N GLU C 338 37.92 -12.03 3.81
CA GLU C 338 37.22 -10.98 3.10
C GLU C 338 37.73 -10.91 1.67
N LEU C 339 36.82 -11.03 0.71
CA LEU C 339 37.17 -10.89 -0.69
C LEU C 339 37.39 -9.42 -1.01
N LYS C 340 38.45 -9.13 -1.77
CA LYS C 340 38.70 -7.76 -2.24
C LYS C 340 37.70 -7.40 -3.34
N ALA C 341 37.68 -6.12 -3.73
CA ALA C 341 36.75 -5.64 -4.75
C ALA C 341 37.00 -6.30 -6.10
N GLY C 342 35.94 -6.83 -6.71
CA GLY C 342 36.05 -7.51 -8.01
C GLY C 342 36.14 -9.02 -7.91
N GLN C 343 36.69 -9.52 -6.80
CA GLN C 343 36.90 -10.95 -6.60
C GLN C 343 35.60 -11.64 -6.22
N THR C 344 35.26 -12.72 -6.93
CA THR C 344 34.03 -13.47 -6.68
C THR C 344 34.28 -14.80 -5.93
N LYS C 345 35.49 -15.35 -6.06
CA LYS C 345 35.83 -16.62 -5.39
C LYS C 345 37.23 -16.56 -4.77
N THR C 346 37.52 -17.51 -3.89
CA THR C 346 38.81 -17.58 -3.20
C THR C 346 39.35 -19.00 -3.18
N LYS C 347 40.59 -19.14 -2.73
CA LYS C 347 41.21 -20.45 -2.55
C LYS C 347 41.93 -20.48 -1.20
N GLY C 348 41.97 -21.67 -0.59
CA GLY C 348 42.64 -21.84 0.70
C GLY C 348 42.00 -22.95 1.51
N TYR C 349 42.81 -23.88 2.00
CA TYR C 349 42.34 -24.97 2.85
C TYR C 349 42.20 -24.46 4.29
N ALA C 350 40.97 -24.37 4.76
CA ALA C 350 40.69 -23.94 6.13
C ALA C 350 39.28 -24.38 6.55
N GLY C 351 39.14 -24.73 7.83
CA GLY C 351 37.84 -25.15 8.37
C GLY C 351 37.97 -26.33 9.32
N THR C 352 36.82 -26.87 9.71
CA THR C 352 36.77 -28.01 10.63
C THR C 352 36.37 -29.26 9.86
N PRO C 353 37.09 -30.37 10.06
CA PRO C 353 36.73 -31.64 9.42
C PRO C 353 35.28 -32.02 9.66
N GLY C 354 34.56 -32.33 8.58
CA GLY C 354 33.15 -32.69 8.67
C GLY C 354 32.22 -31.55 8.31
N PHE C 355 32.74 -30.33 8.31
CA PHE C 355 31.98 -29.14 7.93
C PHE C 355 32.50 -28.45 6.65
N MET C 356 33.69 -28.82 6.21
CA MET C 356 34.28 -28.26 5.00
C MET C 356 33.64 -28.89 3.76
N ALA C 357 33.26 -28.05 2.81
CA ALA C 357 32.56 -28.50 1.60
C ALA C 357 33.52 -29.21 0.66
N PRO C 358 32.99 -30.11 -0.20
CA PRO C 358 33.78 -30.85 -1.19
C PRO C 358 34.72 -29.99 -2.03
N GLU C 359 34.21 -28.90 -2.59
CA GLU C 359 35.03 -28.01 -3.43
C GLU C 359 36.24 -27.45 -2.68
N LEU C 360 36.10 -27.28 -1.36
CA LEU C 360 37.21 -26.87 -0.51
C LEU C 360 38.19 -28.04 -0.31
N LEU C 361 37.64 -29.21 0.01
CA LEU C 361 38.45 -30.42 0.23
C LEU C 361 39.25 -30.83 -1.02
N LEU C 362 38.72 -30.54 -2.20
CA LEU C 362 39.39 -30.86 -3.46
C LEU C 362 40.46 -29.83 -3.87
N GLY C 363 40.61 -28.77 -3.08
CA GLY C 363 41.62 -27.75 -3.34
C GLY C 363 41.25 -26.80 -4.47
N GLU C 364 39.95 -26.66 -4.72
CA GLU C 364 39.44 -25.85 -5.83
C GLU C 364 38.99 -24.48 -5.32
N GLU C 365 38.60 -23.61 -6.25
CA GLU C 365 38.07 -22.30 -5.90
C GLU C 365 36.65 -22.42 -5.35
N TYR C 366 36.31 -21.52 -4.43
CA TYR C 366 34.98 -21.52 -3.80
C TYR C 366 34.58 -20.12 -3.36
N ASP C 367 33.27 -19.93 -3.16
CA ASP C 367 32.72 -18.66 -2.72
C ASP C 367 31.95 -18.86 -1.40
N PHE C 368 30.82 -18.17 -1.24
CA PHE C 368 30.04 -18.23 -0.02
C PHE C 368 29.36 -19.58 0.19
N SER C 369 29.27 -20.38 -0.87
CA SER C 369 28.61 -21.68 -0.82
C SER C 369 29.14 -22.62 0.27
N VAL C 370 30.43 -22.50 0.60
CA VAL C 370 31.03 -23.33 1.66
C VAL C 370 30.34 -23.18 3.01
N ASP C 371 29.90 -21.96 3.33
CA ASP C 371 29.21 -21.69 4.59
C ASP C 371 27.85 -22.37 4.65
N TYR C 372 27.18 -22.47 3.50
CA TYR C 372 25.86 -23.08 3.43
C TYR C 372 25.92 -24.60 3.56
N PHE C 373 27.01 -25.20 3.08
CA PHE C 373 27.24 -26.63 3.29
C PHE C 373 27.39 -26.91 4.78
N ALA C 374 28.18 -26.08 5.45
CA ALA C 374 28.36 -26.17 6.90
C ALA C 374 27.04 -25.97 7.64
N LEU C 375 26.19 -25.08 7.13
CA LEU C 375 24.86 -24.87 7.71
C LEU C 375 24.02 -26.14 7.64
N GLY C 376 24.06 -26.81 6.49
CA GLY C 376 23.37 -28.08 6.31
C GLY C 376 23.82 -29.12 7.31
N VAL C 377 25.12 -29.18 7.55
CA VAL C 377 25.70 -30.12 8.52
C VAL C 377 25.29 -29.72 9.93
N THR C 378 25.30 -28.42 10.20
CA THR C 378 24.92 -27.90 11.51
C THR C 378 23.47 -28.22 11.83
N LEU C 379 22.57 -27.99 10.87
CA LEU C 379 21.16 -28.31 11.05
C LEU C 379 20.94 -29.81 11.20
N TYR C 380 21.65 -30.59 10.39
CA TYR C 380 21.55 -32.05 10.47
C TYR C 380 21.90 -32.53 11.88
N GLU C 381 22.98 -31.98 12.43
CA GLU C 381 23.45 -32.38 13.76
C GLU C 381 22.52 -31.91 14.88
N MET C 382 21.84 -30.78 14.68
CA MET C 382 20.87 -30.30 15.66
C MET C 382 19.67 -31.24 15.81
N ILE C 383 19.20 -31.79 14.69
CA ILE C 383 18.04 -32.68 14.70
C ILE C 383 18.45 -34.13 15.00
N ALA C 384 19.44 -34.62 14.26
CA ALA C 384 19.86 -36.02 14.35
C ALA C 384 20.66 -36.35 15.61
N ALA C 385 21.29 -35.34 16.21
CA ALA C 385 22.23 -35.51 17.31
C ALA C 385 23.41 -36.39 16.87
N ARG C 386 23.85 -36.16 15.65
CA ARG C 386 25.05 -36.78 15.09
C ARG C 386 25.35 -36.14 13.73
N GLY C 387 26.58 -36.29 13.27
CA GLY C 387 26.96 -35.78 11.95
C GLY C 387 26.28 -36.57 10.84
N PRO C 388 26.15 -35.97 9.64
CA PRO C 388 25.58 -36.71 8.52
C PRO C 388 26.52 -37.79 7.98
N PHE C 389 27.81 -37.70 8.32
CA PHE C 389 28.82 -38.65 7.83
C PHE C 389 29.40 -39.58 8.91
N ARG C 390 28.91 -39.46 10.15
CA ARG C 390 29.30 -40.38 11.25
C ARG C 390 28.11 -40.81 12.11
N ALA C 391 28.28 -41.93 12.82
CA ALA C 391 27.35 -42.30 13.90
C ALA C 391 27.66 -41.46 15.13
N ARG C 392 26.79 -41.55 16.15
CA ARG C 392 27.01 -40.81 17.40
C ARG C 392 28.32 -41.22 18.03
N GLY C 393 29.16 -40.25 18.41
CA GLY C 393 30.39 -40.52 19.14
C GLY C 393 31.50 -41.22 18.37
N GLU C 394 31.30 -41.45 17.07
CA GLU C 394 32.28 -42.13 16.23
C GLU C 394 33.48 -41.23 15.97
N LYS C 395 34.67 -41.73 16.30
CA LYS C 395 35.90 -41.03 16.03
C LYS C 395 36.51 -41.52 14.72
N VAL C 396 36.72 -40.60 13.78
CA VAL C 396 37.24 -40.93 12.45
C VAL C 396 38.41 -40.01 12.10
N GLU C 397 39.44 -40.59 11.47
CA GLU C 397 40.61 -39.83 11.05
C GLU C 397 40.23 -38.90 9.91
N ASN C 398 41.02 -37.84 9.75
CA ASN C 398 40.69 -36.79 8.77
C ASN C 398 40.68 -37.26 7.32
N LYS C 399 41.53 -38.22 6.97
CA LYS C 399 41.54 -38.80 5.62
C LYS C 399 40.26 -39.59 5.36
N GLU C 400 39.81 -40.33 6.37
CA GLU C 400 38.60 -41.15 6.25
C GLU C 400 37.37 -40.27 6.11
N LEU C 401 37.29 -39.24 6.95
CA LEU C 401 36.17 -38.30 6.91
C LEU C 401 36.15 -37.47 5.62
N LYS C 402 37.32 -37.23 5.04
CA LYS C 402 37.43 -36.52 3.76
C LYS C 402 36.79 -37.32 2.63
N GLN C 403 37.03 -38.64 2.62
CA GLN C 403 36.46 -39.53 1.61
C GLN C 403 34.93 -39.61 1.70
N ARG C 404 34.42 -39.63 2.93
CA ARG C 404 32.98 -39.70 3.17
C ARG C 404 32.25 -38.46 2.66
N VAL C 405 32.80 -37.28 2.91
CA VAL C 405 32.18 -36.03 2.45
C VAL C 405 32.13 -35.97 0.91
N LEU C 406 33.20 -36.43 0.27
CA LEU C 406 33.29 -36.40 -1.19
C LEU C 406 32.43 -37.45 -1.89
N GLU C 407 32.18 -38.58 -1.21
CA GLU C 407 31.57 -39.75 -1.85
C GLU C 407 30.28 -40.26 -1.21
N GLN C 408 30.20 -40.23 0.11
CA GLN C 408 29.07 -40.83 0.84
C GLN C 408 27.78 -40.02 0.68
N ALA C 409 26.68 -40.72 0.39
CA ALA C 409 25.36 -40.09 0.33
C ALA C 409 24.76 -40.05 1.73
N VAL C 410 24.10 -38.93 2.04
CA VAL C 410 23.56 -38.71 3.37
C VAL C 410 22.20 -39.40 3.53
N THR C 411 22.08 -40.21 4.58
CA THR C 411 20.81 -40.86 4.92
C THR C 411 20.10 -40.07 6.02
N TYR C 412 18.77 -40.16 6.06
CA TYR C 412 17.96 -39.37 6.97
C TYR C 412 17.01 -40.23 7.81
N PRO C 413 17.18 -40.22 9.14
CA PRO C 413 16.25 -40.94 10.02
C PRO C 413 14.87 -40.27 10.11
N ASP C 414 13.96 -40.89 10.85
CA ASP C 414 12.55 -40.51 10.85
C ASP C 414 12.24 -39.19 11.56
N LYS C 415 13.19 -38.69 12.36
CA LYS C 415 12.99 -37.42 13.09
C LYS C 415 12.92 -36.23 12.13
N PHE C 416 13.58 -36.36 10.98
CA PHE C 416 13.53 -35.33 9.95
C PHE C 416 12.17 -35.33 9.27
N SER C 417 11.56 -34.16 9.18
CA SER C 417 10.32 -33.99 8.42
C SER C 417 10.67 -33.83 6.94
N PRO C 418 9.66 -33.83 6.06
CA PRO C 418 9.93 -33.56 4.64
C PRO C 418 10.67 -32.25 4.39
N ALA C 419 10.32 -31.21 5.14
CA ALA C 419 10.96 -29.89 5.00
C ALA C 419 12.43 -29.91 5.43
N SER C 420 12.70 -30.51 6.58
CA SER C 420 14.06 -30.62 7.10
C SER C 420 14.96 -31.39 6.16
N LYS C 421 14.48 -32.54 5.71
CA LYS C 421 15.21 -33.38 4.78
C LYS C 421 15.53 -32.59 3.51
N ASP C 422 14.48 -32.04 2.89
CA ASP C 422 14.61 -31.31 1.62
C ASP C 422 15.61 -30.17 1.75
N PHE C 423 15.55 -29.45 2.86
CA PHE C 423 16.43 -28.31 3.12
C PHE C 423 17.88 -28.76 3.28
N CYS C 424 18.10 -29.77 4.12
CA CYS C 424 19.43 -30.33 4.31
C CYS C 424 20.00 -30.94 3.03
N GLU C 425 19.15 -31.62 2.25
CA GLU C 425 19.55 -32.15 0.96
C GLU C 425 19.98 -31.04 0.01
N ALA C 426 19.28 -29.91 0.06
CA ALA C 426 19.62 -28.74 -0.76
C ALA C 426 20.95 -28.13 -0.34
N LEU C 427 21.20 -28.07 0.96
CA LEU C 427 22.42 -27.48 1.50
C LEU C 427 23.63 -28.40 1.41
N LEU C 428 23.42 -29.71 1.53
CA LEU C 428 24.51 -30.69 1.50
C LEU C 428 24.86 -31.16 0.08
N GLN C 429 24.38 -30.45 -0.94
CA GLN C 429 24.78 -30.72 -2.32
C GLN C 429 26.29 -30.64 -2.45
N LYS C 430 26.89 -31.68 -3.01
CA LYS C 430 28.34 -31.73 -3.20
C LYS C 430 28.80 -30.72 -4.25
N ASP C 431 28.00 -30.53 -5.29
CA ASP C 431 28.26 -29.54 -6.32
C ASP C 431 27.78 -28.17 -5.82
N PRO C 432 28.69 -27.19 -5.70
CA PRO C 432 28.25 -25.86 -5.23
C PRO C 432 27.33 -25.10 -6.18
N GLU C 433 27.29 -25.49 -7.45
CA GLU C 433 26.39 -24.88 -8.42
C GLU C 433 24.93 -25.28 -8.18
N LYS C 434 24.73 -26.52 -7.75
CA LYS C 434 23.39 -27.04 -7.42
C LYS C 434 22.96 -26.70 -5.99
N ARG C 435 23.89 -26.24 -5.17
CA ARG C 435 23.64 -26.00 -3.75
C ARG C 435 22.88 -24.71 -3.50
N LEU C 436 21.95 -24.76 -2.56
CA LEU C 436 21.18 -23.59 -2.15
C LEU C 436 22.05 -22.65 -1.31
N GLY C 437 21.81 -21.35 -1.43
CA GLY C 437 22.57 -20.37 -0.67
C GLY C 437 22.39 -18.93 -1.11
N PHE C 438 23.51 -18.23 -1.33
CA PHE C 438 23.52 -16.80 -1.64
C PHE C 438 23.25 -16.57 -3.13
N ARG C 439 22.13 -15.91 -3.43
CA ARG C 439 21.75 -15.60 -4.81
C ARG C 439 21.25 -14.16 -4.93
N ASP C 440 21.74 -13.44 -5.94
CA ASP C 440 21.30 -12.08 -6.23
C ASP C 440 21.46 -11.12 -5.05
N GLY C 441 22.59 -11.24 -4.35
CA GLY C 441 22.92 -10.34 -3.25
C GLY C 441 22.16 -10.56 -1.95
N SER C 442 21.50 -11.71 -1.81
CA SER C 442 20.73 -12.02 -0.60
C SER C 442 20.43 -13.51 -0.43
N CYS C 443 19.84 -13.84 0.71
CA CYS C 443 19.32 -15.18 0.97
C CYS C 443 17.79 -15.23 0.83
N ASP C 444 17.21 -14.27 0.12
CA ASP C 444 15.76 -14.17 -0.01
C ASP C 444 15.16 -15.45 -0.60
N GLY C 445 15.85 -16.03 -1.57
CA GLY C 445 15.41 -17.30 -2.17
C GLY C 445 15.41 -18.44 -1.17
N LEU C 446 16.38 -18.43 -0.26
CA LEU C 446 16.49 -19.43 0.80
C LEU C 446 15.37 -19.29 1.83
N ARG C 447 14.99 -18.05 2.12
CA ARG C 447 13.91 -17.77 3.08
C ARG C 447 12.57 -18.35 2.67
N THR C 448 12.33 -18.46 1.37
CA THR C 448 11.05 -18.92 0.84
C THR C 448 10.88 -20.44 0.87
N HIS C 449 11.83 -21.16 1.48
CA HIS C 449 11.71 -22.60 1.64
C HIS C 449 10.60 -22.92 2.64
N PRO C 450 9.85 -24.03 2.41
CA PRO C 450 8.74 -24.37 3.31
C PRO C 450 9.14 -24.68 4.76
N LEU C 451 10.43 -24.85 5.02
CA LEU C 451 10.92 -25.08 6.37
C LEU C 451 10.65 -23.88 7.28
N PHE C 452 10.77 -22.68 6.72
CA PHE C 452 10.57 -21.43 7.47
C PHE C 452 9.15 -20.90 7.32
N ARG C 453 8.19 -21.81 7.21
CA ARG C 453 6.78 -21.46 6.99
C ARG C 453 6.24 -20.60 8.13
N ASP C 454 6.63 -20.95 9.36
CA ASP C 454 6.12 -20.28 10.56
C ASP C 454 7.09 -19.23 11.12
N ILE C 455 8.06 -18.82 10.31
CA ILE C 455 9.05 -17.82 10.72
C ILE C 455 8.71 -16.45 10.13
N SER C 456 8.54 -15.45 11.00
CA SER C 456 8.36 -14.05 10.58
C SER C 456 9.74 -13.40 10.48
N TRP C 457 10.33 -13.46 9.30
CA TRP C 457 11.68 -12.93 9.06
C TRP C 457 11.83 -11.46 9.49
N ARG C 458 10.82 -10.64 9.18
CA ARG C 458 10.77 -9.22 9.59
C ARG C 458 11.02 -9.08 11.09
N GLN C 459 10.28 -9.86 11.89
CA GLN C 459 10.42 -9.82 13.34
C GLN C 459 11.69 -10.49 13.84
N LEU C 460 12.08 -11.59 13.21
CA LEU C 460 13.30 -12.30 13.56
C LEU C 460 14.50 -11.36 13.49
N GLU C 461 14.62 -10.65 12.37
CA GLU C 461 15.75 -9.76 12.14
C GLU C 461 15.77 -8.54 13.06
N ALA C 462 14.61 -8.15 13.59
CA ALA C 462 14.53 -7.06 14.57
C ALA C 462 14.63 -7.58 16.01
N GLY C 463 14.78 -8.90 16.18
CA GLY C 463 14.92 -9.50 17.50
C GLY C 463 13.64 -9.47 18.31
N MET C 464 12.50 -9.50 17.60
CA MET C 464 11.19 -9.38 18.22
C MET C 464 10.58 -10.75 18.57
N LEU C 465 10.94 -11.79 17.81
CA LEU C 465 10.39 -13.13 18.04
C LEU C 465 10.83 -13.73 19.39
N THR C 466 9.90 -14.41 20.05
CA THR C 466 10.20 -15.13 21.28
C THR C 466 10.95 -16.43 20.96
N PRO C 467 12.14 -16.64 21.58
CA PRO C 467 12.86 -17.88 21.33
C PRO C 467 12.12 -19.13 21.84
N PRO C 468 12.33 -20.29 21.21
CA PRO C 468 11.66 -21.53 21.56
C PRO C 468 12.12 -22.14 22.90
N PHE C 469 13.42 -22.04 23.18
CA PHE C 469 13.97 -22.52 24.45
C PHE C 469 14.76 -21.39 25.12
N VAL C 470 14.50 -21.18 26.40
CA VAL C 470 15.21 -20.19 27.19
C VAL C 470 16.17 -20.93 28.12
N PRO C 471 17.49 -20.63 28.03
CA PRO C 471 18.45 -21.28 28.93
C PRO C 471 18.26 -20.90 30.39
N ASP C 472 18.52 -21.86 31.28
CA ASP C 472 18.42 -21.71 32.73
C ASP C 472 19.79 -21.49 33.35
N SER C 473 20.75 -22.33 32.97
CA SER C 473 22.12 -22.35 33.52
C SER C 473 22.30 -21.55 34.81
N ALA C 494 59.38 -5.18 24.32
CA ALA C 494 60.30 -6.21 24.80
C ALA C 494 61.01 -6.93 23.65
N PHE C 495 60.66 -6.58 22.42
CA PHE C 495 61.16 -7.30 21.24
C PHE C 495 61.03 -6.40 19.99
N GLU C 496 60.76 -6.94 18.80
CA GLU C 496 61.13 -6.19 17.60
C GLU C 496 60.11 -5.12 17.30
N LYS C 497 60.48 -4.25 16.38
CA LYS C 497 59.66 -3.09 16.04
C LYS C 497 58.35 -3.48 15.38
N ALA C 498 58.42 -4.46 14.47
CA ALA C 498 57.26 -4.90 13.70
C ALA C 498 56.15 -5.50 14.58
N ASP C 499 56.54 -6.06 15.72
CA ASP C 499 55.59 -6.65 16.66
C ASP C 499 54.80 -5.56 17.39
N THR C 500 55.52 -4.63 18.01
CA THR C 500 54.90 -3.52 18.75
C THR C 500 54.09 -2.61 17.82
N GLU C 501 54.60 -2.40 16.61
CA GLU C 501 53.91 -1.64 15.57
C GLU C 501 52.58 -2.30 15.19
N PHE C 502 52.59 -3.64 15.15
CA PHE C 502 51.40 -4.43 14.85
C PHE C 502 50.40 -4.38 16.01
N PHE C 503 50.90 -4.47 17.25
CA PHE C 503 50.02 -4.49 18.43
C PHE C 503 49.26 -3.18 18.61
N GLN C 504 49.92 -2.05 18.31
CA GLN C 504 49.25 -0.75 18.34
C GLN C 504 48.14 -0.65 17.29
N GLU C 505 48.44 -1.14 16.08
CA GLU C 505 47.42 -1.21 15.01
C GLU C 505 46.26 -2.11 15.42
N PHE C 506 46.57 -3.20 16.13
CA PHE C 506 45.54 -4.11 16.62
C PHE C 506 44.71 -3.43 17.69
N ALA C 507 45.38 -2.82 18.67
CA ALA C 507 44.69 -2.12 19.76
C ALA C 507 44.08 -0.81 19.26
N SER C 508 42.99 -0.95 18.49
CA SER C 508 42.34 0.20 17.87
C SER C 508 41.48 0.97 18.86
N GLY C 509 41.17 0.34 19.99
CA GLY C 509 40.47 1.00 21.08
C GLY C 509 38.99 0.69 21.08
N THR C 510 38.19 1.72 21.36
CA THR C 510 36.75 1.57 21.56
C THR C 510 36.00 1.60 20.23
N CYS C 511 35.12 0.63 20.01
CA CYS C 511 34.22 0.62 18.85
C CYS C 511 33.05 1.56 19.12
N PRO C 512 32.84 2.57 18.26
CA PRO C 512 31.85 3.62 18.54
C PRO C 512 30.42 3.13 18.81
N ILE C 513 29.87 2.31 17.92
CA ILE C 513 28.44 1.94 18.05
C ILE C 513 28.17 1.06 19.28
N PRO C 514 28.90 -0.06 19.44
CA PRO C 514 28.72 -0.87 20.64
C PRO C 514 28.91 -0.11 21.95
N TRP C 515 29.83 0.86 21.97
CA TRP C 515 30.05 1.70 23.15
C TRP C 515 28.83 2.55 23.45
N GLN C 516 28.29 3.20 22.40
CA GLN C 516 27.10 4.04 22.56
C GLN C 516 25.90 3.21 23.01
N GLU C 517 25.74 2.02 22.44
CA GLU C 517 24.72 1.07 22.90
C GLU C 517 24.87 0.79 24.40
N GLU C 518 26.11 0.57 24.84
CA GLU C 518 26.39 0.30 26.26
C GLU C 518 25.99 1.50 27.15
N MET C 519 26.38 2.70 26.76
CA MET C 519 26.06 3.89 27.53
C MET C 519 24.55 4.06 27.72
N ILE C 520 23.79 3.75 26.68
CA ILE C 520 22.34 3.86 26.72
C ILE C 520 21.72 2.71 27.52
N GLU C 521 22.07 1.47 27.18
CA GLU C 521 21.56 0.28 27.86
C GLU C 521 21.67 0.36 29.38
N THR C 522 22.80 0.86 29.87
CA THR C 522 23.11 0.90 31.29
C THR C 522 22.62 2.17 31.98
N GLY C 523 21.99 3.06 31.23
CA GLY C 523 21.44 4.28 31.78
C GLY C 523 22.47 5.36 32.10
N VAL C 524 23.72 5.15 31.71
CA VAL C 524 24.76 6.14 31.92
C VAL C 524 24.51 7.35 31.03
N PHE C 525 24.00 7.10 29.82
CA PHE C 525 23.61 8.18 28.93
C PHE C 525 22.51 9.03 29.56
N GLY C 526 21.42 8.38 29.96
CA GLY C 526 20.32 9.08 30.62
C GLY C 526 20.76 9.87 31.84
N ASP C 527 21.64 9.28 32.64
CA ASP C 527 22.10 9.93 33.87
C ASP C 527 22.98 11.15 33.63
N LEU C 528 23.98 11.03 32.75
CA LEU C 528 24.91 12.14 32.49
C LEU C 528 24.32 13.20 31.55
N ASN C 529 23.35 12.81 30.72
CA ASN C 529 22.79 13.71 29.71
C ASN C 529 21.57 14.48 30.22
N VAL C 530 21.70 15.06 31.41
CA VAL C 530 20.61 15.81 32.04
C VAL C 530 20.77 17.30 31.79
N TRP C 531 19.71 18.05 32.08
CA TRP C 531 19.68 19.50 31.91
C TRP C 531 19.13 20.25 33.13
N SER D 30 -13.05 25.50 -31.39
CA SER D 30 -12.81 25.90 -32.79
C SER D 30 -14.06 25.58 -33.62
N ARG D 31 -14.91 26.60 -33.81
CA ARG D 31 -16.23 26.40 -34.44
C ARG D 31 -16.20 26.58 -35.95
N ASP D 32 -17.31 26.18 -36.58
CA ASP D 32 -17.59 26.59 -37.95
C ASP D 32 -18.69 27.63 -37.90
N ARG D 33 -18.38 28.84 -38.37
CA ARG D 33 -19.33 29.96 -38.31
C ARG D 33 -20.46 29.80 -39.34
N LYS D 34 -20.20 29.02 -40.38
CA LYS D 34 -21.23 28.71 -41.38
C LYS D 34 -22.42 27.98 -40.76
N TYR D 35 -22.13 27.02 -39.88
CA TYR D 35 -23.17 26.23 -39.22
C TYR D 35 -23.73 26.91 -37.98
N LEU D 36 -22.94 27.78 -37.36
CA LEU D 36 -23.43 28.61 -36.26
C LEU D 36 -24.47 29.61 -36.76
N ALA D 37 -24.29 30.09 -37.99
CA ALA D 37 -25.23 31.00 -38.64
C ALA D 37 -26.60 30.35 -38.85
N ARG D 38 -26.63 29.03 -39.01
CA ARG D 38 -27.89 28.30 -39.15
C ARG D 38 -28.67 28.23 -37.86
N LEU D 39 -27.97 28.37 -36.73
CA LEU D 39 -28.63 28.49 -35.43
C LEU D 39 -29.09 29.92 -35.25
N LYS D 40 -30.25 30.23 -35.83
CA LYS D 40 -30.87 31.53 -35.68
C LYS D 40 -32.35 31.34 -35.39
N LEU D 41 -32.87 32.14 -34.48
CA LEU D 41 -34.26 32.00 -34.05
C LEU D 41 -35.21 32.36 -35.18
N PRO D 42 -36.27 31.55 -35.35
CA PRO D 42 -37.20 31.78 -36.44
C PRO D 42 -38.16 32.93 -36.15
N PRO D 43 -38.84 33.44 -37.18
CA PRO D 43 -39.97 34.33 -36.94
C PRO D 43 -41.09 33.59 -36.19
N LEU D 44 -41.94 34.34 -35.49
CA LEU D 44 -42.95 33.74 -34.61
C LEU D 44 -44.00 32.93 -35.36
N SER D 45 -44.30 33.33 -36.60
CA SER D 45 -45.30 32.65 -37.41
C SER D 45 -44.93 31.19 -37.69
N LYS D 46 -43.64 30.89 -37.76
CA LYS D 46 -43.17 29.53 -37.96
C LYS D 46 -43.33 28.63 -36.73
N CYS D 47 -43.71 29.20 -35.60
CA CYS D 47 -43.89 28.45 -34.36
C CYS D 47 -45.36 28.18 -34.01
N GLU D 48 -46.28 28.57 -34.90
CA GLU D 48 -47.71 28.38 -34.65
C GLU D 48 -48.08 26.90 -34.68
N ALA D 49 -47.57 26.19 -35.67
CA ALA D 49 -47.81 24.76 -35.82
C ALA D 49 -47.29 23.98 -34.62
N LEU D 50 -46.07 24.32 -34.20
CA LEU D 50 -45.42 23.66 -33.07
C LEU D 50 -46.17 23.87 -31.76
N ARG D 51 -46.81 25.03 -31.61
CA ARG D 51 -47.52 25.40 -30.39
C ARG D 51 -48.64 24.41 -30.02
N GLU D 52 -49.26 23.81 -31.03
CA GLU D 52 -50.35 22.85 -30.82
C GLU D 52 -49.83 21.44 -30.59
N SER D 53 -48.85 21.05 -31.39
CA SER D 53 -48.30 19.69 -31.37
C SER D 53 -47.12 19.58 -30.40
N LEU D 54 -47.35 19.88 -29.13
CA LEU D 54 -46.27 19.95 -28.15
C LEU D 54 -46.80 19.82 -26.72
N ASP D 55 -46.07 19.09 -25.88
CA ASP D 55 -46.45 18.88 -24.49
C ASP D 55 -46.18 20.13 -23.66
N LEU D 56 -47.24 20.81 -23.25
CA LEU D 56 -47.13 22.05 -22.48
C LEU D 56 -47.35 21.83 -20.98
N GLY D 57 -46.95 20.66 -20.47
CA GLY D 57 -47.02 20.36 -19.04
C GLY D 57 -45.97 21.15 -18.28
N PHE D 58 -46.33 21.65 -17.10
CA PHE D 58 -45.42 22.45 -16.29
C PHE D 58 -44.16 21.68 -15.92
N GLU D 59 -44.34 20.46 -15.43
CA GLU D 59 -43.22 19.61 -15.06
C GLU D 59 -42.34 19.32 -16.27
N GLY D 60 -42.97 18.97 -17.39
CA GLY D 60 -42.24 18.64 -18.61
C GLY D 60 -41.52 19.82 -19.26
N MET D 61 -42.10 21.00 -19.17
CA MET D 61 -41.57 22.17 -19.86
C MET D 61 -40.62 22.99 -18.99
N CYS D 62 -41.07 23.37 -17.79
CA CYS D 62 -40.33 24.31 -16.95
C CYS D 62 -39.39 23.67 -15.94
N LEU D 63 -39.44 22.35 -15.77
CA LEU D 63 -38.54 21.66 -14.84
C LEU D 63 -37.57 20.71 -15.53
N GLU D 64 -38.07 19.87 -16.43
CA GLU D 64 -37.27 18.82 -17.06
C GLU D 64 -36.46 19.28 -18.28
N GLN D 65 -36.93 20.33 -18.97
CA GLN D 65 -36.22 20.89 -20.12
C GLN D 65 -35.40 22.12 -19.73
N PRO D 66 -34.06 22.03 -19.81
CA PRO D 66 -33.17 23.10 -19.39
C PRO D 66 -33.50 24.51 -19.91
N ILE D 67 -33.81 24.64 -21.19
CA ILE D 67 -34.11 25.95 -21.78
C ILE D 67 -35.46 26.46 -21.29
N GLY D 68 -36.42 25.56 -21.11
CA GLY D 68 -37.73 25.91 -20.56
C GLY D 68 -37.59 26.46 -19.15
N LYS D 69 -36.84 25.74 -18.33
CA LYS D 69 -36.57 26.15 -16.96
C LYS D 69 -35.86 27.49 -16.93
N ARG D 70 -34.87 27.64 -17.79
CA ARG D 70 -34.08 28.86 -17.86
C ARG D 70 -34.99 30.04 -18.22
N LEU D 71 -35.84 29.85 -19.22
CA LEU D 71 -36.75 30.90 -19.67
C LEU D 71 -37.87 31.17 -18.66
N PHE D 72 -38.30 30.13 -17.95
CA PHE D 72 -39.32 30.28 -16.92
C PHE D 72 -38.77 31.11 -15.76
N GLN D 73 -37.53 30.86 -15.37
CA GLN D 73 -36.88 31.62 -14.30
C GLN D 73 -36.59 33.07 -14.70
N GLN D 74 -36.26 33.31 -15.96
CA GLN D 74 -36.12 34.69 -16.46
C GLN D 74 -37.44 35.44 -16.35
N PHE D 75 -38.54 34.76 -16.68
CA PHE D 75 -39.87 35.34 -16.53
C PHE D 75 -40.13 35.74 -15.08
N LEU D 76 -39.84 34.83 -14.15
CA LEU D 76 -40.07 35.07 -12.73
C LEU D 76 -39.18 36.21 -12.22
N ARG D 77 -37.92 36.22 -12.64
CA ARG D 77 -37.00 37.30 -12.31
C ARG D 77 -37.50 38.69 -12.70
N THR D 78 -38.13 38.80 -13.86
CA THR D 78 -38.61 40.10 -14.36
C THR D 78 -40.00 40.50 -13.84
N HIS D 79 -40.56 39.70 -12.93
CA HIS D 79 -41.83 40.02 -12.30
C HIS D 79 -41.68 40.03 -10.78
N GLU D 80 -41.73 41.23 -10.21
CA GLU D 80 -41.47 41.48 -8.78
C GLU D 80 -42.20 40.49 -7.86
N GLN D 81 -43.48 40.25 -8.14
CA GLN D 81 -44.31 39.39 -7.28
C GLN D 81 -43.80 37.95 -7.15
N HIS D 82 -43.14 37.44 -8.18
CA HIS D 82 -42.62 36.06 -8.16
C HIS D 82 -41.17 35.97 -7.70
N GLY D 83 -40.57 37.10 -7.35
CA GLY D 83 -39.19 37.15 -6.86
C GLY D 83 -38.91 36.24 -5.67
N PRO D 84 -39.74 36.33 -4.61
CA PRO D 84 -39.58 35.45 -3.45
C PRO D 84 -39.57 33.96 -3.81
N ALA D 85 -40.55 33.53 -4.59
CA ALA D 85 -40.66 32.11 -4.98
C ALA D 85 -39.44 31.66 -5.80
N LEU D 86 -38.97 32.53 -6.69
CA LEU D 86 -37.80 32.22 -7.52
C LEU D 86 -36.54 32.05 -6.68
N GLN D 87 -36.29 33.01 -5.80
CA GLN D 87 -35.07 33.00 -4.99
C GLN D 87 -35.07 31.86 -3.97
N LEU D 88 -36.25 31.54 -3.42
CA LEU D 88 -36.39 30.39 -2.53
C LEU D 88 -36.08 29.10 -3.30
N TRP D 89 -36.64 28.99 -4.51
CA TRP D 89 -36.40 27.84 -5.37
C TRP D 89 -34.91 27.66 -5.61
N LYS D 90 -34.23 28.74 -5.99
CA LYS D 90 -32.79 28.69 -6.24
C LYS D 90 -31.98 28.32 -5.00
N ASP D 91 -32.34 28.88 -3.86
CA ASP D 91 -31.58 28.66 -2.62
C ASP D 91 -31.74 27.23 -2.07
N ILE D 92 -32.89 26.61 -2.34
CA ILE D 92 -33.07 25.20 -1.98
C ILE D 92 -32.16 24.32 -2.83
N GLU D 93 -32.12 24.58 -4.13
CA GLU D 93 -31.23 23.84 -5.03
C GLU D 93 -29.76 24.10 -4.70
N ASP D 94 -29.45 25.34 -4.36
CA ASP D 94 -28.13 25.69 -3.86
C ASP D 94 -27.78 24.88 -2.62
N TYR D 95 -28.72 24.82 -1.67
CA TYR D 95 -28.54 24.06 -0.43
C TYR D 95 -28.35 22.57 -0.70
N ASP D 96 -29.08 22.04 -1.67
CA ASP D 96 -29.04 20.61 -2.00
C ASP D 96 -27.68 20.15 -2.55
N THR D 97 -26.94 21.06 -3.17
CA THR D 97 -25.64 20.73 -3.76
C THR D 97 -24.43 21.30 -3.00
N ALA D 98 -24.68 22.03 -1.92
CA ALA D 98 -23.61 22.69 -1.18
C ALA D 98 -22.78 21.72 -0.34
N ASP D 99 -21.59 22.15 0.06
CA ASP D 99 -20.75 21.38 0.98
C ASP D 99 -21.38 21.31 2.36
N ASP D 100 -21.13 20.21 3.05
CA ASP D 100 -21.67 19.99 4.40
C ASP D 100 -21.33 21.12 5.37
N ALA D 101 -20.14 21.70 5.20
CA ALA D 101 -19.69 22.80 6.05
C ALA D 101 -20.52 24.08 5.87
N LEU D 102 -21.03 24.28 4.65
CA LEU D 102 -21.82 25.48 4.32
C LEU D 102 -23.33 25.28 4.53
N ARG D 103 -23.75 24.05 4.79
CA ARG D 103 -25.18 23.74 4.89
C ARG D 103 -25.88 24.39 6.09
N PRO D 104 -25.29 24.30 7.29
CA PRO D 104 -25.86 25.01 8.43
C PRO D 104 -26.09 26.50 8.17
N GLN D 105 -25.09 27.17 7.58
CA GLN D 105 -25.19 28.60 7.23
C GLN D 105 -26.29 28.87 6.21
N LYS D 106 -26.32 28.07 5.15
CA LYS D 106 -27.29 28.26 4.08
C LYS D 106 -28.72 27.95 4.53
N ALA D 107 -28.87 26.98 5.42
CA ALA D 107 -30.18 26.67 6.02
C ALA D 107 -30.66 27.86 6.85
N GLN D 108 -29.76 28.43 7.65
CA GLN D 108 -30.04 29.61 8.49
C GLN D 108 -30.44 30.82 7.65
N ALA D 109 -29.65 31.13 6.62
CA ALA D 109 -29.92 32.27 5.73
C ALA D 109 -31.25 32.12 4.99
N LEU D 110 -31.52 30.89 4.55
CA LEU D 110 -32.75 30.58 3.82
C LEU D 110 -33.99 30.82 4.68
N ARG D 111 -33.97 30.28 5.89
CA ARG D 111 -35.09 30.43 6.81
C ARG D 111 -35.32 31.90 7.17
N ALA D 112 -34.22 32.63 7.38
CA ALA D 112 -34.28 34.04 7.73
C ALA D 112 -34.82 34.90 6.58
N ALA D 113 -34.48 34.52 5.35
CA ALA D 113 -34.85 35.31 4.17
C ALA D 113 -36.30 35.09 3.72
N TYR D 114 -36.75 33.83 3.74
CA TYR D 114 -38.03 33.46 3.13
C TYR D 114 -39.11 33.00 4.12
N LEU D 115 -38.70 32.52 5.30
CA LEU D 115 -39.64 31.94 6.26
C LEU D 115 -39.84 32.80 7.52
N GLU D 116 -39.71 34.12 7.36
CA GLU D 116 -39.97 35.06 8.46
C GLU D 116 -40.94 36.14 7.99
N PRO D 117 -42.10 36.27 8.67
CA PRO D 117 -43.16 37.20 8.24
C PRO D 117 -42.67 38.61 7.88
N GLN D 118 -41.69 39.12 8.61
CA GLN D 118 -41.20 40.50 8.43
C GLN D 118 -40.11 40.61 7.36
N ALA D 119 -39.60 39.48 6.88
CA ALA D 119 -38.56 39.48 5.85
C ALA D 119 -39.09 40.02 4.53
N GLN D 120 -38.21 40.65 3.76
CA GLN D 120 -38.59 41.29 2.50
C GLN D 120 -39.06 40.26 1.46
N LEU D 121 -38.36 39.14 1.37
CA LEU D 121 -38.71 38.08 0.44
C LEU D 121 -39.51 36.97 1.12
N PHE D 122 -40.37 37.34 2.07
CA PHE D 122 -41.22 36.38 2.75
C PHE D 122 -42.20 35.74 1.77
N CYS D 123 -42.21 34.42 1.71
CA CYS D 123 -43.09 33.69 0.80
C CYS D 123 -44.46 33.50 1.43
N SER D 124 -45.38 34.42 1.14
CA SER D 124 -46.71 34.43 1.73
C SER D 124 -47.66 33.37 1.14
N PHE D 125 -47.28 32.80 0.00
CA PHE D 125 -48.11 31.79 -0.68
C PHE D 125 -48.09 30.41 0.00
N LEU D 126 -47.16 30.21 0.95
CA LEU D 126 -47.08 28.96 1.68
C LEU D 126 -48.11 28.89 2.80
N ASP D 127 -48.42 27.68 3.27
CA ASP D 127 -49.32 27.49 4.41
C ASP D 127 -48.52 27.68 5.69
N ALA D 128 -49.24 27.89 6.80
CA ALA D 128 -48.59 27.97 8.10
C ALA D 128 -47.90 26.64 8.47
N GLU D 129 -48.50 25.53 8.01
CA GLU D 129 -47.97 24.19 8.29
C GLU D 129 -46.59 23.99 7.67
N THR D 130 -46.46 24.31 6.39
CA THR D 130 -45.22 24.10 5.64
C THR D 130 -44.08 24.99 6.14
N VAL D 131 -44.41 26.24 6.45
CA VAL D 131 -43.41 27.21 6.94
C VAL D 131 -42.86 26.77 8.30
N ALA D 132 -43.76 26.41 9.21
CA ALA D 132 -43.36 25.92 10.54
C ALA D 132 -42.49 24.67 10.42
N ARG D 133 -42.94 23.72 9.60
CA ARG D 133 -42.18 22.49 9.28
C ARG D 133 -40.73 22.81 8.87
N ALA D 134 -40.60 23.67 7.86
CA ALA D 134 -39.29 23.99 7.28
C ALA D 134 -38.36 24.72 8.24
N ARG D 135 -38.92 25.42 9.23
CA ARG D 135 -38.09 26.07 10.26
C ARG D 135 -37.37 25.10 11.19
N ALA D 136 -37.62 23.80 11.06
CA ALA D 136 -36.97 22.78 11.91
C ALA D 136 -36.26 21.74 11.05
N LEU D 142 -34.02 17.78 4.21
CA LEU D 142 -34.58 19.05 4.60
C LEU D 142 -34.98 19.90 3.40
N PHE D 143 -36.04 20.69 3.56
CA PHE D 143 -36.56 21.56 2.51
C PHE D 143 -37.13 20.83 1.28
N GLN D 144 -37.26 19.50 1.34
CA GLN D 144 -37.88 18.75 0.25
C GLN D 144 -39.41 18.95 0.21
N PRO D 145 -40.07 18.92 1.39
CA PRO D 145 -41.49 19.31 1.42
C PRO D 145 -41.69 20.77 0.98
N LEU D 146 -40.77 21.63 1.39
CA LEU D 146 -40.80 23.04 1.01
C LEU D 146 -40.67 23.23 -0.49
N LEU D 147 -39.77 22.47 -1.13
CA LEU D 147 -39.58 22.55 -2.57
C LEU D 147 -40.83 22.11 -3.32
N ARG D 148 -41.43 21.01 -2.88
CA ARG D 148 -42.67 20.53 -3.48
C ARG D 148 -43.79 21.56 -3.39
N ALA D 149 -43.84 22.29 -2.29
CA ALA D 149 -44.84 23.35 -2.08
C ALA D 149 -44.58 24.53 -3.02
N VAL D 150 -43.31 24.89 -3.20
CA VAL D 150 -42.94 26.01 -4.08
C VAL D 150 -43.25 25.66 -5.54
N LEU D 151 -42.84 24.47 -5.97
CA LEU D 151 -43.08 24.02 -7.34
C LEU D 151 -44.57 23.83 -7.63
N ALA D 152 -45.33 23.46 -6.61
CA ALA D 152 -46.79 23.37 -6.73
C ALA D 152 -47.37 24.76 -6.98
N HIS D 153 -46.90 25.74 -6.20
CA HIS D 153 -47.35 27.11 -6.35
C HIS D 153 -46.99 27.67 -7.72
N LEU D 154 -45.72 27.50 -8.10
CA LEU D 154 -45.23 28.01 -9.38
C LEU D 154 -45.96 27.40 -10.58
N GLY D 155 -46.36 26.14 -10.46
CA GLY D 155 -47.09 25.45 -11.52
C GLY D 155 -48.52 25.90 -11.72
N GLN D 156 -49.02 26.73 -10.80
CA GLN D 156 -50.36 27.29 -10.92
C GLN D 156 -50.32 28.66 -11.61
N ALA D 157 -50.52 29.74 -10.85
CA ALA D 157 -50.67 31.07 -11.45
C ALA D 157 -49.43 31.57 -12.21
N PRO D 158 -48.23 31.45 -11.59
CA PRO D 158 -47.04 31.93 -12.29
C PRO D 158 -46.81 31.25 -13.64
N PHE D 159 -47.08 29.94 -13.71
CA PHE D 159 -46.96 29.20 -14.96
C PHE D 159 -47.96 29.70 -15.99
N GLN D 160 -49.19 29.94 -15.58
CA GLN D 160 -50.21 30.45 -16.49
C GLN D 160 -49.83 31.81 -17.07
N GLU D 161 -49.26 32.68 -16.23
CA GLU D 161 -48.79 33.99 -16.68
C GLU D 161 -47.63 33.83 -17.67
N PHE D 162 -46.75 32.87 -17.41
CA PHE D 162 -45.62 32.58 -18.29
C PHE D 162 -46.06 32.19 -19.70
N LEU D 163 -47.09 31.35 -19.79
CA LEU D 163 -47.62 30.92 -21.09
C LEU D 163 -48.15 32.09 -21.90
N ASP D 164 -48.59 33.13 -21.19
CA ASP D 164 -49.16 34.30 -21.83
C ASP D 164 -48.13 35.45 -21.93
N SER D 165 -46.84 35.11 -21.91
CA SER D 165 -45.75 36.09 -21.93
C SER D 165 -44.80 35.80 -23.08
N LEU D 166 -43.93 36.76 -23.37
CA LEU D 166 -42.93 36.61 -24.44
C LEU D 166 -41.96 35.47 -24.21
N TYR D 167 -41.75 35.11 -22.95
CA TYR D 167 -40.79 34.08 -22.60
C TYR D 167 -41.22 32.70 -23.05
N PHE D 168 -42.53 32.47 -23.09
CA PHE D 168 -43.05 31.20 -23.62
C PHE D 168 -42.88 31.14 -25.13
N LEU D 169 -43.14 32.25 -25.82
CA LEU D 169 -42.94 32.32 -27.25
C LEU D 169 -41.47 32.09 -27.61
N ARG D 170 -40.56 32.63 -26.81
CA ARG D 170 -39.14 32.41 -27.01
C ARG D 170 -38.79 30.93 -26.85
N PHE D 171 -39.45 30.26 -25.91
CA PHE D 171 -39.27 28.82 -25.74
C PHE D 171 -39.69 28.09 -27.01
N LEU D 172 -40.80 28.50 -27.61
CA LEU D 172 -41.25 27.89 -28.86
C LEU D 172 -40.22 28.08 -29.97
N GLN D 173 -39.64 29.28 -30.04
CA GLN D 173 -38.61 29.57 -31.03
C GLN D 173 -37.43 28.61 -30.87
N TRP D 174 -37.01 28.38 -29.63
CA TRP D 174 -35.93 27.44 -29.36
C TRP D 174 -36.33 26.00 -29.71
N LYS D 175 -37.58 25.66 -29.46
CA LYS D 175 -38.09 24.32 -29.80
C LYS D 175 -38.18 24.10 -31.30
N TRP D 176 -38.52 25.15 -32.04
CA TRP D 176 -38.54 25.09 -33.50
C TRP D 176 -37.13 24.80 -34.00
N LEU D 177 -36.17 25.53 -33.45
CA LEU D 177 -34.76 25.39 -33.83
C LEU D 177 -34.26 24.00 -33.47
N GLU D 178 -34.74 23.48 -32.34
CA GLU D 178 -34.41 22.14 -31.86
C GLU D 178 -34.87 21.06 -32.83
N ALA D 179 -35.98 21.31 -33.52
CA ALA D 179 -36.58 20.33 -34.43
C ALA D 179 -36.02 20.37 -35.84
N GLN D 180 -35.18 21.37 -36.16
CA GLN D 180 -34.61 21.48 -37.50
C GLN D 180 -33.65 20.33 -37.77
N PRO D 181 -33.47 19.96 -39.05
CA PRO D 181 -32.63 18.81 -39.37
C PRO D 181 -31.17 19.08 -39.00
N MET D 182 -30.56 18.14 -38.29
CA MET D 182 -29.15 18.25 -37.93
C MET D 182 -28.51 16.87 -38.09
N GLY D 183 -28.28 16.50 -39.35
CA GLY D 183 -27.76 15.19 -39.71
C GLY D 183 -26.25 15.16 -39.76
N GLU D 184 -25.70 14.29 -40.59
CA GLU D 184 -24.26 14.05 -40.64
C GLU D 184 -23.45 15.30 -40.99
N ASP D 185 -24.00 16.15 -41.85
CA ASP D 185 -23.34 17.39 -42.29
C ASP D 185 -22.99 18.32 -41.11
N TRP D 186 -23.70 18.19 -39.99
CA TRP D 186 -23.44 19.00 -38.79
C TRP D 186 -22.33 18.45 -37.89
N PHE D 187 -21.74 17.31 -38.26
CA PHE D 187 -20.72 16.66 -37.42
C PHE D 187 -19.44 16.37 -38.18
N LEU D 188 -18.32 16.82 -37.62
CA LEU D 188 -16.99 16.59 -38.20
C LEU D 188 -16.27 15.51 -37.40
N ASP D 189 -16.02 14.38 -38.04
CA ASP D 189 -15.25 13.30 -37.41
C ASP D 189 -13.77 13.65 -37.51
N PHE D 190 -13.04 13.57 -36.40
CA PHE D 190 -11.60 13.87 -36.41
C PHE D 190 -10.71 12.76 -35.87
N ARG D 191 -11.28 11.77 -35.20
CA ARG D 191 -10.51 10.62 -34.70
C ARG D 191 -11.36 9.36 -34.58
N VAL D 192 -10.75 8.21 -34.91
CA VAL D 192 -11.40 6.90 -34.75
C VAL D 192 -11.09 6.36 -33.37
N LEU D 193 -12.12 5.86 -32.68
CA LEU D 193 -11.98 5.39 -31.31
C LEU D 193 -12.00 3.87 -31.21
N GLY D 194 -12.89 3.23 -31.96
CA GLY D 194 -13.01 1.77 -31.94
C GLY D 194 -13.60 1.19 -33.20
N ARG D 195 -13.25 -0.07 -33.48
CA ARG D 195 -13.81 -0.83 -34.60
C ARG D 195 -14.04 -2.26 -34.16
N GLY D 196 -15.23 -2.78 -34.44
CA GLY D 196 -15.47 -4.22 -34.32
C GLY D 196 -16.54 -4.74 -35.26
N GLY D 197 -17.27 -5.75 -34.81
CA GLY D 197 -18.42 -6.28 -35.54
C GLY D 197 -19.54 -5.26 -35.52
N PHE D 198 -19.85 -4.81 -34.30
CA PHE D 198 -20.42 -3.49 -34.09
C PHE D 198 -19.59 -2.52 -34.92
N GLY D 199 -20.25 -1.78 -35.81
CA GLY D 199 -19.58 -0.72 -36.58
C GLY D 199 -18.56 0.10 -35.83
N GLU D 200 -18.23 1.25 -36.39
CA GLU D 200 -17.07 2.01 -35.93
C GLU D 200 -17.54 3.14 -35.03
N VAL D 201 -16.66 3.56 -34.11
CA VAL D 201 -16.95 4.65 -33.20
C VAL D 201 -15.96 5.78 -33.43
N PHE D 202 -16.50 6.98 -33.71
CA PHE D 202 -15.70 8.16 -34.01
C PHE D 202 -15.84 9.19 -32.92
N ALA D 203 -14.79 9.98 -32.73
CA ALA D 203 -14.86 11.20 -31.94
C ALA D 203 -15.15 12.34 -32.91
N CYS D 204 -16.22 13.08 -32.65
CA CYS D 204 -16.65 14.13 -33.58
C CYS D 204 -17.00 15.44 -32.89
N GLN D 205 -17.10 16.49 -33.69
CA GLN D 205 -17.44 17.81 -33.21
C GLN D 205 -18.75 18.25 -33.83
N MET D 206 -19.69 18.71 -33.00
CA MET D 206 -20.88 19.36 -33.50
C MET D 206 -20.42 20.73 -34.01
N LYS D 207 -20.58 20.95 -35.31
CA LYS D 207 -19.91 22.06 -35.99
C LYS D 207 -20.34 23.44 -35.51
N ALA D 208 -21.63 23.62 -35.26
CA ALA D 208 -22.17 24.92 -34.89
C ALA D 208 -21.66 25.39 -33.53
N THR D 209 -21.76 24.51 -32.53
CA THR D 209 -21.41 24.83 -31.14
C THR D 209 -19.97 24.48 -30.78
N GLY D 210 -19.42 23.49 -31.46
CA GLY D 210 -18.06 23.03 -31.20
C GLY D 210 -17.95 21.97 -30.11
N LYS D 211 -19.08 21.52 -29.58
CA LYS D 211 -19.06 20.50 -28.54
C LYS D 211 -18.60 19.16 -29.08
N LEU D 212 -17.80 18.46 -28.29
CA LEU D 212 -17.24 17.18 -28.68
C LEU D 212 -18.18 16.04 -28.28
N TYR D 213 -18.39 15.11 -29.22
CA TYR D 213 -19.23 13.95 -28.99
C TYR D 213 -18.54 12.67 -29.49
N ALA D 214 -19.07 11.53 -29.07
CA ALA D 214 -18.72 10.24 -29.64
C ALA D 214 -19.86 9.82 -30.57
N CYS D 215 -19.52 9.49 -31.81
CA CYS D 215 -20.52 9.03 -32.77
C CYS D 215 -20.30 7.56 -33.07
N LYS D 216 -21.29 6.73 -32.75
CA LYS D 216 -21.27 5.31 -33.05
C LYS D 216 -22.02 5.08 -34.35
N LYS D 217 -21.32 4.58 -35.35
CA LYS D 217 -21.91 4.33 -36.66
C LYS D 217 -22.12 2.84 -36.85
N LEU D 218 -23.36 2.45 -37.11
CA LEU D 218 -23.69 1.05 -37.39
C LEU D 218 -23.86 0.89 -38.89
N ASN D 219 -23.07 0.02 -39.50
CA ASN D 219 -23.19 -0.24 -40.93
C ASN D 219 -24.53 -0.89 -41.26
N LYS D 220 -25.24 -0.32 -42.22
CA LYS D 220 -26.58 -0.78 -42.58
C LYS D 220 -26.59 -2.19 -43.13
N LYS D 221 -25.69 -2.47 -44.07
CA LYS D 221 -25.63 -3.78 -44.72
C LYS D 221 -25.23 -4.87 -43.74
N ARG D 222 -24.24 -4.59 -42.90
CA ARG D 222 -23.80 -5.55 -41.87
C ARG D 222 -24.89 -5.86 -40.84
N LEU D 223 -25.67 -4.84 -40.49
CA LEU D 223 -26.76 -5.00 -39.53
C LEU D 223 -27.82 -5.98 -40.05
N LYS D 224 -28.26 -5.75 -41.28
CA LYS D 224 -29.20 -6.60 -41.99
C LYS D 224 -28.68 -8.03 -42.00
N LYS D 225 -27.40 -8.19 -42.35
CA LYS D 225 -26.77 -9.51 -42.48
C LYS D 225 -26.73 -10.28 -41.15
N ARG D 226 -26.60 -9.53 -40.06
CA ARG D 226 -26.65 -10.12 -38.71
C ARG D 226 -28.03 -10.02 -38.04
N LYS D 227 -28.99 -9.44 -38.75
CA LYS D 227 -30.34 -9.18 -38.20
C LYS D 227 -30.26 -8.41 -36.88
N GLY D 228 -29.52 -7.29 -36.90
CA GLY D 228 -29.26 -6.49 -35.69
C GLY D 228 -30.15 -5.27 -35.52
N TYR D 229 -31.42 -5.46 -35.85
CA TYR D 229 -32.37 -4.36 -35.92
C TYR D 229 -32.99 -4.14 -34.57
N GLN D 230 -33.50 -5.22 -33.98
CA GLN D 230 -34.06 -5.20 -32.63
C GLN D 230 -33.06 -4.68 -31.60
N GLY D 231 -31.87 -5.28 -31.55
CA GLY D 231 -30.83 -4.89 -30.60
C GLY D 231 -30.40 -3.45 -30.72
N ALA D 232 -30.33 -2.95 -31.95
CA ALA D 232 -29.95 -1.55 -32.20
C ALA D 232 -31.10 -0.60 -31.89
N MET D 233 -32.33 -0.99 -32.24
CA MET D 233 -33.52 -0.19 -31.97
C MET D 233 -33.79 -0.08 -30.48
N VAL D 234 -33.70 -1.21 -29.77
CA VAL D 234 -33.91 -1.24 -28.33
C VAL D 234 -32.90 -0.36 -27.62
N GLU D 235 -31.63 -0.46 -28.01
CA GLU D 235 -30.58 0.36 -27.39
C GLU D 235 -30.85 1.85 -27.60
N LYS D 236 -31.22 2.22 -28.82
CA LYS D 236 -31.46 3.62 -29.16
C LYS D 236 -32.58 4.20 -28.28
N LYS D 237 -33.72 3.51 -28.25
CA LYS D 237 -34.88 3.94 -27.46
C LYS D 237 -34.56 4.10 -25.97
N ILE D 238 -33.76 3.19 -25.42
CA ILE D 238 -33.38 3.25 -24.01
C ILE D 238 -32.48 4.45 -23.75
N LEU D 239 -31.42 4.61 -24.53
CA LEU D 239 -30.52 5.75 -24.39
C LEU D 239 -31.25 7.09 -24.53
N ALA D 240 -32.28 7.11 -25.38
CA ALA D 240 -33.04 8.34 -25.64
C ALA D 240 -33.91 8.73 -24.44
N LYS D 241 -34.65 7.76 -23.91
CA LYS D 241 -35.59 8.02 -22.81
C LYS D 241 -34.90 8.20 -21.45
N VAL D 242 -33.69 7.66 -21.30
CA VAL D 242 -32.96 7.76 -20.04
C VAL D 242 -32.06 8.99 -20.02
N HIS D 243 -32.05 9.70 -18.89
CA HIS D 243 -31.23 10.90 -18.71
C HIS D 243 -30.53 10.82 -17.35
N SER D 244 -29.27 10.41 -17.35
CA SER D 244 -28.49 10.21 -16.13
C SER D 244 -27.03 10.54 -16.35
N ARG D 245 -26.38 11.09 -15.33
CA ARG D 245 -24.96 11.44 -15.44
C ARG D 245 -24.04 10.22 -15.32
N PHE D 246 -24.61 9.06 -14.97
CA PHE D 246 -23.86 7.81 -14.86
C PHE D 246 -24.17 6.83 -15.99
N ILE D 247 -24.86 7.33 -17.02
CA ILE D 247 -25.14 6.56 -18.22
C ILE D 247 -24.87 7.47 -19.41
N VAL D 248 -24.23 6.94 -20.45
CA VAL D 248 -23.94 7.75 -21.64
C VAL D 248 -25.25 8.26 -22.23
N SER D 249 -25.28 9.53 -22.61
CA SER D 249 -26.49 10.15 -23.14
C SER D 249 -26.48 10.13 -24.65
N LEU D 250 -27.64 9.91 -25.24
CA LEU D 250 -27.83 10.07 -26.68
C LEU D 250 -28.27 11.51 -26.94
N ALA D 251 -27.60 12.20 -27.85
CA ALA D 251 -27.94 13.58 -28.20
C ALA D 251 -28.63 13.66 -29.56
N TYR D 252 -28.10 12.93 -30.54
CA TYR D 252 -28.67 12.89 -31.88
C TYR D 252 -28.71 11.47 -32.40
N ALA D 253 -29.78 11.13 -33.13
CA ALA D 253 -29.86 9.87 -33.85
C ALA D 253 -30.26 10.18 -35.29
N PHE D 254 -29.36 9.90 -36.23
CA PHE D 254 -29.64 10.15 -37.64
C PHE D 254 -29.09 9.04 -38.53
N GLU D 255 -29.48 9.06 -39.81
CA GLU D 255 -29.07 8.04 -40.77
C GLU D 255 -28.27 8.69 -41.91
N THR D 256 -27.36 7.92 -42.48
CA THR D 256 -26.62 8.31 -43.67
C THR D 256 -26.90 7.27 -44.75
N LYS D 257 -26.28 7.41 -45.91
CA LYS D 257 -26.49 6.44 -46.99
C LYS D 257 -26.03 5.04 -46.59
N THR D 258 -24.97 4.96 -45.79
CA THR D 258 -24.36 3.68 -45.42
C THR D 258 -24.52 3.29 -43.95
N ASP D 259 -24.69 4.27 -43.07
CA ASP D 259 -24.67 4.02 -41.61
C ASP D 259 -25.91 4.54 -40.88
N LEU D 260 -26.18 3.92 -39.73
CA LEU D 260 -27.07 4.48 -38.72
C LEU D 260 -26.17 5.03 -37.62
N CYS D 261 -26.39 6.29 -37.26
CA CYS D 261 -25.47 7.00 -36.37
C CYS D 261 -26.09 7.41 -35.05
N LEU D 262 -25.36 7.19 -33.97
CA LEU D 262 -25.77 7.63 -32.64
C LEU D 262 -24.71 8.57 -32.07
N VAL D 263 -25.05 9.86 -31.95
CA VAL D 263 -24.16 10.84 -31.35
C VAL D 263 -24.42 10.86 -29.85
N MET D 264 -23.40 10.54 -29.07
CA MET D 264 -23.54 10.38 -27.63
C MET D 264 -22.36 10.94 -26.86
N THR D 265 -22.53 11.04 -25.54
CA THR D 265 -21.50 11.55 -24.65
C THR D 265 -20.14 10.93 -24.95
N ILE D 266 -19.13 11.77 -25.19
CA ILE D 266 -17.77 11.27 -25.36
C ILE D 266 -17.13 11.02 -24.00
N MET D 267 -16.29 9.99 -23.95
CA MET D 267 -15.61 9.60 -22.73
C MET D 267 -14.13 9.37 -23.04
N ASN D 268 -13.34 10.44 -22.94
CA ASN D 268 -11.93 10.42 -23.40
C ASN D 268 -10.98 9.58 -22.56
N GLY D 269 -11.36 9.29 -21.33
CA GLY D 269 -10.54 8.47 -20.45
C GLY D 269 -10.50 7.00 -20.82
N GLY D 270 -11.41 6.56 -21.68
CA GLY D 270 -11.49 5.15 -22.08
C GLY D 270 -12.10 4.29 -20.99
N ASP D 271 -12.09 2.98 -21.21
CA ASP D 271 -12.75 2.04 -20.30
C ASP D 271 -11.93 1.77 -19.03
N ILE D 272 -12.63 1.35 -17.98
CA ILE D 272 -12.02 0.99 -16.69
C ILE D 272 -10.93 -0.08 -16.85
N ARG D 273 -11.21 -1.11 -17.64
CA ARG D 273 -10.33 -2.26 -17.77
C ARG D 273 -8.91 -1.84 -18.14
N TYR D 274 -8.77 -0.91 -19.07
CA TYR D 274 -7.46 -0.39 -19.46
C TYR D 274 -6.74 0.24 -18.26
N HIS D 275 -7.45 1.02 -17.47
CA HIS D 275 -6.87 1.69 -16.30
C HIS D 275 -6.49 0.73 -15.17
N ILE D 276 -7.12 -0.44 -15.13
CA ILE D 276 -6.77 -1.48 -14.16
C ILE D 276 -5.40 -2.08 -14.47
N TYR D 277 -5.19 -2.48 -15.73
CA TYR D 277 -4.03 -3.29 -16.11
C TYR D 277 -2.88 -2.50 -16.74
N ASN D 278 -3.21 -1.52 -17.58
CA ASN D 278 -2.23 -0.92 -18.50
C ASN D 278 -1.62 0.42 -18.09
N VAL D 279 -2.08 1.01 -16.98
CA VAL D 279 -1.47 2.25 -16.47
C VAL D 279 -0.22 2.00 -15.60
N ASP D 280 -0.31 1.09 -14.63
CA ASP D 280 0.82 0.63 -13.82
C ASP D 280 0.85 -0.90 -13.93
N GLU D 281 1.60 -1.42 -14.90
CA GLU D 281 1.65 -2.86 -15.15
C GLU D 281 2.43 -3.66 -14.08
N ASP D 282 3.21 -2.98 -13.26
CA ASP D 282 3.94 -3.63 -12.16
C ASP D 282 3.03 -3.87 -10.95
N ASN D 283 2.21 -2.88 -10.62
CA ASN D 283 1.18 -3.03 -9.60
C ASN D 283 -0.19 -2.65 -10.15
N PRO D 284 -0.83 -3.58 -10.88
CA PRO D 284 -2.14 -3.29 -11.46
C PRO D 284 -3.25 -3.33 -10.41
N GLY D 285 -4.38 -2.72 -10.76
CA GLY D 285 -5.53 -2.60 -9.85
C GLY D 285 -5.63 -1.20 -9.27
N PHE D 286 -6.83 -0.83 -8.83
CA PHE D 286 -7.05 0.48 -8.22
C PHE D 286 -6.87 0.44 -6.71
N GLN D 287 -6.54 1.59 -6.12
CA GLN D 287 -6.60 1.72 -4.66
C GLN D 287 -8.05 1.65 -4.27
N GLU D 288 -8.30 1.17 -3.07
CA GLU D 288 -9.67 0.91 -2.62
C GLU D 288 -10.60 2.14 -2.67
N PRO D 289 -10.14 3.32 -2.20
CA PRO D 289 -10.97 4.52 -2.31
C PRO D 289 -11.42 4.82 -3.73
N ARG D 290 -10.53 4.61 -4.69
CA ARG D 290 -10.84 4.82 -6.10
C ARG D 290 -11.88 3.82 -6.62
N ALA D 291 -11.70 2.56 -6.24
CA ALA D 291 -12.63 1.50 -6.63
C ALA D 291 -14.02 1.75 -6.09
N ILE D 292 -14.09 2.21 -4.84
CA ILE D 292 -15.37 2.50 -4.18
C ILE D 292 -16.09 3.65 -4.88
N PHE D 293 -15.34 4.68 -5.29
CA PHE D 293 -15.91 5.82 -5.99
C PHE D 293 -16.59 5.37 -7.28
N TYR D 294 -15.89 4.59 -8.10
CA TYR D 294 -16.46 4.10 -9.36
C TYR D 294 -17.65 3.19 -9.11
N THR D 295 -17.53 2.31 -8.11
CA THR D 295 -18.63 1.43 -7.72
C THR D 295 -19.88 2.24 -7.38
N ALA D 296 -19.70 3.30 -6.58
CA ALA D 296 -20.83 4.15 -6.21
C ALA D 296 -21.47 4.81 -7.43
N GLN D 297 -20.64 5.22 -8.39
CA GLN D 297 -21.15 5.82 -9.62
C GLN D 297 -21.88 4.80 -10.48
N ILE D 298 -21.36 3.59 -10.55
CA ILE D 298 -22.00 2.50 -11.31
C ILE D 298 -23.34 2.15 -10.68
N VAL D 299 -23.38 2.03 -9.36
CA VAL D 299 -24.61 1.74 -8.62
C VAL D 299 -25.69 2.74 -9.00
N SER D 300 -25.35 4.03 -8.96
CA SER D 300 -26.29 5.10 -9.30
C SER D 300 -26.85 4.95 -10.71
N GLY D 301 -26.01 4.50 -11.63
CA GLY D 301 -26.43 4.22 -13.01
C GLY D 301 -27.36 3.03 -13.08
N LEU D 302 -27.01 1.95 -12.38
CA LEU D 302 -27.85 0.75 -12.35
C LEU D 302 -29.23 1.06 -11.78
N GLU D 303 -29.25 1.78 -10.65
CA GLU D 303 -30.51 2.17 -10.03
C GLU D 303 -31.41 2.91 -11.00
N HIS D 304 -30.81 3.82 -11.76
CA HIS D 304 -31.56 4.61 -12.73
C HIS D 304 -32.28 3.72 -13.74
N LEU D 305 -31.57 2.69 -14.22
CA LEU D 305 -32.17 1.74 -15.16
C LEU D 305 -33.24 0.89 -14.48
N HIS D 306 -32.93 0.36 -13.30
CA HIS D 306 -33.83 -0.56 -12.60
C HIS D 306 -35.12 0.11 -12.16
N GLN D 307 -35.03 1.37 -11.75
CA GLN D 307 -36.22 2.16 -11.42
C GLN D 307 -37.14 2.35 -12.63
N ARG D 308 -36.60 2.20 -13.83
CA ARG D 308 -37.38 2.25 -15.06
C ARG D 308 -37.58 0.85 -15.68
N ASN D 309 -37.44 -0.17 -14.85
CA ASN D 309 -37.65 -1.57 -15.26
C ASN D 309 -36.80 -1.99 -16.47
N ILE D 310 -35.53 -1.58 -16.46
CA ILE D 310 -34.58 -1.95 -17.50
C ILE D 310 -33.45 -2.75 -16.88
N ILE D 311 -33.07 -3.84 -17.53
CA ILE D 311 -31.94 -4.65 -17.08
C ILE D 311 -30.78 -4.43 -18.05
N TYR D 312 -29.61 -4.14 -17.49
CA TYR D 312 -28.43 -3.78 -18.28
C TYR D 312 -27.82 -5.01 -18.97
N ARG D 313 -27.55 -6.04 -18.17
CA ARG D 313 -27.09 -7.35 -18.65
C ARG D 313 -25.71 -7.40 -19.30
N ASP D 314 -24.92 -6.32 -19.20
CA ASP D 314 -23.56 -6.33 -19.73
C ASP D 314 -22.64 -5.38 -18.97
N LEU D 315 -22.74 -5.41 -17.65
CA LEU D 315 -21.83 -4.63 -16.80
C LEU D 315 -20.49 -5.35 -16.72
N LYS D 316 -19.43 -4.61 -17.05
CA LYS D 316 -18.06 -5.11 -16.95
C LYS D 316 -17.10 -3.94 -17.14
N PRO D 317 -15.87 -4.05 -16.60
CA PRO D 317 -14.86 -2.99 -16.69
C PRO D 317 -14.75 -2.33 -18.06
N GLU D 318 -14.76 -3.14 -19.13
CA GLU D 318 -14.56 -2.61 -20.48
C GLU D 318 -15.78 -1.80 -20.99
N ASN D 319 -16.93 -1.93 -20.32
CA ASN D 319 -18.12 -1.11 -20.63
C ASN D 319 -18.35 0.06 -19.66
N VAL D 320 -17.50 0.21 -18.66
CA VAL D 320 -17.53 1.37 -17.76
C VAL D 320 -16.45 2.35 -18.21
N LEU D 321 -16.87 3.54 -18.66
CA LEU D 321 -15.97 4.49 -19.31
C LEU D 321 -15.65 5.70 -18.43
N LEU D 322 -14.48 6.31 -18.65
CA LEU D 322 -14.06 7.51 -17.92
C LEU D 322 -14.06 8.74 -18.81
N ASP D 323 -14.46 9.88 -18.26
CA ASP D 323 -14.41 11.16 -18.97
C ASP D 323 -13.21 11.98 -18.50
N ASP D 324 -13.07 13.19 -19.04
CA ASP D 324 -11.93 14.06 -18.75
C ASP D 324 -11.75 14.33 -17.24
N ASP D 325 -12.86 14.50 -16.54
CA ASP D 325 -12.83 14.88 -15.12
C ASP D 325 -12.50 13.71 -14.21
N GLY D 326 -12.72 12.48 -14.69
CA GLY D 326 -12.46 11.27 -13.91
C GLY D 326 -13.72 10.58 -13.42
N ASN D 327 -14.87 11.04 -13.90
CA ASN D 327 -16.16 10.42 -13.58
C ASN D 327 -16.48 9.32 -14.59
N VAL D 328 -17.27 8.34 -14.17
CA VAL D 328 -17.58 7.20 -15.03
C VAL D 328 -19.06 7.08 -15.36
N ARG D 329 -19.32 6.41 -16.48
CA ARG D 329 -20.67 6.06 -16.90
C ARG D 329 -20.66 4.65 -17.46
N ILE D 330 -21.80 3.97 -17.37
CA ILE D 330 -21.98 2.68 -18.04
C ILE D 330 -22.34 2.93 -19.51
N SER D 331 -21.96 2.01 -20.39
CA SER D 331 -22.16 2.19 -21.82
C SER D 331 -22.43 0.85 -22.50
N ASP D 332 -22.82 0.91 -23.77
CA ASP D 332 -23.15 -0.27 -24.57
C ASP D 332 -24.38 -0.99 -24.00
N LEU D 333 -25.55 -0.44 -24.29
CA LEU D 333 -26.83 -1.00 -23.84
C LEU D 333 -27.41 -1.95 -24.90
N GLY D 334 -26.55 -2.54 -25.73
CA GLY D 334 -26.98 -3.43 -26.81
C GLY D 334 -27.67 -4.70 -26.35
N LEU D 335 -27.26 -5.21 -25.18
CA LEU D 335 -27.87 -6.41 -24.60
C LEU D 335 -28.91 -6.08 -23.53
N ALA D 336 -29.23 -4.79 -23.38
CA ALA D 336 -30.20 -4.37 -22.38
C ALA D 336 -31.61 -4.77 -22.80
N VAL D 337 -32.48 -4.97 -21.80
CA VAL D 337 -33.88 -5.34 -22.04
C VAL D 337 -34.77 -4.56 -21.09
N GLU D 338 -35.92 -4.13 -21.62
CA GLU D 338 -36.91 -3.41 -20.84
C GLU D 338 -38.09 -4.34 -20.56
N LEU D 339 -38.41 -4.50 -19.27
CA LEU D 339 -39.57 -5.27 -18.87
C LEU D 339 -40.83 -4.47 -19.17
N LYS D 340 -41.85 -5.14 -19.72
CA LYS D 340 -43.15 -4.51 -19.93
C LYS D 340 -43.87 -4.32 -18.59
N ALA D 341 -44.97 -3.57 -18.61
CA ALA D 341 -45.73 -3.30 -17.38
C ALA D 341 -46.30 -4.58 -16.78
N GLY D 342 -46.07 -4.79 -15.48
CA GLY D 342 -46.55 -5.97 -14.78
C GLY D 342 -45.53 -7.08 -14.63
N GLN D 343 -44.59 -7.13 -15.58
CA GLN D 343 -43.56 -8.18 -15.60
C GLN D 343 -42.46 -7.88 -14.58
N THR D 344 -42.14 -8.86 -13.74
CA THR D 344 -41.12 -8.69 -12.69
C THR D 344 -39.80 -9.39 -13.03
N LYS D 345 -39.85 -10.43 -13.87
CA LYS D 345 -38.65 -11.17 -14.27
C LYS D 345 -38.65 -11.47 -15.77
N THR D 346 -37.48 -11.84 -16.30
CA THR D 346 -37.32 -12.15 -17.71
C THR D 346 -36.50 -13.42 -17.92
N LYS D 347 -36.45 -13.88 -19.16
CA LYS D 347 -35.63 -15.03 -19.54
C LYS D 347 -34.87 -14.71 -20.83
N GLY D 348 -33.68 -15.26 -20.95
CA GLY D 348 -32.85 -15.06 -22.15
C GLY D 348 -31.37 -15.13 -21.82
N TYR D 349 -30.64 -15.95 -22.58
CA TYR D 349 -29.19 -16.07 -22.41
C TYR D 349 -28.51 -14.91 -23.13
N ALA D 350 -27.89 -14.02 -22.35
CA ALA D 350 -27.14 -12.88 -22.89
C ALA D 350 -26.17 -12.34 -21.85
N GLY D 351 -25.01 -11.87 -22.32
CA GLY D 351 -24.00 -11.31 -21.43
C GLY D 351 -22.60 -11.73 -21.80
N THR D 352 -21.64 -11.40 -20.94
CA THR D 352 -20.23 -11.72 -21.15
C THR D 352 -19.81 -12.84 -20.19
N PRO D 353 -19.14 -13.89 -20.69
CA PRO D 353 -18.63 -14.97 -19.83
C PRO D 353 -17.81 -14.44 -18.67
N GLY D 354 -18.15 -14.87 -17.45
CA GLY D 354 -17.46 -14.42 -16.24
C GLY D 354 -18.22 -13.34 -15.48
N PHE D 355 -19.18 -12.71 -16.15
CA PHE D 355 -20.02 -11.67 -15.53
C PHE D 355 -21.50 -12.07 -15.44
N MET D 356 -21.89 -13.12 -16.16
CA MET D 356 -23.27 -13.60 -16.14
C MET D 356 -23.54 -14.39 -14.86
N ALA D 357 -24.65 -14.08 -14.20
CA ALA D 357 -25.00 -14.69 -12.92
C ALA D 357 -25.44 -16.13 -13.10
N PRO D 358 -25.30 -16.96 -12.04
CA PRO D 358 -25.70 -18.36 -12.06
C PRO D 358 -27.12 -18.62 -12.58
N GLU D 359 -28.11 -17.87 -12.07
CA GLU D 359 -29.49 -18.04 -12.49
C GLU D 359 -29.68 -17.83 -14.01
N LEU D 360 -28.84 -16.97 -14.59
CA LEU D 360 -28.83 -16.76 -16.04
C LEU D 360 -28.19 -17.96 -16.73
N LEU D 361 -27.03 -18.39 -16.22
CA LEU D 361 -26.30 -19.53 -16.80
C LEU D 361 -27.12 -20.83 -16.76
N LEU D 362 -27.97 -20.98 -15.76
CA LEU D 362 -28.83 -22.16 -15.61
C LEU D 362 -30.08 -22.12 -16.50
N GLY D 363 -30.28 -21.02 -17.23
CA GLY D 363 -31.43 -20.89 -18.13
C GLY D 363 -32.73 -20.61 -17.41
N GLU D 364 -32.64 -20.02 -16.22
CA GLU D 364 -33.81 -19.76 -15.38
C GLU D 364 -34.24 -18.31 -15.50
N GLU D 365 -35.36 -17.96 -14.86
CA GLU D 365 -35.84 -16.59 -14.84
C GLU D 365 -34.98 -15.73 -13.91
N TYR D 366 -34.85 -14.45 -14.26
CA TYR D 366 -34.04 -13.51 -13.48
C TYR D 366 -34.56 -12.08 -13.62
N ASP D 367 -34.19 -11.23 -12.66
CA ASP D 367 -34.57 -9.82 -12.67
C ASP D 367 -33.33 -8.94 -12.66
N PHE D 368 -33.35 -7.83 -11.92
CA PHE D 368 -32.25 -6.88 -11.87
C PHE D 368 -31.01 -7.45 -11.16
N SER D 369 -31.20 -8.52 -10.39
CA SER D 369 -30.11 -9.13 -9.62
C SER D 369 -28.88 -9.51 -10.45
N VAL D 370 -29.08 -9.84 -11.72
CA VAL D 370 -27.96 -10.21 -12.61
C VAL D 370 -26.93 -9.08 -12.75
N ASP D 371 -27.41 -7.84 -12.77
CA ASP D 371 -26.52 -6.68 -12.89
C ASP D 371 -25.66 -6.49 -11.64
N TYR D 372 -26.20 -6.85 -10.48
CA TYR D 372 -25.47 -6.70 -9.22
C TYR D 372 -24.38 -7.76 -9.06
N PHE D 373 -24.62 -8.95 -9.60
CA PHE D 373 -23.59 -9.98 -9.65
C PHE D 373 -22.41 -9.50 -10.48
N ALA D 374 -22.72 -8.92 -11.64
CA ALA D 374 -21.71 -8.35 -12.51
C ALA D 374 -20.95 -7.21 -11.82
N LEU D 375 -21.66 -6.42 -11.01
CA LEU D 375 -21.03 -5.36 -10.24
C LEU D 375 -20.00 -5.93 -9.26
N GLY D 376 -20.37 -7.02 -8.59
CA GLY D 376 -19.46 -7.70 -7.67
C GLY D 376 -18.19 -8.18 -8.36
N VAL D 377 -18.35 -8.71 -9.57
CA VAL D 377 -17.22 -9.15 -10.38
C VAL D 377 -16.39 -7.95 -10.84
N THR D 378 -17.07 -6.88 -11.22
CA THR D 378 -16.41 -5.66 -11.68
C THR D 378 -15.57 -5.05 -10.56
N LEU D 379 -16.14 -4.94 -9.36
CA LEU D 379 -15.41 -4.43 -8.21
C LEU D 379 -14.25 -5.34 -7.82
N TYR D 380 -14.47 -6.64 -7.85
CA TYR D 380 -13.42 -7.61 -7.54
C TYR D 380 -12.23 -7.41 -8.47
N GLU D 381 -12.51 -7.23 -9.76
CA GLU D 381 -11.46 -7.07 -10.76
C GLU D 381 -10.73 -5.73 -10.65
N MET D 382 -11.43 -4.70 -10.17
CA MET D 382 -10.81 -3.39 -9.95
C MET D 382 -9.74 -3.44 -8.85
N ILE D 383 -10.02 -4.18 -7.79
CA ILE D 383 -9.10 -4.28 -6.65
C ILE D 383 -8.05 -5.37 -6.88
N ALA D 384 -8.50 -6.56 -7.24
CA ALA D 384 -7.62 -7.72 -7.38
C ALA D 384 -6.75 -7.70 -8.64
N ALA D 385 -7.19 -6.94 -9.65
CA ALA D 385 -6.56 -6.97 -10.98
C ALA D 385 -6.61 -8.38 -11.57
N ARG D 386 -7.74 -9.05 -11.36
CA ARG D 386 -8.05 -10.35 -11.96
C ARG D 386 -9.50 -10.71 -11.64
N GLY D 387 -10.07 -11.62 -12.41
CA GLY D 387 -11.43 -12.09 -12.16
C GLY D 387 -11.48 -12.92 -10.88
N PRO D 388 -12.66 -13.02 -10.26
CA PRO D 388 -12.81 -13.86 -9.07
C PRO D 388 -12.71 -15.35 -9.38
N PHE D 389 -12.90 -15.73 -10.65
CA PHE D 389 -12.89 -17.13 -11.07
C PHE D 389 -11.68 -17.52 -11.94
N ARG D 390 -10.76 -16.58 -12.19
CA ARG D 390 -9.51 -16.90 -12.91
C ARG D 390 -8.30 -16.21 -12.28
N ALA D 391 -7.10 -16.74 -12.56
CA ALA D 391 -5.86 -16.04 -12.26
C ALA D 391 -5.65 -14.94 -13.31
N ARG D 392 -4.65 -14.09 -13.07
CA ARG D 392 -4.29 -13.01 -13.99
C ARG D 392 -3.91 -13.61 -15.36
N GLY D 393 -4.51 -13.12 -16.44
CA GLY D 393 -4.15 -13.54 -17.80
C GLY D 393 -4.53 -14.97 -18.20
N GLU D 394 -5.26 -15.69 -17.34
CA GLU D 394 -5.67 -17.06 -17.61
C GLU D 394 -6.77 -17.10 -18.68
N LYS D 395 -6.50 -17.85 -19.75
CA LYS D 395 -7.45 -18.05 -20.84
C LYS D 395 -8.20 -19.36 -20.61
N VAL D 396 -9.53 -19.27 -20.56
CA VAL D 396 -10.37 -20.36 -20.11
C VAL D 396 -11.60 -20.47 -21.02
N GLU D 397 -11.96 -21.69 -21.42
CA GLU D 397 -13.08 -21.92 -22.34
C GLU D 397 -14.41 -21.64 -21.62
N ASN D 398 -15.44 -21.31 -22.41
CA ASN D 398 -16.73 -20.89 -21.84
C ASN D 398 -17.43 -21.97 -20.99
N LYS D 399 -17.26 -23.24 -21.36
CA LYS D 399 -17.83 -24.34 -20.58
C LYS D 399 -17.13 -24.45 -19.21
N GLU D 400 -15.82 -24.26 -19.21
CA GLU D 400 -15.02 -24.35 -17.98
C GLU D 400 -15.36 -23.20 -17.05
N LEU D 401 -15.44 -21.99 -17.60
CA LEU D 401 -15.79 -20.80 -16.82
C LEU D 401 -17.23 -20.83 -16.30
N LYS D 402 -18.12 -21.51 -17.03
CA LYS D 402 -19.50 -21.69 -16.60
C LYS D 402 -19.59 -22.54 -15.33
N GLN D 403 -18.79 -23.61 -15.29
CA GLN D 403 -18.74 -24.50 -14.12
C GLN D 403 -18.20 -23.79 -12.87
N ARG D 404 -17.19 -22.95 -13.07
CA ARG D 404 -16.58 -22.20 -11.97
C ARG D 404 -17.56 -21.22 -11.33
N VAL D 405 -18.32 -20.50 -12.14
CA VAL D 405 -19.29 -19.53 -11.63
C VAL D 405 -20.38 -20.24 -10.81
N LEU D 406 -20.82 -21.39 -11.29
CA LEU D 406 -21.88 -22.16 -10.63
C LEU D 406 -21.43 -22.87 -9.35
N GLU D 407 -20.15 -23.22 -9.27
CA GLU D 407 -19.65 -24.12 -8.21
C GLU D 407 -18.50 -23.55 -7.35
N GLN D 408 -17.58 -22.82 -7.97
CA GLN D 408 -16.37 -22.36 -7.29
C GLN D 408 -16.66 -21.25 -6.27
N ALA D 409 -16.08 -21.40 -5.08
CA ALA D 409 -16.17 -20.36 -4.05
C ALA D 409 -15.07 -19.33 -4.28
N VAL D 410 -15.40 -18.06 -4.09
CA VAL D 410 -14.48 -16.96 -4.36
C VAL D 410 -13.53 -16.75 -3.17
N THR D 411 -12.23 -16.74 -3.45
CA THR D 411 -11.21 -16.46 -2.45
C THR D 411 -10.78 -14.99 -2.56
N TYR D 412 -10.32 -14.43 -1.45
CA TYR D 412 -9.99 -13.00 -1.38
C TYR D 412 -8.56 -12.77 -0.85
N PRO D 413 -7.69 -12.15 -1.69
CA PRO D 413 -6.35 -11.80 -1.22
C PRO D 413 -6.34 -10.62 -0.23
N ASP D 414 -5.15 -10.27 0.26
CA ASP D 414 -5.01 -9.32 1.37
C ASP D 414 -5.31 -7.85 1.01
N LYS D 415 -5.36 -7.53 -0.28
CA LYS D 415 -5.65 -6.16 -0.73
C LYS D 415 -7.09 -5.75 -0.40
N PHE D 416 -7.99 -6.73 -0.33
CA PHE D 416 -9.37 -6.50 0.06
C PHE D 416 -9.47 -6.21 1.55
N SER D 417 -10.14 -5.12 1.90
CA SER D 417 -10.44 -4.79 3.29
C SER D 417 -11.67 -5.60 3.72
N PRO D 418 -12.00 -5.56 5.02
CA PRO D 418 -13.23 -6.21 5.48
C PRO D 418 -14.48 -5.75 4.74
N ALA D 419 -14.56 -4.45 4.45
CA ALA D 419 -15.72 -3.87 3.75
C ALA D 419 -15.81 -4.36 2.30
N SER D 420 -14.69 -4.33 1.59
CA SER D 420 -14.63 -4.78 0.20
C SER D 420 -15.03 -6.24 0.07
N LYS D 421 -14.43 -7.08 0.93
CA LYS D 421 -14.73 -8.50 0.94
C LYS D 421 -16.22 -8.73 1.19
N ASP D 422 -16.72 -8.15 2.28
CA ASP D 422 -18.13 -8.32 2.68
C ASP D 422 -19.08 -7.89 1.56
N PHE D 423 -18.77 -6.78 0.91
CA PHE D 423 -19.60 -6.24 -0.17
C PHE D 423 -19.59 -7.15 -1.40
N CYS D 424 -18.39 -7.57 -1.82
CA CYS D 424 -18.25 -8.50 -2.94
C CYS D 424 -18.90 -9.86 -2.64
N GLU D 425 -18.74 -10.33 -1.40
CA GLU D 425 -19.41 -11.57 -0.97
C GLU D 425 -20.93 -11.45 -1.06
N ALA D 426 -21.45 -10.28 -0.71
CA ALA D 426 -22.89 -10.01 -0.78
C ALA D 426 -23.38 -9.97 -2.23
N LEU D 427 -22.57 -9.39 -3.12
CA LEU D 427 -22.94 -9.25 -4.53
C LEU D 427 -22.72 -10.53 -5.34
N LEU D 428 -21.71 -11.32 -4.96
CA LEU D 428 -21.38 -12.55 -5.69
C LEU D 428 -22.14 -13.78 -5.17
N GLN D 429 -23.19 -13.55 -4.38
CA GLN D 429 -24.09 -14.64 -3.96
C GLN D 429 -24.66 -15.35 -5.17
N LYS D 430 -24.51 -16.67 -5.20
CA LYS D 430 -25.02 -17.48 -6.32
C LYS D 430 -26.54 -17.51 -6.35
N ASP D 431 -27.16 -17.51 -5.17
CA ASP D 431 -28.61 -17.44 -5.05
C ASP D 431 -29.04 -15.97 -5.15
N PRO D 432 -29.87 -15.62 -6.17
CA PRO D 432 -30.29 -14.21 -6.29
C PRO D 432 -31.21 -13.71 -5.17
N GLU D 433 -31.82 -14.62 -4.42
CA GLU D 433 -32.65 -14.24 -3.26
C GLU D 433 -31.80 -13.73 -2.09
N LYS D 434 -30.62 -14.32 -1.91
CA LYS D 434 -29.68 -13.90 -0.86
C LYS D 434 -28.79 -12.73 -1.29
N ARG D 435 -28.79 -12.42 -2.59
CA ARG D 435 -27.88 -11.42 -3.14
C ARG D 435 -28.36 -10.00 -2.86
N LEU D 436 -27.41 -9.12 -2.56
CA LEU D 436 -27.71 -7.71 -2.34
C LEU D 436 -28.00 -7.01 -3.68
N GLY D 437 -28.88 -6.02 -3.66
CA GLY D 437 -29.21 -5.28 -4.87
C GLY D 437 -30.43 -4.37 -4.75
N PHE D 438 -31.35 -4.51 -5.70
CA PHE D 438 -32.51 -3.63 -5.82
C PHE D 438 -33.62 -4.09 -4.88
N ARG D 439 -33.96 -3.24 -3.91
CA ARG D 439 -35.02 -3.54 -2.93
C ARG D 439 -35.91 -2.32 -2.72
N ASP D 440 -37.22 -2.54 -2.74
CA ASP D 440 -38.22 -1.49 -2.46
C ASP D 440 -38.07 -0.28 -3.39
N GLY D 441 -37.83 -0.54 -4.68
CA GLY D 441 -37.75 0.50 -5.69
C GLY D 441 -36.49 1.36 -5.66
N SER D 442 -35.45 0.91 -4.98
CA SER D 442 -34.20 1.67 -4.89
C SER D 442 -33.00 0.82 -4.45
N CYS D 443 -31.83 1.43 -4.47
CA CYS D 443 -30.61 0.83 -3.92
C CYS D 443 -30.25 1.45 -2.56
N ASP D 444 -31.22 2.06 -1.89
CA ASP D 444 -30.97 2.73 -0.61
C ASP D 444 -30.37 1.80 0.43
N GLY D 445 -30.85 0.55 0.45
CA GLY D 445 -30.30 -0.47 1.35
C GLY D 445 -28.84 -0.78 1.05
N LEU D 446 -28.50 -0.77 -0.23
CA LEU D 446 -27.13 -1.01 -0.68
C LEU D 446 -26.19 0.14 -0.29
N ARG D 447 -26.71 1.37 -0.35
CA ARG D 447 -25.92 2.55 0.01
C ARG D 447 -25.45 2.56 1.47
N THR D 448 -26.23 1.93 2.34
CA THR D 448 -25.92 1.92 3.78
C THR D 448 -24.84 0.90 4.19
N HIS D 449 -24.21 0.26 3.21
CA HIS D 449 -23.11 -0.66 3.49
C HIS D 449 -21.89 0.14 3.97
N PRO D 450 -21.12 -0.42 4.93
CA PRO D 450 -19.94 0.31 5.47
C PRO D 450 -18.83 0.62 4.45
N LEU D 451 -18.90 0.02 3.26
CA LEU D 451 -17.95 0.32 2.20
C LEU D 451 -18.04 1.77 1.74
N PHE D 452 -19.26 2.31 1.71
CA PHE D 452 -19.51 3.68 1.25
C PHE D 452 -19.57 4.66 2.43
N ARG D 453 -18.77 4.39 3.47
CA ARG D 453 -18.76 5.20 4.69
C ARG D 453 -18.39 6.64 4.40
N ASP D 454 -17.40 6.82 3.52
CA ASP D 454 -16.86 8.15 3.21
C ASP D 454 -17.44 8.74 1.91
N ILE D 455 -18.55 8.18 1.43
CA ILE D 455 -19.20 8.65 0.20
C ILE D 455 -20.42 9.50 0.54
N SER D 456 -20.41 10.74 0.06
CA SER D 456 -21.57 11.62 0.16
C SER D 456 -22.46 11.42 -1.06
N TRP D 457 -23.43 10.51 -0.92
CA TRP D 457 -24.32 10.14 -2.03
C TRP D 457 -25.02 11.36 -2.64
N ARG D 458 -25.47 12.27 -1.77
CA ARG D 458 -26.10 13.55 -2.17
C ARG D 458 -25.23 14.28 -3.19
N GLN D 459 -23.95 14.46 -2.84
CA GLN D 459 -23.02 15.16 -3.72
C GLN D 459 -22.59 14.33 -4.92
N LEU D 460 -22.44 13.02 -4.72
CA LEU D 460 -22.08 12.12 -5.81
C LEU D 460 -23.10 12.20 -6.94
N GLU D 461 -24.37 12.09 -6.60
CA GLU D 461 -25.46 12.11 -7.58
C GLU D 461 -25.62 13.46 -8.28
N ALA D 462 -25.19 14.54 -7.65
CA ALA D 462 -25.19 15.86 -8.29
C ALA D 462 -23.88 16.16 -9.03
N GLY D 463 -22.94 15.22 -9.02
CA GLY D 463 -21.66 15.37 -9.70
C GLY D 463 -20.76 16.39 -9.05
N MET D 464 -20.90 16.55 -7.73
CA MET D 464 -20.17 17.56 -6.98
C MET D 464 -18.85 17.03 -6.41
N LEU D 465 -18.79 15.73 -6.13
CA LEU D 465 -17.59 15.12 -5.54
C LEU D 465 -16.40 15.16 -6.50
N THR D 466 -15.22 15.44 -5.94
CA THR D 466 -13.97 15.42 -6.69
C THR D 466 -13.56 13.96 -6.92
N PRO D 467 -13.34 13.57 -8.20
CA PRO D 467 -12.90 12.20 -8.46
C PRO D 467 -11.51 11.90 -7.88
N PRO D 468 -11.25 10.64 -7.52
CA PRO D 468 -9.99 10.25 -6.89
C PRO D 468 -8.79 10.27 -7.86
N PHE D 469 -9.02 9.88 -9.11
CA PHE D 469 -7.99 9.92 -10.14
C PHE D 469 -8.50 10.70 -11.35
N VAL D 470 -7.67 11.63 -11.83
CA VAL D 470 -7.98 12.43 -13.01
C VAL D 470 -7.12 11.92 -14.17
N PRO D 471 -7.74 11.47 -15.27
CA PRO D 471 -6.97 11.02 -16.43
C PRO D 471 -6.16 12.14 -17.08
N ASP D 472 -4.97 11.81 -17.59
CA ASP D 472 -4.11 12.79 -18.24
C ASP D 472 -4.53 12.94 -19.70
N SER D 473 -4.86 14.17 -20.11
CA SER D 473 -5.31 14.44 -21.49
C SER D 473 -4.21 14.20 -22.53
N ARG D 474 -2.95 14.35 -22.11
CA ARG D 474 -1.80 14.00 -22.96
C ARG D 474 -1.82 12.49 -23.25
N THR D 475 -2.03 11.69 -22.21
CA THR D 475 -2.02 10.24 -22.31
C THR D 475 -3.27 9.72 -23.03
N VAL D 476 -3.08 8.75 -23.92
CA VAL D 476 -4.17 8.09 -24.62
C VAL D 476 -4.36 6.70 -24.00
N TYR D 477 -5.49 6.48 -23.35
CA TYR D 477 -5.74 5.26 -22.59
C TYR D 477 -6.49 4.23 -23.44
N ALA D 478 -5.84 3.78 -24.52
CA ALA D 478 -6.48 2.98 -25.57
C ALA D 478 -5.59 1.81 -26.00
N LYS D 479 -6.18 0.87 -26.73
CA LYS D 479 -5.54 -0.39 -27.04
C LYS D 479 -6.10 -0.94 -28.35
N ASN D 480 -5.22 -1.15 -29.33
CA ASN D 480 -5.53 -1.96 -30.51
C ASN D 480 -6.79 -1.55 -31.34
N ILE D 481 -6.61 -0.56 -32.20
CA ILE D 481 -7.56 -0.22 -33.26
C ILE D 481 -7.00 -0.73 -34.58
N GLN D 482 -7.43 -1.91 -35.00
CA GLN D 482 -6.94 -2.52 -36.23
C GLN D 482 -7.96 -2.47 -37.36
N ASP D 483 -7.54 -2.96 -38.54
CA ASP D 483 -8.40 -2.96 -39.72
C ASP D 483 -8.00 -4.09 -40.66
N VAL D 490 -18.74 -5.34 -48.47
CA VAL D 490 -19.49 -6.56 -48.23
C VAL D 490 -20.18 -7.03 -49.51
N LYS D 491 -21.03 -8.05 -49.38
CA LYS D 491 -21.87 -8.54 -50.50
C LYS D 491 -22.76 -7.45 -51.13
N GLY D 492 -23.24 -7.72 -52.34
CA GLY D 492 -24.22 -6.84 -52.98
C GLY D 492 -25.56 -7.21 -52.39
N VAL D 493 -26.04 -6.39 -51.45
CA VAL D 493 -27.19 -6.71 -50.59
C VAL D 493 -28.21 -5.58 -50.83
N ALA D 494 -29.42 -5.91 -51.27
CA ALA D 494 -30.41 -4.90 -51.68
C ALA D 494 -31.40 -4.56 -50.56
N PHE D 495 -31.78 -3.28 -50.48
CA PHE D 495 -32.74 -2.81 -49.48
C PHE D 495 -34.20 -2.85 -49.94
N GLU D 496 -35.06 -3.38 -49.07
CA GLU D 496 -36.51 -3.44 -49.25
C GLU D 496 -37.23 -2.29 -48.52
N LYS D 497 -38.57 -2.28 -48.57
CA LYS D 497 -39.39 -1.24 -47.94
C LYS D 497 -39.22 -1.26 -46.41
N ALA D 498 -39.21 -2.46 -45.84
CA ALA D 498 -39.14 -2.65 -44.38
C ALA D 498 -37.83 -2.13 -43.79
N ASP D 499 -36.76 -2.12 -44.59
CA ASP D 499 -35.46 -1.62 -44.16
C ASP D 499 -35.47 -0.10 -44.04
N THR D 500 -35.86 0.57 -45.12
CA THR D 500 -35.91 2.03 -45.14
C THR D 500 -36.95 2.57 -44.14
N GLU D 501 -38.06 1.86 -44.01
CA GLU D 501 -39.10 2.20 -43.02
C GLU D 501 -38.55 2.11 -41.60
N PHE D 502 -37.70 1.12 -41.36
CA PHE D 502 -37.03 0.94 -40.07
C PHE D 502 -35.99 2.03 -39.81
N PHE D 503 -35.21 2.38 -40.83
CA PHE D 503 -34.15 3.38 -40.68
C PHE D 503 -34.70 4.76 -40.34
N GLN D 504 -35.83 5.13 -40.93
CA GLN D 504 -36.51 6.38 -40.60
C GLN D 504 -37.00 6.40 -39.16
N GLU D 505 -37.58 5.29 -38.72
CA GLU D 505 -37.99 5.14 -37.31
C GLU D 505 -36.80 5.23 -36.38
N PHE D 506 -35.66 4.68 -36.81
CA PHE D 506 -34.43 4.73 -36.03
C PHE D 506 -33.91 6.15 -35.97
N ALA D 507 -33.84 6.81 -37.13
CA ALA D 507 -33.35 8.19 -37.23
C ALA D 507 -34.39 9.16 -36.67
N SER D 508 -34.54 9.15 -35.34
CA SER D 508 -35.57 9.94 -34.66
C SER D 508 -35.17 11.41 -34.56
N GLY D 509 -33.89 11.69 -34.76
CA GLY D 509 -33.39 13.05 -34.83
C GLY D 509 -32.77 13.50 -33.52
N THR D 510 -33.05 14.75 -33.15
CA THR D 510 -32.41 15.40 -32.00
C THR D 510 -33.14 15.08 -30.71
N CYS D 511 -32.38 14.66 -29.70
CA CYS D 511 -32.93 14.45 -28.36
C CYS D 511 -33.04 15.82 -27.65
N PRO D 512 -34.26 16.20 -27.21
CA PRO D 512 -34.49 17.54 -26.66
C PRO D 512 -33.58 17.97 -25.51
N ILE D 513 -33.48 17.18 -24.45
CA ILE D 513 -32.75 17.62 -23.26
C ILE D 513 -31.24 17.76 -23.52
N PRO D 514 -30.60 16.71 -24.06
CA PRO D 514 -29.17 16.81 -24.35
C PRO D 514 -28.83 17.96 -25.29
N TRP D 515 -29.72 18.25 -26.23
CA TRP D 515 -29.54 19.38 -27.13
C TRP D 515 -29.57 20.70 -26.39
N GLN D 516 -30.56 20.87 -25.52
CA GLN D 516 -30.69 22.09 -24.73
C GLN D 516 -29.48 22.27 -23.80
N GLU D 517 -29.04 21.18 -23.19
CA GLU D 517 -27.81 21.20 -22.40
C GLU D 517 -26.63 21.71 -23.23
N GLU D 518 -26.52 21.21 -24.47
CA GLU D 518 -25.45 21.64 -25.38
C GLU D 518 -25.53 23.14 -25.68
N MET D 519 -26.71 23.63 -26.01
CA MET D 519 -26.89 25.05 -26.33
C MET D 519 -26.45 25.96 -25.18
N ILE D 520 -26.74 25.53 -23.95
CA ILE D 520 -26.38 26.29 -22.77
C ILE D 520 -24.89 26.17 -22.44
N GLU D 521 -24.39 24.93 -22.38
CA GLU D 521 -22.97 24.65 -22.09
C GLU D 521 -22.03 25.45 -22.96
N THR D 522 -22.35 25.55 -24.25
CA THR D 522 -21.48 26.18 -25.23
C THR D 522 -21.72 27.69 -25.37
N GLY D 523 -22.66 28.23 -24.61
CA GLY D 523 -22.96 29.65 -24.64
C GLY D 523 -23.76 30.13 -25.84
N VAL D 524 -24.22 29.20 -26.67
CA VAL D 524 -25.03 29.57 -27.83
C VAL D 524 -26.39 30.08 -27.35
N PHE D 525 -26.91 29.50 -26.27
CA PHE D 525 -28.14 29.99 -25.67
C PHE D 525 -27.97 31.44 -25.21
N GLY D 526 -26.96 31.69 -24.39
CA GLY D 526 -26.67 33.04 -23.91
C GLY D 526 -26.49 34.04 -25.04
N ASP D 527 -25.78 33.63 -26.09
CA ASP D 527 -25.48 34.49 -27.23
C ASP D 527 -26.72 34.88 -28.05
N LEU D 528 -27.54 33.88 -28.40
CA LEU D 528 -28.73 34.12 -29.24
C LEU D 528 -29.93 34.66 -28.44
N ASN D 529 -29.96 34.39 -27.15
CA ASN D 529 -31.10 34.76 -26.31
C ASN D 529 -30.95 36.15 -25.67
N VAL D 530 -30.55 37.13 -26.48
CA VAL D 530 -30.32 38.49 -26.01
C VAL D 530 -31.55 39.36 -26.25
N TRP D 531 -31.57 40.53 -25.61
CA TRP D 531 -32.68 41.48 -25.70
C TRP D 531 -32.21 42.93 -25.94
NAA ANW E . -4.94 -7.27 31.40
NAB ANW E . -7.33 -7.47 31.78
CAC ANW E . 2.69 -9.15 28.51
CAD ANW E . 2.52 -8.88 30.01
CAE ANW E . 3.64 -7.97 30.53
CAF ANW E . 1.18 -8.32 30.28
CAG ANW E . 0.11 -9.21 30.36
CAH ANW E . -1.17 -8.75 30.62
CAI ANW E . -1.39 -7.39 30.81
CAJ ANW E . -0.33 -6.48 30.74
CAK ANW E . 0.95 -6.94 30.47
CAL ANW E . -3.71 -7.77 31.15
CAM ANW E . -6.01 -8.08 31.49
CAN ANW E . -5.88 -9.45 31.31
CAO ANW E . -4.63 -10.00 31.05
CAP ANW E . -3.53 -9.14 30.96
CAQ ANW E . -2.26 -9.63 30.70
CAR ANW E . -7.09 -10.34 31.42
OAS ANW E . -2.65 -6.92 31.07
OAT ANW E . -2.09 -10.86 30.53
OAU ANW E . -8.21 -9.79 31.45
OAV ANW E . -6.95 -11.60 31.50
CL CL F . -31.00 24.15 39.71
NAA ANW G . 18.53 -1.89 -26.92
NAB ANW G . 19.62 -0.57 -28.66
CAC ANW G . 15.32 -8.35 -22.73
CAD ANW G . 16.30 -7.47 -21.97
CAE ANW G . 17.55 -8.24 -21.56
CAF ANW G . 16.63 -6.31 -22.85
CAG ANW G . 17.62 -6.37 -23.82
CAH ANW G . 17.89 -5.27 -24.63
CAI ANW G . 17.15 -4.10 -24.44
CAJ ANW G . 16.16 -4.04 -23.47
CAK ANW G . 15.89 -5.14 -22.67
CAL ANW G . 18.34 -3.00 -26.18
CAM ANW G . 19.47 -1.84 -27.89
CAN ANW G . 20.27 -2.95 -28.15
CAO ANW G . 20.09 -4.12 -27.40
CAP ANW G . 19.11 -4.14 -26.40
CAQ ANW G . 18.88 -5.28 -25.61
CAR ANW G . 21.31 -2.91 -29.24
OAS ANW G . 17.38 -2.99 -25.21
OAT ANW G . 19.56 -6.33 -25.81
OAU ANW G . 21.31 -1.96 -30.06
OAV ANW G . 22.14 -3.85 -29.34
CL CL H . 9.28 38.64 -32.31
NAA ANW I . 30.61 -16.02 25.54
NAB ANW I . 31.19 -14.42 23.75
CAC ANW I . 29.65 -22.60 31.24
CAD ANW I . 30.62 -22.37 30.07
CAE ANW I . 30.51 -23.51 29.06
CAF ANW I . 30.40 -21.07 29.38
CAG ANW I . 31.22 -20.79 28.29
CAH ANW I . 31.07 -19.59 27.58
CAI ANW I . 30.11 -18.66 27.97
CAJ ANW I . 29.28 -18.93 29.06
CAK ANW I . 29.43 -20.14 29.76
CAL ANW I . 30.76 -17.19 26.21
CAM ANW I . 31.38 -15.70 24.47
CAN ANW I . 32.36 -16.59 24.04
CAO ANW I . 32.54 -17.79 24.71
CAP ANW I . 31.74 -18.09 25.80
CAQ ANW I . 31.90 -19.31 26.49
CAR ANW I . 33.23 -16.26 22.87
OAS ANW I . 29.96 -17.48 27.28
OAT ANW I . 32.78 -20.13 26.13
OAU ANW I . 33.04 -15.20 22.24
OAV ANW I . 34.14 -17.08 22.55
CL CL J . 19.98 24.83 21.12
NAA ANW K . -17.72 7.21 -25.91
NAB ANW K . -20.14 6.96 -25.75
CAC ANW K . -9.50 5.55 -25.31
CAD ANW K . -10.10 5.72 -26.70
CAE ANW K . -10.00 4.47 -27.58
CAF ANW K . -11.51 6.17 -26.54
CAG ANW K . -12.59 5.28 -26.56
CAH ANW K . -13.89 5.74 -26.40
CAI ANW K . -14.12 7.10 -26.20
CAJ ANW K . -13.05 7.99 -26.17
CAK ANW K . -11.75 7.53 -26.33
CAL ANW K . -16.47 6.72 -26.08
CAM ANW K . -18.80 6.38 -25.94
CAN ANW K . -18.64 5.01 -26.14
CAO ANW K . -17.36 4.50 -26.30
CAP ANW K . -16.27 5.36 -26.28
CAQ ANW K . -14.99 4.88 -26.44
CAR ANW K . -19.82 4.06 -26.16
OAS ANW K . -15.40 7.58 -26.05
OAT ANW K . -14.81 3.65 -26.62
OAU ANW K . -20.94 4.46 -25.81
OAV ANW K . -19.64 2.87 -26.53
CL CL L . -43.93 39.32 -21.29
#